data_3FF5
# 
_entry.id   3FF5 
# 
_audit_conform.dict_name       mmcif_pdbx.dic 
_audit_conform.dict_version    5.383 
_audit_conform.dict_location   http://mmcif.pdb.org/dictionaries/ascii/mmcif_pdbx.dic 
# 
loop_
_database_2.database_id 
_database_2.database_code 
_database_2.pdbx_database_accession 
_database_2.pdbx_DOI 
PDB   3FF5         pdb_00003ff5 10.2210/pdb3ff5/pdb 
RCSB  RCSB050513   ?            ?                   
WWPDB D_1000050513 ?            ?                   
# 
loop_
_pdbx_audit_revision_history.ordinal 
_pdbx_audit_revision_history.data_content_type 
_pdbx_audit_revision_history.major_revision 
_pdbx_audit_revision_history.minor_revision 
_pdbx_audit_revision_history.revision_date 
1 'Structure model' 1 0 2008-12-30 
2 'Structure model' 1 1 2011-07-13 
3 'Structure model' 1 2 2012-05-02 
4 'Structure model' 1 3 2023-12-27 
# 
_pdbx_audit_revision_details.ordinal             1 
_pdbx_audit_revision_details.revision_ordinal    1 
_pdbx_audit_revision_details.data_content_type   'Structure model' 
_pdbx_audit_revision_details.provider            repository 
_pdbx_audit_revision_details.type                'Initial release' 
_pdbx_audit_revision_details.description         ? 
_pdbx_audit_revision_details.details             ? 
# 
loop_
_pdbx_audit_revision_group.ordinal 
_pdbx_audit_revision_group.revision_ordinal 
_pdbx_audit_revision_group.data_content_type 
_pdbx_audit_revision_group.group 
1 2 'Structure model' 'Version format compliance' 
2 3 'Structure model' 'Database references'       
3 4 'Structure model' 'Data collection'           
4 4 'Structure model' 'Database references'       
5 4 'Structure model' 'Derived calculations'      
# 
loop_
_pdbx_audit_revision_category.ordinal 
_pdbx_audit_revision_category.revision_ordinal 
_pdbx_audit_revision_category.data_content_type 
_pdbx_audit_revision_category.category 
1 4 'Structure model' chem_comp_atom     
2 4 'Structure model' chem_comp_bond     
3 4 'Structure model' database_2         
4 4 'Structure model' struct_ref_seq_dif 
5 4 'Structure model' struct_site        
# 
loop_
_pdbx_audit_revision_item.ordinal 
_pdbx_audit_revision_item.revision_ordinal 
_pdbx_audit_revision_item.data_content_type 
_pdbx_audit_revision_item.item 
1 4 'Structure model' '_database_2.pdbx_DOI'                
2 4 'Structure model' '_database_2.pdbx_database_accession' 
3 4 'Structure model' '_struct_ref_seq_dif.details'         
4 4 'Structure model' '_struct_site.pdbx_auth_asym_id'      
5 4 'Structure model' '_struct_site.pdbx_auth_comp_id'      
6 4 'Structure model' '_struct_site.pdbx_auth_seq_id'       
# 
_pdbx_database_status.status_code                     REL 
_pdbx_database_status.entry_id                        3FF5 
_pdbx_database_status.recvd_initial_deposition_date   2008-12-01 
_pdbx_database_status.deposit_site                    RCSB 
_pdbx_database_status.process_site                    PDBJ 
_pdbx_database_status.status_code_sf                  REL 
_pdbx_database_status.status_code_mr                  ? 
_pdbx_database_status.SG_entry                        ? 
_pdbx_database_status.status_code_cs                  ? 
_pdbx_database_status.pdb_format_compatible           Y 
_pdbx_database_status.status_code_nmr_data            ? 
_pdbx_database_status.methods_development_category    ? 
# 
loop_
_audit_author.name 
_audit_author.pdbx_ordinal 
'Su, J.-R.'  1 
'Takeda, K.' 2 
'Tamura, S.' 3 
'Fujiki, Y.' 4 
'Miki, K.'   5 
# 
_citation.id                        primary 
_citation.title                     
'Crystal structure of the conserved N-terminal domain of the peroxisomal matrix protein import receptor, Pex14p' 
_citation.journal_abbrev            Proc.Natl.Acad.Sci.USA 
_citation.journal_volume            106 
_citation.page_first                417 
_citation.page_last                 421 
_citation.year                      2009 
_citation.journal_id_ASTM           PNASA6 
_citation.country                   US 
_citation.journal_id_ISSN           0027-8424 
_citation.journal_id_CSD            0040 
_citation.book_publisher            ? 
_citation.pdbx_database_id_PubMed   19122147 
_citation.pdbx_database_id_DOI      10.1073/pnas.0808681106 
# 
loop_
_citation_author.citation_id 
_citation_author.name 
_citation_author.ordinal 
_citation_author.identifier_ORCID 
primary 'Su, J.R.'   1 ? 
primary 'Takeda, K.' 2 ? 
primary 'Tamura, S.' 3 ? 
primary 'Fujiki, Y.' 4 ? 
primary 'Miki, K.'   5 ? 
# 
loop_
_entity.id 
_entity.type 
_entity.src_method 
_entity.pdbx_description 
_entity.formula_weight 
_entity.pdbx_number_of_molecules 
_entity.pdbx_ec 
_entity.pdbx_mutation 
_entity.pdbx_fragment 
_entity.details 
1 polymer     man 'Peroxisomal biogenesis factor 14'          6065.954 2   ? ? 'Conserved N-terminal domain, UNP residues 25-70' ? 
2 non-polymer syn 'decyl 2-trimethylazaniumylethyl phosphate' 323.409  1   ? ? ?                                                 ? 
3 water       nat water                                       18.015   101 ? ? ?                                                 ? 
# 
_entity_name_com.entity_id   1 
_entity_name_com.name        Pex14p 
# 
_entity_poly.entity_id                      1 
_entity_poly.type                           'polypeptide(L)' 
_entity_poly.nstd_linkage                   no 
_entity_poly.nstd_monomer                   no 
_entity_poly.pdbx_seq_one_letter_code       GPLGSPEFREPLIATAVKFLQNSRVRQSPLATRRAFLKKKGLTDEEIDLAFQQS 
_entity_poly.pdbx_seq_one_letter_code_can   GPLGSPEFREPLIATAVKFLQNSRVRQSPLATRRAFLKKKGLTDEEIDLAFQQS 
_entity_poly.pdbx_strand_id                 A,B 
_entity_poly.pdbx_target_identifier         ? 
# 
loop_
_pdbx_entity_nonpoly.entity_id 
_pdbx_entity_nonpoly.name 
_pdbx_entity_nonpoly.comp_id 
2 'decyl 2-trimethylazaniumylethyl phosphate' DPW 
3 water                                       HOH 
# 
loop_
_entity_poly_seq.entity_id 
_entity_poly_seq.num 
_entity_poly_seq.mon_id 
_entity_poly_seq.hetero 
1 1  GLY n 
1 2  PRO n 
1 3  LEU n 
1 4  GLY n 
1 5  SER n 
1 6  PRO n 
1 7  GLU n 
1 8  PHE n 
1 9  ARG n 
1 10 GLU n 
1 11 PRO n 
1 12 LEU n 
1 13 ILE n 
1 14 ALA n 
1 15 THR n 
1 16 ALA n 
1 17 VAL n 
1 18 LYS n 
1 19 PHE n 
1 20 LEU n 
1 21 GLN n 
1 22 ASN n 
1 23 SER n 
1 24 ARG n 
1 25 VAL n 
1 26 ARG n 
1 27 GLN n 
1 28 SER n 
1 29 PRO n 
1 30 LEU n 
1 31 ALA n 
1 32 THR n 
1 33 ARG n 
1 34 ARG n 
1 35 ALA n 
1 36 PHE n 
1 37 LEU n 
1 38 LYS n 
1 39 LYS n 
1 40 LYS n 
1 41 GLY n 
1 42 LEU n 
1 43 THR n 
1 44 ASP n 
1 45 GLU n 
1 46 GLU n 
1 47 ILE n 
1 48 ASP n 
1 49 LEU n 
1 50 ALA n 
1 51 PHE n 
1 52 GLN n 
1 53 GLN n 
1 54 SER n 
# 
_entity_src_gen.entity_id                          1 
_entity_src_gen.pdbx_src_id                        1 
_entity_src_gen.pdbx_alt_source_flag               sample 
_entity_src_gen.pdbx_seq_type                      ? 
_entity_src_gen.pdbx_beg_seq_num                   ? 
_entity_src_gen.pdbx_end_seq_num                   ? 
_entity_src_gen.gene_src_common_name               Rat 
_entity_src_gen.gene_src_genus                     ? 
_entity_src_gen.pdbx_gene_src_gene                 Pex14 
_entity_src_gen.gene_src_species                   ? 
_entity_src_gen.gene_src_strain                    ? 
_entity_src_gen.gene_src_tissue                    ? 
_entity_src_gen.gene_src_tissue_fraction           ? 
_entity_src_gen.gene_src_details                   ? 
_entity_src_gen.pdbx_gene_src_fragment             ? 
_entity_src_gen.pdbx_gene_src_scientific_name      'Rattus norvegicus' 
_entity_src_gen.pdbx_gene_src_ncbi_taxonomy_id     10116 
_entity_src_gen.pdbx_gene_src_variant              ? 
_entity_src_gen.pdbx_gene_src_cell_line            ? 
_entity_src_gen.pdbx_gene_src_atcc                 ? 
_entity_src_gen.pdbx_gene_src_organ                ? 
_entity_src_gen.pdbx_gene_src_organelle            ? 
_entity_src_gen.pdbx_gene_src_cell                 ? 
_entity_src_gen.pdbx_gene_src_cellular_location    ? 
_entity_src_gen.host_org_common_name               ? 
_entity_src_gen.pdbx_host_org_scientific_name      'Escherichia coli' 
_entity_src_gen.pdbx_host_org_ncbi_taxonomy_id     562 
_entity_src_gen.host_org_genus                     ? 
_entity_src_gen.pdbx_host_org_gene                 ? 
_entity_src_gen.pdbx_host_org_organ                ? 
_entity_src_gen.host_org_species                   ? 
_entity_src_gen.pdbx_host_org_tissue               ? 
_entity_src_gen.pdbx_host_org_tissue_fraction      ? 
_entity_src_gen.pdbx_host_org_strain               XL1-Blue 
_entity_src_gen.pdbx_host_org_variant              ? 
_entity_src_gen.pdbx_host_org_cell_line            ? 
_entity_src_gen.pdbx_host_org_atcc                 ? 
_entity_src_gen.pdbx_host_org_culture_collection   ? 
_entity_src_gen.pdbx_host_org_cell                 ? 
_entity_src_gen.pdbx_host_org_organelle            ? 
_entity_src_gen.pdbx_host_org_cellular_location    ? 
_entity_src_gen.pdbx_host_org_vector_type          plasmid 
_entity_src_gen.pdbx_host_org_vector               ? 
_entity_src_gen.host_org_details                   ? 
_entity_src_gen.expression_system_id               ? 
_entity_src_gen.plasmid_name                       pGEX-6P-1 
_entity_src_gen.plasmid_details                    ? 
_entity_src_gen.pdbx_description                   ? 
# 
loop_
_chem_comp.id 
_chem_comp.type 
_chem_comp.mon_nstd_flag 
_chem_comp.name 
_chem_comp.pdbx_synonyms 
_chem_comp.formula 
_chem_comp.formula_weight 
ALA 'L-peptide linking' y ALANINE                                     ? 'C3 H7 N O2'     89.093  
ARG 'L-peptide linking' y ARGININE                                    ? 'C6 H15 N4 O2 1' 175.209 
ASN 'L-peptide linking' y ASPARAGINE                                  ? 'C4 H8 N2 O3'    132.118 
ASP 'L-peptide linking' y 'ASPARTIC ACID'                             ? 'C4 H7 N O4'     133.103 
DPW non-polymer         . 'decyl 2-trimethylazaniumylethyl phosphate' ? 'C15 H34 N O4 P' 323.409 
GLN 'L-peptide linking' y GLUTAMINE                                   ? 'C5 H10 N2 O3'   146.144 
GLU 'L-peptide linking' y 'GLUTAMIC ACID'                             ? 'C5 H9 N O4'     147.129 
GLY 'peptide linking'   y GLYCINE                                     ? 'C2 H5 N O2'     75.067  
HOH non-polymer         . WATER                                       ? 'H2 O'           18.015  
ILE 'L-peptide linking' y ISOLEUCINE                                  ? 'C6 H13 N O2'    131.173 
LEU 'L-peptide linking' y LEUCINE                                     ? 'C6 H13 N O2'    131.173 
LYS 'L-peptide linking' y LYSINE                                      ? 'C6 H15 N2 O2 1' 147.195 
PHE 'L-peptide linking' y PHENYLALANINE                               ? 'C9 H11 N O2'    165.189 
PRO 'L-peptide linking' y PROLINE                                     ? 'C5 H9 N O2'     115.130 
SER 'L-peptide linking' y SERINE                                      ? 'C3 H7 N O3'     105.093 
THR 'L-peptide linking' y THREONINE                                   ? 'C4 H9 N O3'     119.119 
VAL 'L-peptide linking' y VALINE                                      ? 'C5 H11 N O2'    117.146 
# 
loop_
_pdbx_poly_seq_scheme.asym_id 
_pdbx_poly_seq_scheme.entity_id 
_pdbx_poly_seq_scheme.seq_id 
_pdbx_poly_seq_scheme.mon_id 
_pdbx_poly_seq_scheme.ndb_seq_num 
_pdbx_poly_seq_scheme.pdb_seq_num 
_pdbx_poly_seq_scheme.auth_seq_num 
_pdbx_poly_seq_scheme.pdb_mon_id 
_pdbx_poly_seq_scheme.auth_mon_id 
_pdbx_poly_seq_scheme.pdb_strand_id 
_pdbx_poly_seq_scheme.pdb_ins_code 
_pdbx_poly_seq_scheme.hetero 
A 1 1  GLY 1  17 17 GLY GLY A . n 
A 1 2  PRO 2  18 18 PRO PRO A . n 
A 1 3  LEU 3  19 19 LEU LEU A . n 
A 1 4  GLY 4  20 20 GLY GLY A . n 
A 1 5  SER 5  21 21 SER SER A . n 
A 1 6  PRO 6  22 22 PRO PRO A . n 
A 1 7  GLU 7  23 23 GLU GLU A . n 
A 1 8  PHE 8  24 24 PHE PHE A . n 
A 1 9  ARG 9  25 25 ARG ARG A . n 
A 1 10 GLU 10 26 26 GLU GLU A . n 
A 1 11 PRO 11 27 27 PRO PRO A . n 
A 1 12 LEU 12 28 28 LEU LEU A . n 
A 1 13 ILE 13 29 29 ILE ILE A . n 
A 1 14 ALA 14 30 30 ALA ALA A . n 
A 1 15 THR 15 31 31 THR THR A . n 
A 1 16 ALA 16 32 32 ALA ALA A . n 
A 1 17 VAL 17 33 33 VAL VAL A . n 
A 1 18 LYS 18 34 34 LYS LYS A . n 
A 1 19 PHE 19 35 35 PHE PHE A . n 
A 1 20 LEU 20 36 36 LEU LEU A . n 
A 1 21 GLN 21 37 37 GLN GLN A . n 
A 1 22 ASN 22 38 38 ASN ASN A . n 
A 1 23 SER 23 39 39 SER SER A . n 
A 1 24 ARG 24 40 40 ARG ARG A . n 
A 1 25 VAL 25 41 41 VAL VAL A . n 
A 1 26 ARG 26 42 42 ARG ARG A . n 
A 1 27 GLN 27 43 43 GLN GLN A . n 
A 1 28 SER 28 44 44 SER SER A . n 
A 1 29 PRO 29 45 45 PRO PRO A . n 
A 1 30 LEU 30 46 46 LEU LEU A . n 
A 1 31 ALA 31 47 47 ALA ALA A . n 
A 1 32 THR 32 48 48 THR THR A . n 
A 1 33 ARG 33 49 49 ARG ARG A . n 
A 1 34 ARG 34 50 50 ARG ARG A . n 
A 1 35 ALA 35 51 51 ALA ALA A . n 
A 1 36 PHE 36 52 52 PHE PHE A . n 
A 1 37 LEU 37 53 53 LEU LEU A . n 
A 1 38 LYS 38 54 54 LYS LYS A . n 
A 1 39 LYS 39 55 55 LYS LYS A . n 
A 1 40 LYS 40 56 56 LYS LYS A . n 
A 1 41 GLY 41 57 57 GLY GLY A . n 
A 1 42 LEU 42 58 58 LEU LEU A . n 
A 1 43 THR 43 59 59 THR THR A . n 
A 1 44 ASP 44 60 60 ASP ASP A . n 
A 1 45 GLU 45 61 61 GLU GLU A . n 
A 1 46 GLU 46 62 62 GLU GLU A . n 
A 1 47 ILE 47 63 63 ILE ILE A . n 
A 1 48 ASP 48 64 64 ASP ASP A . n 
A 1 49 LEU 49 65 65 LEU LEU A . n 
A 1 50 ALA 50 66 66 ALA ALA A . n 
A 1 51 PHE 51 67 67 PHE PHE A . n 
A 1 52 GLN 52 68 68 GLN GLN A . n 
A 1 53 GLN 53 69 69 GLN GLN A . n 
A 1 54 SER 54 70 70 SER SER A . n 
B 1 1  GLY 1  17 17 GLY GLY B . n 
B 1 2  PRO 2  18 18 PRO PRO B . n 
B 1 3  LEU 3  19 19 LEU LEU B . n 
B 1 4  GLY 4  20 20 GLY GLY B . n 
B 1 5  SER 5  21 21 SER SER B . n 
B 1 6  PRO 6  22 22 PRO PRO B . n 
B 1 7  GLU 7  23 23 GLU GLU B . n 
B 1 8  PHE 8  24 24 PHE PHE B . n 
B 1 9  ARG 9  25 25 ARG ARG B . n 
B 1 10 GLU 10 26 26 GLU GLU B . n 
B 1 11 PRO 11 27 27 PRO PRO B . n 
B 1 12 LEU 12 28 28 LEU LEU B . n 
B 1 13 ILE 13 29 29 ILE ILE B . n 
B 1 14 ALA 14 30 30 ALA ALA B . n 
B 1 15 THR 15 31 31 THR THR B . n 
B 1 16 ALA 16 32 32 ALA ALA B . n 
B 1 17 VAL 17 33 33 VAL VAL B . n 
B 1 18 LYS 18 34 34 LYS LYS B . n 
B 1 19 PHE 19 35 35 PHE PHE B . n 
B 1 20 LEU 20 36 36 LEU LEU B . n 
B 1 21 GLN 21 37 37 GLN GLN B . n 
B 1 22 ASN 22 38 38 ASN ASN B . n 
B 1 23 SER 23 39 39 SER SER B . n 
B 1 24 ARG 24 40 40 ARG ARG B . n 
B 1 25 VAL 25 41 41 VAL VAL B . n 
B 1 26 ARG 26 42 42 ARG ARG B . n 
B 1 27 GLN 27 43 43 GLN GLN B . n 
B 1 28 SER 28 44 44 SER SER B . n 
B 1 29 PRO 29 45 45 PRO PRO B . n 
B 1 30 LEU 30 46 46 LEU LEU B . n 
B 1 31 ALA 31 47 47 ALA ALA B . n 
B 1 32 THR 32 48 48 THR THR B . n 
B 1 33 ARG 33 49 49 ARG ARG B . n 
B 1 34 ARG 34 50 50 ARG ARG B . n 
B 1 35 ALA 35 51 51 ALA ALA B . n 
B 1 36 PHE 36 52 52 PHE PHE B . n 
B 1 37 LEU 37 53 53 LEU LEU B . n 
B 1 38 LYS 38 54 54 LYS LYS B . n 
B 1 39 LYS 39 55 55 LYS LYS B . n 
B 1 40 LYS 40 56 56 LYS LYS B . n 
B 1 41 GLY 41 57 57 GLY GLY B . n 
B 1 42 LEU 42 58 58 LEU LEU B . n 
B 1 43 THR 43 59 59 THR THR B . n 
B 1 44 ASP 44 60 60 ASP ASP B . n 
B 1 45 GLU 45 61 61 GLU GLU B . n 
B 1 46 GLU 46 62 62 GLU GLU B . n 
B 1 47 ILE 47 63 63 ILE ILE B . n 
B 1 48 ASP 48 64 64 ASP ASP B . n 
B 1 49 LEU 49 65 65 LEU LEU B . n 
B 1 50 ALA 50 66 66 ALA ALA B . n 
B 1 51 PHE 51 67 67 PHE PHE B . n 
B 1 52 GLN 52 68 68 GLN GLN B . n 
B 1 53 GLN 53 69 69 GLN GLN B . n 
B 1 54 SER 54 70 70 SER SER B . n 
# 
loop_
_pdbx_nonpoly_scheme.asym_id 
_pdbx_nonpoly_scheme.entity_id 
_pdbx_nonpoly_scheme.mon_id 
_pdbx_nonpoly_scheme.ndb_seq_num 
_pdbx_nonpoly_scheme.pdb_seq_num 
_pdbx_nonpoly_scheme.auth_seq_num 
_pdbx_nonpoly_scheme.pdb_mon_id 
_pdbx_nonpoly_scheme.auth_mon_id 
_pdbx_nonpoly_scheme.pdb_strand_id 
_pdbx_nonpoly_scheme.pdb_ins_code 
C 2 DPW 1  1   1   DPW DPC A . 
D 3 HOH 1  2   2   HOH HOH A . 
D 3 HOH 2  3   3   HOH HOH A . 
D 3 HOH 3  4   4   HOH HOH A . 
D 3 HOH 4  5   5   HOH HOH A . 
D 3 HOH 5  6   6   HOH HOH A . 
D 3 HOH 6  8   8   HOH HOH A . 
D 3 HOH 7  9   9   HOH HOH A . 
D 3 HOH 8  13  13  HOH HOH A . 
D 3 HOH 9  14  14  HOH HOH A . 
D 3 HOH 10 15  15  HOH HOH A . 
D 3 HOH 11 16  16  HOH HOH A . 
D 3 HOH 12 71  71  HOH HOH A . 
D 3 HOH 13 72  72  HOH HOH A . 
D 3 HOH 14 73  73  HOH HOH A . 
D 3 HOH 15 74  74  HOH HOH A . 
D 3 HOH 16 75  75  HOH HOH A . 
D 3 HOH 17 76  1   HOH HOH A . 
D 3 HOH 18 77  77  HOH HOH A . 
D 3 HOH 19 78  18  HOH HOH A . 
D 3 HOH 20 79  79  HOH HOH A . 
D 3 HOH 21 80  19  HOH HOH A . 
D 3 HOH 22 81  20  HOH HOH A . 
D 3 HOH 23 82  24  HOH HOH A . 
D 3 HOH 24 83  83  HOH HOH A . 
D 3 HOH 25 84  84  HOH HOH A . 
D 3 HOH 26 85  85  HOH HOH A . 
D 3 HOH 27 86  25  HOH HOH A . 
D 3 HOH 28 87  87  HOH HOH A . 
D 3 HOH 29 88  88  HOH HOH A . 
D 3 HOH 30 89  89  HOH HOH A . 
D 3 HOH 31 90  90  HOH HOH A . 
D 3 HOH 32 91  91  HOH HOH A . 
D 3 HOH 33 92  28  HOH HOH A . 
D 3 HOH 34 93  93  HOH HOH A . 
D 3 HOH 35 94  30  HOH HOH A . 
D 3 HOH 36 95  33  HOH HOH A . 
D 3 HOH 37 96  37  HOH HOH A . 
D 3 HOH 38 97  97  HOH HOH A . 
D 3 HOH 39 98  98  HOH HOH A . 
D 3 HOH 40 99  99  HOH HOH A . 
D 3 HOH 41 100 38  HOH HOH A . 
D 3 HOH 42 101 39  HOH HOH A . 
D 3 HOH 43 102 42  HOH HOH A . 
D 3 HOH 44 103 43  HOH HOH A . 
D 3 HOH 45 104 44  HOH HOH A . 
D 3 HOH 46 105 49  HOH HOH A . 
D 3 HOH 47 106 50  HOH HOH A . 
D 3 HOH 48 107 52  HOH HOH A . 
D 3 HOH 49 108 53  HOH HOH A . 
D 3 HOH 50 109 54  HOH HOH A . 
D 3 HOH 51 110 55  HOH HOH A . 
D 3 HOH 52 111 57  HOH HOH A . 
D 3 HOH 53 112 58  HOH HOH A . 
D 3 HOH 54 113 59  HOH HOH A . 
D 3 HOH 55 114 60  HOH HOH A . 
D 3 HOH 56 115 61  HOH HOH A . 
D 3 HOH 57 116 62  HOH HOH A . 
D 3 HOH 58 117 64  HOH HOH A . 
D 3 HOH 59 118 66  HOH HOH A . 
D 3 HOH 60 119 68  HOH HOH A . 
D 3 HOH 61 120 67  HOH HOH A . 
E 3 HOH 1  7   7   HOH HOH B . 
E 3 HOH 2  10  10  HOH HOH B . 
E 3 HOH 3  11  11  HOH HOH B . 
E 3 HOH 4  12  12  HOH HOH B . 
E 3 HOH 5  71  17  HOH HOH B . 
E 3 HOH 6  72  21  HOH HOH B . 
E 3 HOH 7  73  22  HOH HOH B . 
E 3 HOH 8  74  23  HOH HOH B . 
E 3 HOH 9  75  26  HOH HOH B . 
E 3 HOH 10 76  76  HOH HOH B . 
E 3 HOH 11 77  27  HOH HOH B . 
E 3 HOH 12 78  78  HOH HOH B . 
E 3 HOH 13 79  29  HOH HOH B . 
E 3 HOH 14 80  80  HOH HOH B . 
E 3 HOH 15 81  81  HOH HOH B . 
E 3 HOH 16 82  82  HOH HOH B . 
E 3 HOH 17 83  31  HOH HOH B . 
E 3 HOH 18 84  32  HOH HOH B . 
E 3 HOH 19 85  34  HOH HOH B . 
E 3 HOH 20 86  86  HOH HOH B . 
E 3 HOH 21 87  35  HOH HOH B . 
E 3 HOH 22 88  36  HOH HOH B . 
E 3 HOH 23 89  40  HOH HOH B . 
E 3 HOH 24 90  41  HOH HOH B . 
E 3 HOH 25 91  45  HOH HOH B . 
E 3 HOH 26 92  92  HOH HOH B . 
E 3 HOH 27 93  46  HOH HOH B . 
E 3 HOH 28 94  94  HOH HOH B . 
E 3 HOH 29 95  95  HOH HOH B . 
E 3 HOH 30 96  96  HOH HOH B . 
E 3 HOH 31 97  47  HOH HOH B . 
E 3 HOH 32 98  48  HOH HOH B . 
E 3 HOH 33 99  51  HOH HOH B . 
E 3 HOH 34 100 100 HOH HOH B . 
E 3 HOH 35 101 101 HOH HOH B . 
E 3 HOH 36 102 56  HOH HOH B . 
E 3 HOH 37 103 63  HOH HOH B . 
E 3 HOH 38 104 65  HOH HOH B . 
E 3 HOH 39 106 69  HOH HOH B . 
E 3 HOH 40 107 70  HOH HOH B . 
# 
loop_
_software.name 
_software.classification 
_software.version 
_software.citation_id 
_software.pdbx_ordinal 
SOLVE    phasing          .        ? 1 
REFMAC   refinement       5.2.0019 ? 2 
HKL-2000 'data reduction' .        ? 3 
HKL-2000 'data scaling'   .        ? 4 
# 
_cell.entry_id           3FF5 
_cell.length_a           90.570 
_cell.length_b           90.570 
_cell.length_c           90.570 
_cell.angle_alpha        90.00 
_cell.angle_beta         90.00 
_cell.angle_gamma        90.00 
_cell.Z_PDB              48 
_cell.pdbx_unique_axis   ? 
_cell.length_a_esd       ? 
_cell.length_b_esd       ? 
_cell.length_c_esd       ? 
_cell.angle_alpha_esd    ? 
_cell.angle_beta_esd     ? 
_cell.angle_gamma_esd    ? 
# 
_symmetry.entry_id                         3FF5 
_symmetry.space_group_name_H-M             'I 2 3' 
_symmetry.pdbx_full_space_group_name_H-M   ? 
_symmetry.cell_setting                     ? 
_symmetry.Int_Tables_number                197 
_symmetry.space_group_name_Hall            ? 
# 
_exptl.entry_id          3FF5 
_exptl.method            'X-RAY DIFFRACTION' 
_exptl.crystals_number   1 
# 
_exptl_crystal.id                    1 
_exptl_crystal.density_meas          ? 
_exptl_crystal.density_Matthews      2.55 
_exptl_crystal.density_percent_sol   51.79 
_exptl_crystal.description           ? 
_exptl_crystal.F_000                 ? 
_exptl_crystal.preparation           ? 
# 
_exptl_crystal_grow.crystal_id      1 
_exptl_crystal_grow.method          'VAPOR DIFFUSION, SITTING DROP' 
_exptl_crystal_grow.temp            277 
_exptl_crystal_grow.temp_details    ? 
_exptl_crystal_grow.pH              7.5 
_exptl_crystal_grow.pdbx_details    
;1.2M sodium citrate, 100mM HEPES(pH7.5), 10%(v/v) glycerol, 0.2%(w/v) n-decylphosphocholine, VAPOR DIFFUSION, SITTING DROP, temperature 277K
;
_exptl_crystal_grow.pdbx_pH_range   . 
# 
_diffrn.id                     1 
_diffrn.ambient_temp           95 
_diffrn.ambient_temp_details   ? 
_diffrn.crystal_id             1 
# 
_diffrn_detector.diffrn_id              1 
_diffrn_detector.detector               CCD 
_diffrn_detector.type                   'ADSC QUANTUM 315' 
_diffrn_detector.pdbx_collection_date   2008-04-19 
_diffrn_detector.details                mirrors 
# 
_diffrn_radiation.diffrn_id                        1 
_diffrn_radiation.wavelength_id                    1 
_diffrn_radiation.pdbx_monochromatic_or_laue_m_l   M 
_diffrn_radiation.monochromator                    mirrors 
_diffrn_radiation.pdbx_diffrn_protocol             'SINGLE WAVELENGTH' 
_diffrn_radiation.pdbx_scattering_type             x-ray 
# 
_diffrn_radiation_wavelength.id           1 
_diffrn_radiation_wavelength.wavelength   0.8 
_diffrn_radiation_wavelength.wt           1.0 
# 
_diffrn_source.diffrn_id                   1 
_diffrn_source.source                      SYNCHROTRON 
_diffrn_source.type                        'SPRING-8 BEAMLINE BL41XU' 
_diffrn_source.pdbx_synchrotron_site       SPring-8 
_diffrn_source.pdbx_synchrotron_beamline   BL41XU 
_diffrn_source.pdbx_wavelength             ? 
_diffrn_source.pdbx_wavelength_list        0.8 
# 
_reflns.entry_id                     3FF5 
_reflns.observed_criterion_sigma_I   0 
_reflns.observed_criterion_sigma_F   0 
_reflns.d_resolution_low             30 
_reflns.d_resolution_high            1.8 
_reflns.number_obs                   11491 
_reflns.number_all                   11491 
_reflns.percent_possible_obs         100 
_reflns.pdbx_Rmerge_I_obs            0.076 
_reflns.pdbx_Rsym_value              0.076 
_reflns.pdbx_netI_over_sigmaI        39.6 
_reflns.B_iso_Wilson_estimate        25.6 
_reflns.pdbx_redundancy              17.8 
_reflns.R_free_details               ? 
_reflns.limit_h_max                  ? 
_reflns.limit_h_min                  ? 
_reflns.limit_k_max                  ? 
_reflns.limit_k_min                  ? 
_reflns.limit_l_max                  ? 
_reflns.limit_l_min                  ? 
_reflns.observed_criterion_F_max     ? 
_reflns.observed_criterion_F_min     ? 
_reflns.pdbx_chi_squared             ? 
_reflns.pdbx_scaling_rejects         ? 
_reflns.pdbx_ordinal                 1 
_reflns.pdbx_diffrn_id               1 
# 
_reflns_shell.d_res_high             1.80 
_reflns_shell.d_res_low              1.91 
_reflns_shell.percent_possible_all   93.2 
_reflns_shell.Rmerge_I_obs           0.361 
_reflns_shell.pdbx_Rsym_value        0.361 
_reflns_shell.meanI_over_sigI_obs    6.3 
_reflns_shell.pdbx_redundancy        12.8 
_reflns_shell.percent_possible_obs   ? 
_reflns_shell.number_unique_all      1799 
_reflns_shell.number_measured_all    ? 
_reflns_shell.number_measured_obs    ? 
_reflns_shell.number_unique_obs      ? 
_reflns_shell.pdbx_chi_squared       ? 
_reflns_shell.pdbx_ordinal           1 
_reflns_shell.pdbx_diffrn_id         1 
# 
_refine.entry_id                                 3FF5 
_refine.ls_number_reflns_obs                     10520 
_refine.ls_number_reflns_all                     11491 
_refine.pdbx_ls_sigma_I                          0 
_refine.pdbx_ls_sigma_F                          0 
_refine.pdbx_data_cutoff_high_absF               ? 
_refine.pdbx_data_cutoff_low_absF                ? 
_refine.pdbx_data_cutoff_high_rms_absF           ? 
_refine.ls_d_res_low                             30 
_refine.ls_d_res_high                            1.80 
_refine.ls_percent_reflns_obs                    98.19 
_refine.ls_R_factor_obs                          0.18104 
_refine.ls_R_factor_all                          ? 
_refine.ls_R_factor_R_work                       0.17895 
_refine.ls_R_factor_R_free                       0.21081 
_refine.ls_R_factor_R_free_error                 ? 
_refine.ls_R_factor_R_free_error_details         ? 
_refine.ls_percent_reflns_R_free                 6.5 
_refine.ls_number_reflns_R_free                  735 
_refine.ls_number_parameters                     ? 
_refine.ls_number_restraints                     ? 
_refine.occupancy_min                            ? 
_refine.occupancy_max                            ? 
_refine.correlation_coeff_Fo_to_Fc               0.953 
_refine.correlation_coeff_Fo_to_Fc_free          0.938 
_refine.B_iso_mean                               17.296 
_refine.aniso_B[1][1]                            ? 
_refine.aniso_B[2][2]                            ? 
_refine.aniso_B[3][3]                            ? 
_refine.aniso_B[1][2]                            ? 
_refine.aniso_B[1][3]                            ? 
_refine.aniso_B[2][3]                            ? 
_refine.solvent_model_details                    MASK 
_refine.solvent_model_param_ksol                 ? 
_refine.solvent_model_param_bsol                 ? 
_refine.pdbx_solvent_vdw_probe_radii             1.20 
_refine.pdbx_solvent_ion_probe_radii             0.80 
_refine.pdbx_solvent_shrinkage_radii             0.80 
_refine.pdbx_ls_cross_valid_method               THROUGHOUT 
_refine.details                                  ? 
_refine.pdbx_starting_model                      ? 
_refine.pdbx_method_to_determine_struct          SAD 
_refine.pdbx_isotropic_thermal_model             isotropic 
_refine.pdbx_stereochemistry_target_values       'MAXIMUM LIKELIHOOD' 
_refine.pdbx_stereochem_target_val_spec_case     ? 
_refine.pdbx_R_Free_selection_details            RANDOM 
_refine.pdbx_overall_ESU_R                       0.132 
_refine.pdbx_overall_ESU_R_Free                  0.122 
_refine.overall_SU_ML                            0.078 
_refine.overall_SU_B                             2.452 
_refine.ls_redundancy_reflns_obs                 ? 
_refine.B_iso_min                                ? 
_refine.B_iso_max                                ? 
_refine.overall_SU_R_Cruickshank_DPI             ? 
_refine.overall_SU_R_free                        ? 
_refine.ls_wR_factor_R_free                      ? 
_refine.ls_wR_factor_R_work                      ? 
_refine.overall_FOM_free_R_set                   ? 
_refine.overall_FOM_work_R_set                   ? 
_refine.pdbx_refine_id                           'X-RAY DIFFRACTION' 
_refine.pdbx_overall_phase_error                 ? 
_refine.pdbx_diffrn_id                           1 
_refine.pdbx_TLS_residual_ADP_flag               ? 
_refine.pdbx_overall_SU_R_free_Cruickshank_DPI   ? 
_refine.pdbx_overall_SU_R_Blow_DPI               ? 
_refine.pdbx_overall_SU_R_free_Blow_DPI          ? 
# 
_refine_hist.pdbx_refine_id                   'X-RAY DIFFRACTION' 
_refine_hist.cycle_id                         LAST 
_refine_hist.pdbx_number_atoms_protein        856 
_refine_hist.pdbx_number_atoms_nucleic_acid   0 
_refine_hist.pdbx_number_atoms_ligand         21 
_refine_hist.number_atoms_solvent             101 
_refine_hist.number_atoms_total               978 
_refine_hist.d_res_high                       1.80 
_refine_hist.d_res_low                        30 
# 
loop_
_refine_ls_restr.type 
_refine_ls_restr.dev_ideal 
_refine_ls_restr.dev_ideal_target 
_refine_ls_restr.weight 
_refine_ls_restr.number 
_refine_ls_restr.pdbx_refine_id 
_refine_ls_restr.pdbx_restraint_function 
r_bond_refined_d             0.008  0.022  ? 930  'X-RAY DIFFRACTION' ? 
r_bond_other_d               ?      ?      ? ?    'X-RAY DIFFRACTION' ? 
r_angle_refined_deg          1.023  2.029  ? 1244 'X-RAY DIFFRACTION' ? 
r_angle_other_deg            ?      ?      ? ?    'X-RAY DIFFRACTION' ? 
r_dihedral_angle_1_deg       3.850  5.000  ? 107  'X-RAY DIFFRACTION' ? 
r_dihedral_angle_2_deg       29.726 23.023 ? 43   'X-RAY DIFFRACTION' ? 
r_dihedral_angle_3_deg       14.944 15.000 ? 188  'X-RAY DIFFRACTION' ? 
r_dihedral_angle_4_deg       14.301 15.000 ? 11   'X-RAY DIFFRACTION' ? 
r_chiral_restr               0.069  0.200  ? 133  'X-RAY DIFFRACTION' ? 
r_gen_planes_refined         0.003  0.020  ? 679  'X-RAY DIFFRACTION' ? 
r_gen_planes_other           ?      ?      ? ?    'X-RAY DIFFRACTION' ? 
r_nbd_refined                0.204  0.200  ? 525  'X-RAY DIFFRACTION' ? 
r_nbd_other                  ?      ?      ? ?    'X-RAY DIFFRACTION' ? 
r_nbtor_refined              0.299  0.200  ? 654  'X-RAY DIFFRACTION' ? 
r_nbtor_other                ?      ?      ? ?    'X-RAY DIFFRACTION' ? 
r_xyhbond_nbd_refined        0.133  0.200  ? 78   'X-RAY DIFFRACTION' ? 
r_xyhbond_nbd_other          ?      ?      ? ?    'X-RAY DIFFRACTION' ? 
r_metal_ion_refined          ?      ?      ? ?    'X-RAY DIFFRACTION' ? 
r_metal_ion_other            ?      ?      ? ?    'X-RAY DIFFRACTION' ? 
r_symmetry_vdw_refined       0.148  0.200  ? 40   'X-RAY DIFFRACTION' ? 
r_symmetry_vdw_other         ?      ?      ? ?    'X-RAY DIFFRACTION' ? 
r_symmetry_hbond_refined     0.119  0.200  ? 21   'X-RAY DIFFRACTION' ? 
r_symmetry_hbond_other       ?      ?      ? ?    'X-RAY DIFFRACTION' ? 
r_symmetry_metal_ion_refined ?      ?      ? ?    'X-RAY DIFFRACTION' ? 
r_symmetry_metal_ion_other   ?      ?      ? ?    'X-RAY DIFFRACTION' ? 
r_mcbond_it                  0.479  1.500  ? 563  'X-RAY DIFFRACTION' ? 
r_mcbond_other               ?      ?      ? ?    'X-RAY DIFFRACTION' ? 
r_mcangle_it                 0.876  2.000  ? 892  'X-RAY DIFFRACTION' ? 
r_scbond_it                  1.409  3.000  ? 387  'X-RAY DIFFRACTION' ? 
r_scangle_it                 2.414  4.500  ? 349  'X-RAY DIFFRACTION' ? 
r_rigid_bond_restr           ?      ?      ? ?    'X-RAY DIFFRACTION' ? 
r_sphericity_free            ?      ?      ? ?    'X-RAY DIFFRACTION' ? 
r_sphericity_bonded          ?      ?      ? ?    'X-RAY DIFFRACTION' ? 
# 
_refine_ls_shell.pdbx_total_number_of_bins_used   20 
_refine_ls_shell.d_res_high                       1.809 
_refine_ls_shell.d_res_low                        1.855 
_refine_ls_shell.number_reflns_R_work             771 
_refine_ls_shell.R_factor_R_work                  0.218 
_refine_ls_shell.percent_reflns_obs               100.00 
_refine_ls_shell.R_factor_R_free                  0.254 
_refine_ls_shell.R_factor_R_free_error            ? 
_refine_ls_shell.percent_reflns_R_free            ? 
_refine_ls_shell.number_reflns_R_free             58 
_refine_ls_shell.number_reflns_all                ? 
_refine_ls_shell.R_factor_all                     ? 
_refine_ls_shell.number_reflns_obs                ? 
_refine_ls_shell.redundancy_reflns_obs            ? 
_refine_ls_shell.pdbx_refine_id                   'X-RAY DIFFRACTION' 
# 
_struct.entry_id                  3FF5 
_struct.title                     
'Crystal structure of the conserved N-terminal domain of the peroxisomal matrix-protein-import receptor, Pex14p' 
_struct.pdbx_model_details        ? 
_struct.pdbx_CASP_flag            ? 
_struct.pdbx_model_type_details   ? 
# 
_struct_keywords.entry_id        3FF5 
_struct_keywords.pdbx_keywords   'PROTEIN TRANSPORT' 
_struct_keywords.text            'protein import, peroxin, 3 helices bundle, PROTEIN TRANSPORT' 
# 
loop_
_struct_asym.id 
_struct_asym.pdbx_blank_PDB_chainid_flag 
_struct_asym.pdbx_modified 
_struct_asym.entity_id 
_struct_asym.details 
A N N 1 ? 
B N N 1 ? 
C N N 2 ? 
D N N 3 ? 
E N N 3 ? 
# 
_struct_ref.id                         1 
_struct_ref.db_name                    UNP 
_struct_ref.db_code                    Q642G4_RAT 
_struct_ref.pdbx_db_accession          Q642G4 
_struct_ref.entity_id                  1 
_struct_ref.pdbx_seq_one_letter_code   REPLIATAVKFLQNSRVRQSPLATRRAFLKKKGLTDEEIDLAFQQS 
_struct_ref.pdbx_align_begin           25 
_struct_ref.pdbx_db_isoform            ? 
# 
loop_
_struct_ref_seq.align_id 
_struct_ref_seq.ref_id 
_struct_ref_seq.pdbx_PDB_id_code 
_struct_ref_seq.pdbx_strand_id 
_struct_ref_seq.seq_align_beg 
_struct_ref_seq.pdbx_seq_align_beg_ins_code 
_struct_ref_seq.seq_align_end 
_struct_ref_seq.pdbx_seq_align_end_ins_code 
_struct_ref_seq.pdbx_db_accession 
_struct_ref_seq.db_align_beg 
_struct_ref_seq.pdbx_db_align_beg_ins_code 
_struct_ref_seq.db_align_end 
_struct_ref_seq.pdbx_db_align_end_ins_code 
_struct_ref_seq.pdbx_auth_seq_align_beg 
_struct_ref_seq.pdbx_auth_seq_align_end 
1 1 3FF5 A 9 ? 54 ? Q642G4 25 ? 70 ? 25 70 
2 1 3FF5 B 9 ? 54 ? Q642G4 25 ? 70 ? 25 70 
# 
loop_
_struct_ref_seq_dif.align_id 
_struct_ref_seq_dif.pdbx_pdb_id_code 
_struct_ref_seq_dif.mon_id 
_struct_ref_seq_dif.pdbx_pdb_strand_id 
_struct_ref_seq_dif.seq_num 
_struct_ref_seq_dif.pdbx_pdb_ins_code 
_struct_ref_seq_dif.pdbx_seq_db_name 
_struct_ref_seq_dif.pdbx_seq_db_accession_code 
_struct_ref_seq_dif.db_mon_id 
_struct_ref_seq_dif.pdbx_seq_db_seq_num 
_struct_ref_seq_dif.details 
_struct_ref_seq_dif.pdbx_auth_seq_num 
_struct_ref_seq_dif.pdbx_ordinal 
1 3FF5 GLY A 1 ? UNP Q642G4 ? ? 'expression tag' 17 1  
1 3FF5 PRO A 2 ? UNP Q642G4 ? ? 'expression tag' 18 2  
1 3FF5 LEU A 3 ? UNP Q642G4 ? ? 'expression tag' 19 3  
1 3FF5 GLY A 4 ? UNP Q642G4 ? ? 'expression tag' 20 4  
1 3FF5 SER A 5 ? UNP Q642G4 ? ? 'expression tag' 21 5  
1 3FF5 PRO A 6 ? UNP Q642G4 ? ? 'expression tag' 22 6  
1 3FF5 GLU A 7 ? UNP Q642G4 ? ? 'expression tag' 23 7  
1 3FF5 PHE A 8 ? UNP Q642G4 ? ? 'expression tag' 24 8  
2 3FF5 GLY B 1 ? UNP Q642G4 ? ? 'expression tag' 17 9  
2 3FF5 PRO B 2 ? UNP Q642G4 ? ? 'expression tag' 18 10 
2 3FF5 LEU B 3 ? UNP Q642G4 ? ? 'expression tag' 19 11 
2 3FF5 GLY B 4 ? UNP Q642G4 ? ? 'expression tag' 20 12 
2 3FF5 SER B 5 ? UNP Q642G4 ? ? 'expression tag' 21 13 
2 3FF5 PRO B 6 ? UNP Q642G4 ? ? 'expression tag' 22 14 
2 3FF5 GLU B 7 ? UNP Q642G4 ? ? 'expression tag' 23 15 
2 3FF5 PHE B 8 ? UNP Q642G4 ? ? 'expression tag' 24 16 
# 
_pdbx_struct_assembly.id                   1 
_pdbx_struct_assembly.details              author_and_software_defined_assembly 
_pdbx_struct_assembly.method_details       PISA 
_pdbx_struct_assembly.oligomeric_details   dimeric 
_pdbx_struct_assembly.oligomeric_count     2 
# 
loop_
_pdbx_struct_assembly_prop.biol_id 
_pdbx_struct_assembly_prop.type 
_pdbx_struct_assembly_prop.value 
_pdbx_struct_assembly_prop.details 
1 'ABSA (A^2)' 1380 ? 
1 MORE         -7.7 ? 
1 'SSA (A^2)'  6710 ? 
# 
_pdbx_struct_assembly_gen.assembly_id       1 
_pdbx_struct_assembly_gen.oper_expression   1 
_pdbx_struct_assembly_gen.asym_id_list      A,B,C,D,E 
# 
_pdbx_struct_oper_list.id                   1 
_pdbx_struct_oper_list.type                 'identity operation' 
_pdbx_struct_oper_list.name                 1_555 
_pdbx_struct_oper_list.symmetry_operation   x,y,z 
_pdbx_struct_oper_list.matrix[1][1]         1.0000000000 
_pdbx_struct_oper_list.matrix[1][2]         0.0000000000 
_pdbx_struct_oper_list.matrix[1][3]         0.0000000000 
_pdbx_struct_oper_list.vector[1]            0.0000000000 
_pdbx_struct_oper_list.matrix[2][1]         0.0000000000 
_pdbx_struct_oper_list.matrix[2][2]         1.0000000000 
_pdbx_struct_oper_list.matrix[2][3]         0.0000000000 
_pdbx_struct_oper_list.vector[2]            0.0000000000 
_pdbx_struct_oper_list.matrix[3][1]         0.0000000000 
_pdbx_struct_oper_list.matrix[3][2]         0.0000000000 
_pdbx_struct_oper_list.matrix[3][3]         1.0000000000 
_pdbx_struct_oper_list.vector[3]            0.0000000000 
# 
_struct_biol.id        1 
_struct_biol.details   ? 
# 
loop_
_struct_conf.conf_type_id 
_struct_conf.id 
_struct_conf.pdbx_PDB_helix_id 
_struct_conf.beg_label_comp_id 
_struct_conf.beg_label_asym_id 
_struct_conf.beg_label_seq_id 
_struct_conf.pdbx_beg_PDB_ins_code 
_struct_conf.end_label_comp_id 
_struct_conf.end_label_asym_id 
_struct_conf.end_label_seq_id 
_struct_conf.pdbx_end_PDB_ins_code 
_struct_conf.beg_auth_comp_id 
_struct_conf.beg_auth_asym_id 
_struct_conf.beg_auth_seq_id 
_struct_conf.end_auth_comp_id 
_struct_conf.end_auth_asym_id 
_struct_conf.end_auth_seq_id 
_struct_conf.pdbx_PDB_helix_class 
_struct_conf.details 
_struct_conf.pdbx_PDB_helix_length 
HELX_P HELX_P1 1 SER A 5  ? ASN A 22 ? SER A 21 ASN A 38 1 ? 18 
HELX_P HELX_P2 2 ARG A 24 ? SER A 28 ? ARG A 40 SER A 44 5 ? 5  
HELX_P HELX_P3 3 PRO A 29 ? LYS A 40 ? PRO A 45 LYS A 56 1 ? 12 
HELX_P HELX_P4 4 THR A 43 ? SER A 54 ? THR A 59 SER A 70 1 ? 12 
HELX_P HELX_P5 5 SER B 5  ? ASN B 22 ? SER B 21 ASN B 38 1 ? 18 
HELX_P HELX_P6 6 ARG B 24 ? SER B 28 ? ARG B 40 SER B 44 5 ? 5  
HELX_P HELX_P7 7 PRO B 29 ? LYS B 40 ? PRO B 45 LYS B 56 1 ? 12 
HELX_P HELX_P8 8 THR B 43 ? SER B 54 ? THR B 59 SER B 70 1 ? 12 
# 
_struct_conf_type.id          HELX_P 
_struct_conf_type.criteria    ? 
_struct_conf_type.reference   ? 
# 
_struct_site.id                   AC1 
_struct_site.pdbx_evidence_code   Software 
_struct_site.pdbx_auth_asym_id    A 
_struct_site.pdbx_auth_comp_id    DPW 
_struct_site.pdbx_auth_seq_id     1 
_struct_site.pdbx_auth_ins_code   ? 
_struct_site.pdbx_num_residues    8 
_struct_site.details              'BINDING SITE FOR RESIDUE DPW A 1' 
# 
loop_
_struct_site_gen.id 
_struct_site_gen.site_id 
_struct_site_gen.pdbx_num_res 
_struct_site_gen.label_comp_id 
_struct_site_gen.label_asym_id 
_struct_site_gen.label_seq_id 
_struct_site_gen.pdbx_auth_ins_code 
_struct_site_gen.auth_comp_id 
_struct_site_gen.auth_asym_id 
_struct_site_gen.auth_seq_id 
_struct_site_gen.label_atom_id 
_struct_site_gen.label_alt_id 
_struct_site_gen.symmetry 
_struct_site_gen.details 
1 AC1 8 PHE A 36 ? PHE A 52 . ? 1_555  ? 
2 AC1 8 LYS A 39 ? LYS A 55 . ? 1_555  ? 
3 AC1 8 HOH D .  ? HOH A 94 . ? 24_555 ? 
4 AC1 8 PRO B 2  ? PRO B 18 . ? 1_555  ? 
5 AC1 8 GLY B 4  ? GLY B 20 . ? 1_555  ? 
6 AC1 8 SER B 5  ? SER B 21 . ? 1_555  ? 
7 AC1 8 PHE B 36 ? PHE B 52 . ? 24_555 ? 
8 AC1 8 LYS B 39 ? LYS B 55 . ? 24_555 ? 
# 
loop_
_chem_comp_atom.comp_id 
_chem_comp_atom.atom_id 
_chem_comp_atom.type_symbol 
_chem_comp_atom.pdbx_aromatic_flag 
_chem_comp_atom.pdbx_stereo_config 
_chem_comp_atom.pdbx_ordinal 
ALA N    N N N 1   
ALA CA   C N S 2   
ALA C    C N N 3   
ALA O    O N N 4   
ALA CB   C N N 5   
ALA OXT  O N N 6   
ALA H    H N N 7   
ALA H2   H N N 8   
ALA HA   H N N 9   
ALA HB1  H N N 10  
ALA HB2  H N N 11  
ALA HB3  H N N 12  
ALA HXT  H N N 13  
ARG N    N N N 14  
ARG CA   C N S 15  
ARG C    C N N 16  
ARG O    O N N 17  
ARG CB   C N N 18  
ARG CG   C N N 19  
ARG CD   C N N 20  
ARG NE   N N N 21  
ARG CZ   C N N 22  
ARG NH1  N N N 23  
ARG NH2  N N N 24  
ARG OXT  O N N 25  
ARG H    H N N 26  
ARG H2   H N N 27  
ARG HA   H N N 28  
ARG HB2  H N N 29  
ARG HB3  H N N 30  
ARG HG2  H N N 31  
ARG HG3  H N N 32  
ARG HD2  H N N 33  
ARG HD3  H N N 34  
ARG HE   H N N 35  
ARG HH11 H N N 36  
ARG HH12 H N N 37  
ARG HH21 H N N 38  
ARG HH22 H N N 39  
ARG HXT  H N N 40  
ASN N    N N N 41  
ASN CA   C N S 42  
ASN C    C N N 43  
ASN O    O N N 44  
ASN CB   C N N 45  
ASN CG   C N N 46  
ASN OD1  O N N 47  
ASN ND2  N N N 48  
ASN OXT  O N N 49  
ASN H    H N N 50  
ASN H2   H N N 51  
ASN HA   H N N 52  
ASN HB2  H N N 53  
ASN HB3  H N N 54  
ASN HD21 H N N 55  
ASN HD22 H N N 56  
ASN HXT  H N N 57  
ASP N    N N N 58  
ASP CA   C N S 59  
ASP C    C N N 60  
ASP O    O N N 61  
ASP CB   C N N 62  
ASP CG   C N N 63  
ASP OD1  O N N 64  
ASP OD2  O N N 65  
ASP OXT  O N N 66  
ASP H    H N N 67  
ASP H2   H N N 68  
ASP HA   H N N 69  
ASP HB2  H N N 70  
ASP HB3  H N N 71  
ASP HD2  H N N 72  
ASP HXT  H N N 73  
DPW C1   C N N 74  
DPW C2   C N N 75  
DPW C3   C N N 76  
DPW C4   C N N 77  
DPW C5   C N N 78  
DPW C10  C N N 79  
DPW C11  C N N 80  
DPW C6   C N N 81  
DPW C7   C N N 82  
DPW C9   C N N 83  
DPW O3   O N N 84  
DPW P    P N N 85  
DPW O4   O N N 86  
DPW O1   O N N 87  
DPW N    N N N 88  
DPW O2   O N N 89  
DPW C8   C N N 90  
DPW C12  C N N 91  
DPW C13  C N N 92  
DPW C14  C N N 93  
DPW C15  C N N 94  
DPW H1   H N N 95  
DPW H1A  H N N 96  
DPW H1B  H N N 97  
DPW H2   H N N 98  
DPW H2A  H N N 99  
DPW H2B  H N N 100 
DPW H3   H N N 101 
DPW H3A  H N N 102 
DPW H3B  H N N 103 
DPW H4   H N N 104 
DPW H4A  H N N 105 
DPW H5   H N N 106 
DPW H5A  H N N 107 
DPW H10  H N N 108 
DPW H10A H N N 109 
DPW H11  H N N 110 
DPW H11A H N N 111 
DPW H6   H N N 112 
DPW H6A  H N N 113 
DPW H7   H N N 114 
DPW H7A  H N N 115 
DPW H9   H N N 116 
DPW H9A  H N N 117 
DPW H8   H N N 118 
DPW H8A  H N N 119 
DPW H12  H N N 120 
DPW H12A H N N 121 
DPW H13  H N N 122 
DPW H13A H N N 123 
DPW H14  H N N 124 
DPW H14A H N N 125 
DPW H15  H N N 126 
DPW H15A H N N 127 
DPW H15B H N N 128 
GLN N    N N N 129 
GLN CA   C N S 130 
GLN C    C N N 131 
GLN O    O N N 132 
GLN CB   C N N 133 
GLN CG   C N N 134 
GLN CD   C N N 135 
GLN OE1  O N N 136 
GLN NE2  N N N 137 
GLN OXT  O N N 138 
GLN H    H N N 139 
GLN H2   H N N 140 
GLN HA   H N N 141 
GLN HB2  H N N 142 
GLN HB3  H N N 143 
GLN HG2  H N N 144 
GLN HG3  H N N 145 
GLN HE21 H N N 146 
GLN HE22 H N N 147 
GLN HXT  H N N 148 
GLU N    N N N 149 
GLU CA   C N S 150 
GLU C    C N N 151 
GLU O    O N N 152 
GLU CB   C N N 153 
GLU CG   C N N 154 
GLU CD   C N N 155 
GLU OE1  O N N 156 
GLU OE2  O N N 157 
GLU OXT  O N N 158 
GLU H    H N N 159 
GLU H2   H N N 160 
GLU HA   H N N 161 
GLU HB2  H N N 162 
GLU HB3  H N N 163 
GLU HG2  H N N 164 
GLU HG3  H N N 165 
GLU HE2  H N N 166 
GLU HXT  H N N 167 
GLY N    N N N 168 
GLY CA   C N N 169 
GLY C    C N N 170 
GLY O    O N N 171 
GLY OXT  O N N 172 
GLY H    H N N 173 
GLY H2   H N N 174 
GLY HA2  H N N 175 
GLY HA3  H N N 176 
GLY HXT  H N N 177 
HOH O    O N N 178 
HOH H1   H N N 179 
HOH H2   H N N 180 
ILE N    N N N 181 
ILE CA   C N S 182 
ILE C    C N N 183 
ILE O    O N N 184 
ILE CB   C N S 185 
ILE CG1  C N N 186 
ILE CG2  C N N 187 
ILE CD1  C N N 188 
ILE OXT  O N N 189 
ILE H    H N N 190 
ILE H2   H N N 191 
ILE HA   H N N 192 
ILE HB   H N N 193 
ILE HG12 H N N 194 
ILE HG13 H N N 195 
ILE HG21 H N N 196 
ILE HG22 H N N 197 
ILE HG23 H N N 198 
ILE HD11 H N N 199 
ILE HD12 H N N 200 
ILE HD13 H N N 201 
ILE HXT  H N N 202 
LEU N    N N N 203 
LEU CA   C N S 204 
LEU C    C N N 205 
LEU O    O N N 206 
LEU CB   C N N 207 
LEU CG   C N N 208 
LEU CD1  C N N 209 
LEU CD2  C N N 210 
LEU OXT  O N N 211 
LEU H    H N N 212 
LEU H2   H N N 213 
LEU HA   H N N 214 
LEU HB2  H N N 215 
LEU HB3  H N N 216 
LEU HG   H N N 217 
LEU HD11 H N N 218 
LEU HD12 H N N 219 
LEU HD13 H N N 220 
LEU HD21 H N N 221 
LEU HD22 H N N 222 
LEU HD23 H N N 223 
LEU HXT  H N N 224 
LYS N    N N N 225 
LYS CA   C N S 226 
LYS C    C N N 227 
LYS O    O N N 228 
LYS CB   C N N 229 
LYS CG   C N N 230 
LYS CD   C N N 231 
LYS CE   C N N 232 
LYS NZ   N N N 233 
LYS OXT  O N N 234 
LYS H    H N N 235 
LYS H2   H N N 236 
LYS HA   H N N 237 
LYS HB2  H N N 238 
LYS HB3  H N N 239 
LYS HG2  H N N 240 
LYS HG3  H N N 241 
LYS HD2  H N N 242 
LYS HD3  H N N 243 
LYS HE2  H N N 244 
LYS HE3  H N N 245 
LYS HZ1  H N N 246 
LYS HZ2  H N N 247 
LYS HZ3  H N N 248 
LYS HXT  H N N 249 
PHE N    N N N 250 
PHE CA   C N S 251 
PHE C    C N N 252 
PHE O    O N N 253 
PHE CB   C N N 254 
PHE CG   C Y N 255 
PHE CD1  C Y N 256 
PHE CD2  C Y N 257 
PHE CE1  C Y N 258 
PHE CE2  C Y N 259 
PHE CZ   C Y N 260 
PHE OXT  O N N 261 
PHE H    H N N 262 
PHE H2   H N N 263 
PHE HA   H N N 264 
PHE HB2  H N N 265 
PHE HB3  H N N 266 
PHE HD1  H N N 267 
PHE HD2  H N N 268 
PHE HE1  H N N 269 
PHE HE2  H N N 270 
PHE HZ   H N N 271 
PHE HXT  H N N 272 
PRO N    N N N 273 
PRO CA   C N S 274 
PRO C    C N N 275 
PRO O    O N N 276 
PRO CB   C N N 277 
PRO CG   C N N 278 
PRO CD   C N N 279 
PRO OXT  O N N 280 
PRO H    H N N 281 
PRO HA   H N N 282 
PRO HB2  H N N 283 
PRO HB3  H N N 284 
PRO HG2  H N N 285 
PRO HG3  H N N 286 
PRO HD2  H N N 287 
PRO HD3  H N N 288 
PRO HXT  H N N 289 
SER N    N N N 290 
SER CA   C N S 291 
SER C    C N N 292 
SER O    O N N 293 
SER CB   C N N 294 
SER OG   O N N 295 
SER OXT  O N N 296 
SER H    H N N 297 
SER H2   H N N 298 
SER HA   H N N 299 
SER HB2  H N N 300 
SER HB3  H N N 301 
SER HG   H N N 302 
SER HXT  H N N 303 
THR N    N N N 304 
THR CA   C N S 305 
THR C    C N N 306 
THR O    O N N 307 
THR CB   C N R 308 
THR OG1  O N N 309 
THR CG2  C N N 310 
THR OXT  O N N 311 
THR H    H N N 312 
THR H2   H N N 313 
THR HA   H N N 314 
THR HB   H N N 315 
THR HG1  H N N 316 
THR HG21 H N N 317 
THR HG22 H N N 318 
THR HG23 H N N 319 
THR HXT  H N N 320 
VAL N    N N N 321 
VAL CA   C N S 322 
VAL C    C N N 323 
VAL O    O N N 324 
VAL CB   C N N 325 
VAL CG1  C N N 326 
VAL CG2  C N N 327 
VAL OXT  O N N 328 
VAL H    H N N 329 
VAL H2   H N N 330 
VAL HA   H N N 331 
VAL HB   H N N 332 
VAL HG11 H N N 333 
VAL HG12 H N N 334 
VAL HG13 H N N 335 
VAL HG21 H N N 336 
VAL HG22 H N N 337 
VAL HG23 H N N 338 
VAL HXT  H N N 339 
# 
loop_
_chem_comp_bond.comp_id 
_chem_comp_bond.atom_id_1 
_chem_comp_bond.atom_id_2 
_chem_comp_bond.value_order 
_chem_comp_bond.pdbx_aromatic_flag 
_chem_comp_bond.pdbx_stereo_config 
_chem_comp_bond.pdbx_ordinal 
ALA N   CA   sing N N 1   
ALA N   H    sing N N 2   
ALA N   H2   sing N N 3   
ALA CA  C    sing N N 4   
ALA CA  CB   sing N N 5   
ALA CA  HA   sing N N 6   
ALA C   O    doub N N 7   
ALA C   OXT  sing N N 8   
ALA CB  HB1  sing N N 9   
ALA CB  HB2  sing N N 10  
ALA CB  HB3  sing N N 11  
ALA OXT HXT  sing N N 12  
ARG N   CA   sing N N 13  
ARG N   H    sing N N 14  
ARG N   H2   sing N N 15  
ARG CA  C    sing N N 16  
ARG CA  CB   sing N N 17  
ARG CA  HA   sing N N 18  
ARG C   O    doub N N 19  
ARG C   OXT  sing N N 20  
ARG CB  CG   sing N N 21  
ARG CB  HB2  sing N N 22  
ARG CB  HB3  sing N N 23  
ARG CG  CD   sing N N 24  
ARG CG  HG2  sing N N 25  
ARG CG  HG3  sing N N 26  
ARG CD  NE   sing N N 27  
ARG CD  HD2  sing N N 28  
ARG CD  HD3  sing N N 29  
ARG NE  CZ   sing N N 30  
ARG NE  HE   sing N N 31  
ARG CZ  NH1  sing N N 32  
ARG CZ  NH2  doub N N 33  
ARG NH1 HH11 sing N N 34  
ARG NH1 HH12 sing N N 35  
ARG NH2 HH21 sing N N 36  
ARG NH2 HH22 sing N N 37  
ARG OXT HXT  sing N N 38  
ASN N   CA   sing N N 39  
ASN N   H    sing N N 40  
ASN N   H2   sing N N 41  
ASN CA  C    sing N N 42  
ASN CA  CB   sing N N 43  
ASN CA  HA   sing N N 44  
ASN C   O    doub N N 45  
ASN C   OXT  sing N N 46  
ASN CB  CG   sing N N 47  
ASN CB  HB2  sing N N 48  
ASN CB  HB3  sing N N 49  
ASN CG  OD1  doub N N 50  
ASN CG  ND2  sing N N 51  
ASN ND2 HD21 sing N N 52  
ASN ND2 HD22 sing N N 53  
ASN OXT HXT  sing N N 54  
ASP N   CA   sing N N 55  
ASP N   H    sing N N 56  
ASP N   H2   sing N N 57  
ASP CA  C    sing N N 58  
ASP CA  CB   sing N N 59  
ASP CA  HA   sing N N 60  
ASP C   O    doub N N 61  
ASP C   OXT  sing N N 62  
ASP CB  CG   sing N N 63  
ASP CB  HB2  sing N N 64  
ASP CB  HB3  sing N N 65  
ASP CG  OD1  doub N N 66  
ASP CG  OD2  sing N N 67  
ASP OD2 HD2  sing N N 68  
ASP OXT HXT  sing N N 69  
DPW C1  N    sing N N 70  
DPW C2  N    sing N N 71  
DPW C3  N    sing N N 72  
DPW C4  C5   sing N N 73  
DPW C4  N    sing N N 74  
DPW C5  O1   sing N N 75  
DPW C10 C11  sing N N 76  
DPW C10 C9   sing N N 77  
DPW C11 C12  sing N N 78  
DPW C6  C7   sing N N 79  
DPW C6  O2   sing N N 80  
DPW C7  C8   sing N N 81  
DPW C9  C8   sing N N 82  
DPW O3  P    doub N N 83  
DPW P   O4   sing N N 84  
DPW P   O1   sing N N 85  
DPW P   O2   sing N N 86  
DPW C12 C13  sing N N 87  
DPW C13 C14  sing N N 88  
DPW C14 C15  sing N N 89  
DPW C1  H1   sing N N 90  
DPW C1  H1A  sing N N 91  
DPW C1  H1B  sing N N 92  
DPW C2  H2   sing N N 93  
DPW C2  H2A  sing N N 94  
DPW C2  H2B  sing N N 95  
DPW C3  H3   sing N N 96  
DPW C3  H3A  sing N N 97  
DPW C3  H3B  sing N N 98  
DPW C4  H4   sing N N 99  
DPW C4  H4A  sing N N 100 
DPW C5  H5   sing N N 101 
DPW C5  H5A  sing N N 102 
DPW C10 H10  sing N N 103 
DPW C10 H10A sing N N 104 
DPW C11 H11  sing N N 105 
DPW C11 H11A sing N N 106 
DPW C6  H6   sing N N 107 
DPW C6  H6A  sing N N 108 
DPW C7  H7   sing N N 109 
DPW C7  H7A  sing N N 110 
DPW C9  H9   sing N N 111 
DPW C9  H9A  sing N N 112 
DPW C8  H8   sing N N 113 
DPW C8  H8A  sing N N 114 
DPW C12 H12  sing N N 115 
DPW C12 H12A sing N N 116 
DPW C13 H13  sing N N 117 
DPW C13 H13A sing N N 118 
DPW C14 H14  sing N N 119 
DPW C14 H14A sing N N 120 
DPW C15 H15  sing N N 121 
DPW C15 H15A sing N N 122 
DPW C15 H15B sing N N 123 
GLN N   CA   sing N N 124 
GLN N   H    sing N N 125 
GLN N   H2   sing N N 126 
GLN CA  C    sing N N 127 
GLN CA  CB   sing N N 128 
GLN CA  HA   sing N N 129 
GLN C   O    doub N N 130 
GLN C   OXT  sing N N 131 
GLN CB  CG   sing N N 132 
GLN CB  HB2  sing N N 133 
GLN CB  HB3  sing N N 134 
GLN CG  CD   sing N N 135 
GLN CG  HG2  sing N N 136 
GLN CG  HG3  sing N N 137 
GLN CD  OE1  doub N N 138 
GLN CD  NE2  sing N N 139 
GLN NE2 HE21 sing N N 140 
GLN NE2 HE22 sing N N 141 
GLN OXT HXT  sing N N 142 
GLU N   CA   sing N N 143 
GLU N   H    sing N N 144 
GLU N   H2   sing N N 145 
GLU CA  C    sing N N 146 
GLU CA  CB   sing N N 147 
GLU CA  HA   sing N N 148 
GLU C   O    doub N N 149 
GLU C   OXT  sing N N 150 
GLU CB  CG   sing N N 151 
GLU CB  HB2  sing N N 152 
GLU CB  HB3  sing N N 153 
GLU CG  CD   sing N N 154 
GLU CG  HG2  sing N N 155 
GLU CG  HG3  sing N N 156 
GLU CD  OE1  doub N N 157 
GLU CD  OE2  sing N N 158 
GLU OE2 HE2  sing N N 159 
GLU OXT HXT  sing N N 160 
GLY N   CA   sing N N 161 
GLY N   H    sing N N 162 
GLY N   H2   sing N N 163 
GLY CA  C    sing N N 164 
GLY CA  HA2  sing N N 165 
GLY CA  HA3  sing N N 166 
GLY C   O    doub N N 167 
GLY C   OXT  sing N N 168 
GLY OXT HXT  sing N N 169 
HOH O   H1   sing N N 170 
HOH O   H2   sing N N 171 
ILE N   CA   sing N N 172 
ILE N   H    sing N N 173 
ILE N   H2   sing N N 174 
ILE CA  C    sing N N 175 
ILE CA  CB   sing N N 176 
ILE CA  HA   sing N N 177 
ILE C   O    doub N N 178 
ILE C   OXT  sing N N 179 
ILE CB  CG1  sing N N 180 
ILE CB  CG2  sing N N 181 
ILE CB  HB   sing N N 182 
ILE CG1 CD1  sing N N 183 
ILE CG1 HG12 sing N N 184 
ILE CG1 HG13 sing N N 185 
ILE CG2 HG21 sing N N 186 
ILE CG2 HG22 sing N N 187 
ILE CG2 HG23 sing N N 188 
ILE CD1 HD11 sing N N 189 
ILE CD1 HD12 sing N N 190 
ILE CD1 HD13 sing N N 191 
ILE OXT HXT  sing N N 192 
LEU N   CA   sing N N 193 
LEU N   H    sing N N 194 
LEU N   H2   sing N N 195 
LEU CA  C    sing N N 196 
LEU CA  CB   sing N N 197 
LEU CA  HA   sing N N 198 
LEU C   O    doub N N 199 
LEU C   OXT  sing N N 200 
LEU CB  CG   sing N N 201 
LEU CB  HB2  sing N N 202 
LEU CB  HB3  sing N N 203 
LEU CG  CD1  sing N N 204 
LEU CG  CD2  sing N N 205 
LEU CG  HG   sing N N 206 
LEU CD1 HD11 sing N N 207 
LEU CD1 HD12 sing N N 208 
LEU CD1 HD13 sing N N 209 
LEU CD2 HD21 sing N N 210 
LEU CD2 HD22 sing N N 211 
LEU CD2 HD23 sing N N 212 
LEU OXT HXT  sing N N 213 
LYS N   CA   sing N N 214 
LYS N   H    sing N N 215 
LYS N   H2   sing N N 216 
LYS CA  C    sing N N 217 
LYS CA  CB   sing N N 218 
LYS CA  HA   sing N N 219 
LYS C   O    doub N N 220 
LYS C   OXT  sing N N 221 
LYS CB  CG   sing N N 222 
LYS CB  HB2  sing N N 223 
LYS CB  HB3  sing N N 224 
LYS CG  CD   sing N N 225 
LYS CG  HG2  sing N N 226 
LYS CG  HG3  sing N N 227 
LYS CD  CE   sing N N 228 
LYS CD  HD2  sing N N 229 
LYS CD  HD3  sing N N 230 
LYS CE  NZ   sing N N 231 
LYS CE  HE2  sing N N 232 
LYS CE  HE3  sing N N 233 
LYS NZ  HZ1  sing N N 234 
LYS NZ  HZ2  sing N N 235 
LYS NZ  HZ3  sing N N 236 
LYS OXT HXT  sing N N 237 
PHE N   CA   sing N N 238 
PHE N   H    sing N N 239 
PHE N   H2   sing N N 240 
PHE CA  C    sing N N 241 
PHE CA  CB   sing N N 242 
PHE CA  HA   sing N N 243 
PHE C   O    doub N N 244 
PHE C   OXT  sing N N 245 
PHE CB  CG   sing N N 246 
PHE CB  HB2  sing N N 247 
PHE CB  HB3  sing N N 248 
PHE CG  CD1  doub Y N 249 
PHE CG  CD2  sing Y N 250 
PHE CD1 CE1  sing Y N 251 
PHE CD1 HD1  sing N N 252 
PHE CD2 CE2  doub Y N 253 
PHE CD2 HD2  sing N N 254 
PHE CE1 CZ   doub Y N 255 
PHE CE1 HE1  sing N N 256 
PHE CE2 CZ   sing Y N 257 
PHE CE2 HE2  sing N N 258 
PHE CZ  HZ   sing N N 259 
PHE OXT HXT  sing N N 260 
PRO N   CA   sing N N 261 
PRO N   CD   sing N N 262 
PRO N   H    sing N N 263 
PRO CA  C    sing N N 264 
PRO CA  CB   sing N N 265 
PRO CA  HA   sing N N 266 
PRO C   O    doub N N 267 
PRO C   OXT  sing N N 268 
PRO CB  CG   sing N N 269 
PRO CB  HB2  sing N N 270 
PRO CB  HB3  sing N N 271 
PRO CG  CD   sing N N 272 
PRO CG  HG2  sing N N 273 
PRO CG  HG3  sing N N 274 
PRO CD  HD2  sing N N 275 
PRO CD  HD3  sing N N 276 
PRO OXT HXT  sing N N 277 
SER N   CA   sing N N 278 
SER N   H    sing N N 279 
SER N   H2   sing N N 280 
SER CA  C    sing N N 281 
SER CA  CB   sing N N 282 
SER CA  HA   sing N N 283 
SER C   O    doub N N 284 
SER C   OXT  sing N N 285 
SER CB  OG   sing N N 286 
SER CB  HB2  sing N N 287 
SER CB  HB3  sing N N 288 
SER OG  HG   sing N N 289 
SER OXT HXT  sing N N 290 
THR N   CA   sing N N 291 
THR N   H    sing N N 292 
THR N   H2   sing N N 293 
THR CA  C    sing N N 294 
THR CA  CB   sing N N 295 
THR CA  HA   sing N N 296 
THR C   O    doub N N 297 
THR C   OXT  sing N N 298 
THR CB  OG1  sing N N 299 
THR CB  CG2  sing N N 300 
THR CB  HB   sing N N 301 
THR OG1 HG1  sing N N 302 
THR CG2 HG21 sing N N 303 
THR CG2 HG22 sing N N 304 
THR CG2 HG23 sing N N 305 
THR OXT HXT  sing N N 306 
VAL N   CA   sing N N 307 
VAL N   H    sing N N 308 
VAL N   H2   sing N N 309 
VAL CA  C    sing N N 310 
VAL CA  CB   sing N N 311 
VAL CA  HA   sing N N 312 
VAL C   O    doub N N 313 
VAL C   OXT  sing N N 314 
VAL CB  CG1  sing N N 315 
VAL CB  CG2  sing N N 316 
VAL CB  HB   sing N N 317 
VAL CG1 HG11 sing N N 318 
VAL CG1 HG12 sing N N 319 
VAL CG1 HG13 sing N N 320 
VAL CG2 HG21 sing N N 321 
VAL CG2 HG22 sing N N 322 
VAL CG2 HG23 sing N N 323 
VAL OXT HXT  sing N N 324 
# 
_atom_sites.entry_id                    3FF5 
_atom_sites.fract_transf_matrix[1][1]   0.00362264 
_atom_sites.fract_transf_matrix[1][2]   0.00989282 
_atom_sites.fract_transf_matrix[1][3]   -0.00330338 
_atom_sites.fract_transf_matrix[2][1]   0.00546490 
_atom_sites.fract_transf_matrix[2][2]   0.00117806 
_atom_sites.fract_transf_matrix[2][3]   0.00952107 
_atom_sites.fract_transf_matrix[3][1]   0.00888341 
_atom_sites.fract_transf_matrix[3][2]   -0.00475899 
_atom_sites.fract_transf_matrix[3][3]   -0.00451006 
_atom_sites.fract_transf_vector[1]      0.264868 
_atom_sites.fract_transf_vector[2]      0.194571 
_atom_sites.fract_transf_vector[3]      0.499590 
# 
loop_
_atom_type.symbol 
C 
N 
O 
P 
# 
loop_
_atom_site.group_PDB 
_atom_site.id 
_atom_site.type_symbol 
_atom_site.label_atom_id 
_atom_site.label_alt_id 
_atom_site.label_comp_id 
_atom_site.label_asym_id 
_atom_site.label_entity_id 
_atom_site.label_seq_id 
_atom_site.pdbx_PDB_ins_code 
_atom_site.Cartn_x 
_atom_site.Cartn_y 
_atom_site.Cartn_z 
_atom_site.occupancy 
_atom_site.B_iso_or_equiv 
_atom_site.pdbx_formal_charge 
_atom_site.auth_seq_id 
_atom_site.auth_comp_id 
_atom_site.auth_asym_id 
_atom_site.auth_atom_id 
_atom_site.pdbx_PDB_model_num 
ATOM   1    N N   . GLY A 1 1  ? -9.576  -2.635  -2.468  1.00 19.03 ? 17  GLY A N   1 
ATOM   2    C CA  . GLY A 1 1  ? -10.727 -3.525  -2.815  1.00 18.28 ? 17  GLY A CA  1 
ATOM   3    C C   . GLY A 1 1  ? -11.918 -3.383  -1.882  1.00 17.77 ? 17  GLY A C   1 
ATOM   4    O O   . GLY A 1 1  ? -11.847 -2.650  -0.895  1.00 18.13 ? 17  GLY A O   1 
ATOM   5    N N   . PRO A 1 2  ? -13.016 -4.104  -2.181  1.00 17.15 ? 18  PRO A N   1 
ATOM   6    C CA  . PRO A 1 2  ? -14.326 -4.034  -1.509  1.00 16.90 ? 18  PRO A CA  1 
ATOM   7    C C   . PRO A 1 2  ? -14.327 -4.345  -0.011  1.00 16.48 ? 18  PRO A C   1 
ATOM   8    O O   . PRO A 1 2  ? -15.288 -4.001  0.683   1.00 16.77 ? 18  PRO A O   1 
ATOM   9    C CB  . PRO A 1 2  ? -15.160 -5.103  -2.231  1.00 17.01 ? 18  PRO A CB  1 
ATOM   10   C CG  . PRO A 1 2  ? -14.461 -5.375  -3.496  1.00 17.49 ? 18  PRO A CG  1 
ATOM   11   C CD  . PRO A 1 2  ? -13.016 -5.080  -3.286  1.00 17.38 ? 18  PRO A CD  1 
ATOM   12   N N   . LEU A 1 3  ? -13.288 -5.012  0.479   1.00 15.52 ? 19  LEU A N   1 
ATOM   13   C CA  . LEU A 1 3  ? -13.211 -5.329  1.902   1.00 14.92 ? 19  LEU A CA  1 
ATOM   14   C C   . LEU A 1 3  ? -12.119 -4.540  2.631   1.00 14.93 ? 19  LEU A C   1 
ATOM   15   O O   . LEU A 1 3  ? -11.915 -4.721  3.835   1.00 14.59 ? 19  LEU A O   1 
ATOM   16   C CB  . LEU A 1 3  ? -13.035 -6.836  2.117   1.00 14.81 ? 19  LEU A CB  1 
ATOM   17   C CG  . LEU A 1 3  ? -14.184 -7.762  1.704   1.00 14.18 ? 19  LEU A CG  1 
ATOM   18   C CD1 . LEU A 1 3  ? -13.805 -9.206  2.010   1.00 13.92 ? 19  LEU A CD1 1 
ATOM   19   C CD2 . LEU A 1 3  ? -15.486 -7.400  2.416   1.00 12.94 ? 19  LEU A CD2 1 
ATOM   20   N N   . GLY A 1 4  ? -11.444 -3.655  1.900   1.00 14.75 ? 20  GLY A N   1 
ATOM   21   C CA  . GLY A 1 4  ? -10.377 -2.823  2.464   1.00 14.53 ? 20  GLY A CA  1 
ATOM   22   C C   . GLY A 1 4  ? -10.860 -1.524  3.086   1.00 14.28 ? 20  GLY A C   1 
ATOM   23   O O   . GLY A 1 4  ? -12.032 -1.168  2.970   1.00 14.36 ? 20  GLY A O   1 
ATOM   24   N N   . SER A 1 5  ? -9.947  -0.823  3.758   1.00 14.27 ? 21  SER A N   1 
ATOM   25   C CA  . SER A 1 5  ? -10.259 0.439   4.424   1.00 14.25 ? 21  SER A CA  1 
ATOM   26   C C   . SER A 1 5  ? -9.396  1.557   3.850   1.00 14.11 ? 21  SER A C   1 
ATOM   27   O O   . SER A 1 5  ? -8.288  1.301   3.378   1.00 13.73 ? 21  SER A O   1 
ATOM   28   C CB  . SER A 1 5  ? -10.052 0.349   5.943   1.00 14.38 ? 21  SER A CB  1 
ATOM   29   O OG  A SER A 1 5  ? -8.757  -0.105  6.268   0.50 14.21 ? 21  SER A OG  1 
ATOM   30   O OG  B SER A 1 5  ? -10.508 -0.883  6.476   0.50 15.00 ? 21  SER A OG  1 
ATOM   31   N N   . PRO A 1 6  ? -9.904  2.805   3.884   1.00 14.26 ? 22  PRO A N   1 
ATOM   32   C CA  . PRO A 1 6  ? -9.178  3.975   3.368   1.00 14.24 ? 22  PRO A CA  1 
ATOM   33   C C   . PRO A 1 6  ? -7.776  4.125   3.945   1.00 14.49 ? 22  PRO A C   1 
ATOM   34   O O   . PRO A 1 6  ? -6.857  4.523   3.227   1.00 14.59 ? 22  PRO A O   1 
ATOM   35   C CB  . PRO A 1 6  ? -10.046 5.153   3.828   1.00 14.87 ? 22  PRO A CB  1 
ATOM   36   C CG  . PRO A 1 6  ? -11.415 4.593   3.915   1.00 14.71 ? 22  PRO A CG  1 
ATOM   37   C CD  . PRO A 1 6  ? -11.244 3.171   4.391   1.00 14.41 ? 22  PRO A CD  1 
ATOM   38   N N   . GLU A 1 7  ? -7.619  3.792   5.225   1.00 14.35 ? 23  GLU A N   1 
ATOM   39   C CA  . GLU A 1 7  ? -6.341  3.906   5.933   1.00 14.81 ? 23  GLU A CA  1 
ATOM   40   C C   . GLU A 1 7  ? -5.206  3.177   5.206   1.00 14.37 ? 23  GLU A C   1 
ATOM   41   O O   . GLU A 1 7  ? -4.059  3.610   5.244   1.00 14.17 ? 23  GLU A O   1 
ATOM   42   C CB  . GLU A 1 7  ? -6.493  3.365   7.364   1.00 15.19 ? 23  GLU A CB  1 
ATOM   43   C CG  A GLU A 1 7  ? -7.177  4.347   8.324   0.70 16.86 ? 23  GLU A CG  1 
ATOM   44   C CG  B GLU A 1 7  ? -5.306  3.620   8.297   0.30 14.93 ? 23  GLU A CG  1 
ATOM   45   C CD  A GLU A 1 7  ? -8.691  4.434   8.147   0.70 18.14 ? 23  GLU A CD  1 
ATOM   46   C CD  B GLU A 1 7  ? -5.261  2.684   9.508   0.30 15.02 ? 23  GLU A CD  1 
ATOM   47   O OE1 A GLU A 1 7  ? -9.293  3.570   7.465   0.70 16.66 ? 23  GLU A OE1 1 
ATOM   48   O OE1 B GLU A 1 7  ? -6.268  2.003   9.806   0.30 14.91 ? 23  GLU A OE1 1 
ATOM   49   O OE2 A GLU A 1 7  ? -9.285  5.377   8.711   0.70 19.79 ? 23  GLU A OE2 1 
ATOM   50   O OE2 B GLU A 1 7  ? -4.202  2.633   10.171  0.30 14.56 ? 23  GLU A OE2 1 
ATOM   51   N N   . PHE A 1 8  ? -5.539  2.071   4.548   1.00 14.05 ? 24  PHE A N   1 
ATOM   52   C CA  . PHE A 1 8  ? -4.538  1.243   3.889   1.00 14.33 ? 24  PHE A CA  1 
ATOM   53   C C   . PHE A 1 8  ? -4.442  1.477   2.395   1.00 14.80 ? 24  PHE A C   1 
ATOM   54   O O   . PHE A 1 8  ? -3.533  0.962   1.740   1.00 15.76 ? 24  PHE A O   1 
ATOM   55   C CB  . PHE A 1 8  ? -4.790  -0.234  4.199   1.00 14.08 ? 24  PHE A CB  1 
ATOM   56   C CG  . PHE A 1 8  ? -4.445  -0.604  5.608   1.00 13.84 ? 24  PHE A CG  1 
ATOM   57   C CD1 . PHE A 1 8  ? -3.178  -1.095  5.916   1.00 13.65 ? 24  PHE A CD1 1 
ATOM   58   C CD2 . PHE A 1 8  ? -5.366  -0.425  6.635   1.00 13.75 ? 24  PHE A CD2 1 
ATOM   59   C CE1 . PHE A 1 8  ? -2.849  -1.422  7.224   1.00 13.92 ? 24  PHE A CE1 1 
ATOM   60   C CE2 . PHE A 1 8  ? -5.045  -0.752  7.947   1.00 13.89 ? 24  PHE A CE2 1 
ATOM   61   C CZ  . PHE A 1 8  ? -3.780  -1.252  8.238   1.00 13.66 ? 24  PHE A CZ  1 
ATOM   62   N N   . ARG A 1 9  ? -5.392  2.234   1.854   1.00 14.61 ? 25  ARG A N   1 
ATOM   63   C CA  . ARG A 1 9  ? -5.367  2.585   0.435   1.00 15.36 ? 25  ARG A CA  1 
ATOM   64   C C   . ARG A 1 9  ? -4.686  3.927   0.242   1.00 15.81 ? 25  ARG A C   1 
ATOM   65   O O   . ARG A 1 9  ? -3.976  4.134   -0.741  1.00 15.86 ? 25  ARG A O   1 
ATOM   66   C CB  A ARG A 1 9  ? -6.783  2.599   -0.138  0.50 15.25 ? 25  ARG A CB  1 
ATOM   67   C CB  B ARG A 1 9  ? -6.781  2.653   -0.154  0.50 14.77 ? 25  ARG A CB  1 
ATOM   68   C CG  A ARG A 1 9  ? -7.516  1.256   -0.012  0.50 16.04 ? 25  ARG A CG  1 
ATOM   69   C CG  B ARG A 1 9  ? -7.609  1.365   -0.056  0.50 14.10 ? 25  ARG A CG  1 
ATOM   70   C CD  A ARG A 1 9  ? -7.186  0.306   -1.156  0.50 17.93 ? 25  ARG A CD  1 
ATOM   71   C CD  B ARG A 1 9  ? -6.830  0.114   -0.443  0.50 12.48 ? 25  ARG A CD  1 
ATOM   72   N NE  A ARG A 1 9  ? -6.072  -0.600  -0.886  0.50 19.20 ? 25  ARG A NE  1 
ATOM   73   N NE  B ARG A 1 9  ? -6.381  0.099   -1.839  0.50 11.41 ? 25  ARG A NE  1 
ATOM   74   C CZ  A ARG A 1 9  ? -5.423  -1.290  -1.824  0.50 19.58 ? 25  ARG A CZ  1 
ATOM   75   C CZ  B ARG A 1 9  ? -5.705  -0.904  -2.394  0.50 11.73 ? 25  ARG A CZ  1 
ATOM   76   N NH1 A ARG A 1 9  ? -4.428  -2.097  -1.482  0.50 19.16 ? 25  ARG A NH1 1 
ATOM   77   N NH1 B ARG A 1 9  ? -5.332  -0.839  -3.664  0.50 10.22 ? 25  ARG A NH1 1 
ATOM   78   N NH2 A ARG A 1 9  ? -5.760  -1.171  -3.106  0.50 19.10 ? 25  ARG A NH2 1 
ATOM   79   N NH2 B ARG A 1 9  ? -5.401  -1.983  -1.677  0.50 11.98 ? 25  ARG A NH2 1 
ATOM   80   N N   . GLU A 1 10 ? -4.887  4.825   1.200   1.00 16.69 ? 26  GLU A N   1 
ATOM   81   C CA  . GLU A 1 10 ? -4.368  6.190   1.091   1.00 18.08 ? 26  GLU A CA  1 
ATOM   82   C C   . GLU A 1 10 ? -2.832  6.302   0.897   1.00 17.71 ? 26  GLU A C   1 
ATOM   83   O O   . GLU A 1 10 ? -2.395  7.092   0.057   1.00 17.85 ? 26  GLU A O   1 
ATOM   84   C CB  . GLU A 1 10 ? -4.924  7.088   2.212   1.00 18.24 ? 26  GLU A CB  1 
ATOM   85   C CG  . GLU A 1 10 ? -6.416  7.463   1.984   1.00 19.84 ? 26  GLU A CG  1 
ATOM   86   C CD  . GLU A 1 10 ? -7.083  8.181   3.162   1.00 20.23 ? 26  GLU A CD  1 
ATOM   87   O OE1 . GLU A 1 10 ? -6.387  8.663   4.083   1.00 22.56 ? 26  GLU A OE1 1 
ATOM   88   O OE2 . GLU A 1 10 ? -8.329  8.263   3.165   1.00 23.23 ? 26  GLU A OE2 1 
ATOM   89   N N   . PRO A 1 11 ? -2.017  5.519   1.645   1.00 17.84 ? 27  PRO A N   1 
ATOM   90   C CA  . PRO A 1 11 ? -0.578  5.498   1.339   1.00 17.64 ? 27  PRO A CA  1 
ATOM   91   C C   . PRO A 1 11 ? -0.190  5.022   -0.061  1.00 16.87 ? 27  PRO A C   1 
ATOM   92   O O   . PRO A 1 11 ? 0.813   5.493   -0.587  1.00 17.02 ? 27  PRO A O   1 
ATOM   93   C CB  . PRO A 1 11 ? 0.004   4.539   2.389   1.00 17.81 ? 27  PRO A CB  1 
ATOM   94   C CG  . PRO A 1 11 ? -1.163  3.765   2.896   1.00 18.46 ? 27  PRO A CG  1 
ATOM   95   C CD  . PRO A 1 11 ? -2.318  4.694   2.831   1.00 18.04 ? 27  PRO A CD  1 
ATOM   96   N N   . LEU A 1 12 ? -0.959  4.102   -0.649  1.00 15.79 ? 28  LEU A N   1 
ATOM   97   C CA  . LEU A 1 12 ? -0.707  3.653   -2.022  1.00 15.34 ? 28  LEU A CA  1 
ATOM   98   C C   . LEU A 1 12 ? -0.987  4.765   -3.019  1.00 14.30 ? 28  LEU A C   1 
ATOM   99   O O   . LEU A 1 12 ? -0.221  4.958   -3.958  1.00 13.97 ? 28  LEU A O   1 
ATOM   100  C CB  . LEU A 1 12 ? -1.535  2.415   -2.388  1.00 15.60 ? 28  LEU A CB  1 
ATOM   101  C CG  . LEU A 1 12 ? -1.150  1.055   -1.795  1.00 16.90 ? 28  LEU A CG  1 
ATOM   102  C CD1 . LEU A 1 12 ? -2.136  0.018   -2.286  1.00 18.43 ? 28  LEU A CD1 1 
ATOM   103  C CD2 . LEU A 1 12 ? 0.274   0.640   -2.162  1.00 17.89 ? 28  LEU A CD2 1 
ATOM   104  N N   . ILE A 1 13 ? -2.080  5.497   -2.806  1.00 13.38 ? 29  ILE A N   1 
ATOM   105  C CA  . ILE A 1 13 ? -2.406  6.651   -3.648  1.00 12.74 ? 29  ILE A CA  1 
ATOM   106  C C   . ILE A 1 13 ? -1.312  7.718   -3.535  1.00 12.61 ? 29  ILE A C   1 
ATOM   107  O O   . ILE A 1 13 ? -0.821  8.216   -4.550  1.00 12.13 ? 29  ILE A O   1 
ATOM   108  C CB  . ILE A 1 13 ? -3.799  7.252   -3.313  1.00 12.65 ? 29  ILE A CB  1 
ATOM   109  C CG1 . ILE A 1 13 ? -4.898  6.214   -3.558  1.00 12.65 ? 29  ILE A CG1 1 
ATOM   110  C CG2 . ILE A 1 13 ? -4.058  8.524   -4.144  1.00 12.35 ? 29  ILE A CG2 1 
ATOM   111  C CD1 . ILE A 1 13 ? -6.217  6.522   -2.842  1.00 14.03 ? 29  ILE A CD1 1 
ATOM   112  N N   . ALA A 1 14 ? -0.918  8.041   -2.303  1.00 12.67 ? 30  ALA A N   1 
ATOM   113  C CA  . ALA A 1 14 ? 0.115   9.045   -2.051  1.00 12.99 ? 30  ALA A CA  1 
ATOM   114  C C   . ALA A 1 14 ? 1.440   8.695   -2.723  1.00 12.95 ? 30  ALA A C   1 
ATOM   115  O O   . ALA A 1 14 ? 2.079   9.560   -3.327  1.00 12.89 ? 30  ALA A O   1 
ATOM   116  C CB  . ALA A 1 14 ? 0.316   9.242   -0.543  1.00 13.12 ? 30  ALA A CB  1 
ATOM   117  N N   . THR A 1 15 ? 1.840   7.428   -2.628  1.00 12.85 ? 31  THR A N   1 
ATOM   118  C CA  . THR A 1 15 ? 3.068   6.967   -3.270  1.00 13.01 ? 31  THR A CA  1 
ATOM   119  C C   . THR A 1 15 ? 2.924   7.052   -4.789  1.00 12.90 ? 31  THR A C   1 
ATOM   120  O O   . THR A 1 15 ? 3.851   7.489   -5.485  1.00 13.05 ? 31  THR A O   1 
ATOM   121  C CB  . THR A 1 15 ? 3.449   5.537   -2.822  1.00 13.16 ? 31  THR A CB  1 
ATOM   122  O OG1 . THR A 1 15 ? 3.606   5.515   -1.397  1.00 14.41 ? 31  THR A OG1 1 
ATOM   123  C CG2 . THR A 1 15 ? 4.760   5.096   -3.464  1.00 12.88 ? 31  THR A CG2 1 
ATOM   124  N N   . ALA A 1 16 ? 1.749   6.667   -5.291  1.00 12.45 ? 32  ALA A N   1 
ATOM   125  C CA  . ALA A 1 16 ? 1.457   6.733   -6.721  1.00 12.62 ? 32  ALA A CA  1 
ATOM   126  C C   . ALA A 1 16 ? 1.574   8.158   -7.262  1.00 12.61 ? 32  ALA A C   1 
ATOM   127  O O   . ALA A 1 16 ? 2.041   8.359   -8.373  1.00 12.80 ? 32  ALA A O   1 
ATOM   128  C CB  . ALA A 1 16 ? 0.087   6.165   -7.018  1.00 12.64 ? 32  ALA A CB  1 
ATOM   129  N N   . VAL A 1 17 ? 1.144   9.144   -6.478  1.00 12.66 ? 33  VAL A N   1 
ATOM   130  C CA  . VAL A 1 17 ? 1.304   10.544  -6.884  1.00 13.08 ? 33  VAL A CA  1 
ATOM   131  C C   . VAL A 1 17 ? 2.783   10.913  -7.041  1.00 13.50 ? 33  VAL A C   1 
ATOM   132  O O   . VAL A 1 17 ? 3.173   11.485  -8.066  1.00 13.71 ? 33  VAL A O   1 
ATOM   133  C CB  . VAL A 1 17 ? 0.566   11.509  -5.929  1.00 13.30 ? 33  VAL A CB  1 
ATOM   134  C CG1 . VAL A 1 17 ? 0.814   12.971  -6.334  1.00 13.74 ? 33  VAL A CG1 1 
ATOM   135  C CG2 . VAL A 1 17 ? -0.921  11.204  -5.955  1.00 12.35 ? 33  VAL A CG2 1 
ATOM   136  N N   . LYS A 1 18 ? 3.598   10.560  -6.044  1.00 13.73 ? 34  LYS A N   1 
ATOM   137  C CA  . LYS A 1 18 ? 5.044   10.817  -6.082  1.00 14.34 ? 34  LYS A CA  1 
ATOM   138  C C   . LYS A 1 18 ? 5.701   10.079  -7.241  1.00 13.85 ? 34  LYS A C   1 
ATOM   139  O O   . LYS A 1 18 ? 6.554   10.632  -7.938  1.00 13.53 ? 34  LYS A O   1 
ATOM   140  C CB  . LYS A 1 18 ? 5.707   10.434  -4.757  1.00 15.28 ? 34  LYS A CB  1 
ATOM   141  C CG  . LYS A 1 18 ? 5.275   11.308  -3.581  1.00 17.54 ? 34  LYS A CG  1 
ATOM   142  C CD  . LYS A 1 18 ? 6.334   11.376  -2.485  1.00 22.86 ? 34  LYS A CD  1 
ATOM   143  C CE  . LYS A 1 18 ? 6.367   10.119  -1.627  1.00 25.29 ? 34  LYS A CE  1 
ATOM   144  N NZ  . LYS A 1 18 ? 7.391   10.224  -0.547  1.00 27.31 ? 34  LYS A NZ  1 
ATOM   145  N N   . PHE A 1 19 ? 5.274   8.834   -7.446  1.00 13.16 ? 35  PHE A N   1 
ATOM   146  C CA  . PHE A 1 19 ? 5.664   8.025   -8.599  1.00 12.54 ? 35  PHE A CA  1 
ATOM   147  C C   . PHE A 1 19 ? 5.403   8.768   -9.908  1.00 12.53 ? 35  PHE A C   1 
ATOM   148  O O   . PHE A 1 19 ? 6.301   8.909   -10.735 1.00 12.12 ? 35  PHE A O   1 
ATOM   149  C CB  . PHE A 1 19 ? 4.890   6.695   -8.564  1.00 12.45 ? 35  PHE A CB  1 
ATOM   150  C CG  . PHE A 1 19 ? 5.148   5.792   -9.736  1.00 11.60 ? 35  PHE A CG  1 
ATOM   151  C CD1 . PHE A 1 19 ? 6.282   4.976   -9.775  1.00 12.45 ? 35  PHE A CD1 1 
ATOM   152  C CD2 . PHE A 1 19 ? 4.238   5.728   -10.788 1.00 11.12 ? 35  PHE A CD2 1 
ATOM   153  C CE1 . PHE A 1 19 ? 6.509   4.123   -10.859 1.00 11.93 ? 35  PHE A CE1 1 
ATOM   154  C CE2 . PHE A 1 19 ? 4.451   4.881   -11.868 1.00 12.58 ? 35  PHE A CE2 1 
ATOM   155  C CZ  . PHE A 1 19 ? 5.590   4.078   -11.909 1.00 11.49 ? 35  PHE A CZ  1 
ATOM   156  N N   . LEU A 1 20 ? 4.175   9.253   -10.094 1.00 12.35 ? 36  LEU A N   1 
ATOM   157  C CA  . LEU A 1 20 ? 3.786   9.879   -11.357 1.00 12.65 ? 36  LEU A CA  1 
ATOM   158  C C   . LEU A 1 20 ? 4.475   11.221  -11.635 1.00 13.07 ? 36  LEU A C   1 
ATOM   159  O O   . LEU A 1 20 ? 4.597   11.628  -12.793 1.00 13.56 ? 36  LEU A O   1 
ATOM   160  C CB  . LEU A 1 20 ? 2.264   10.020  -11.445 1.00 12.23 ? 36  LEU A CB  1 
ATOM   161  C CG  . LEU A 1 20 ? 1.460   8.709   -11.553 1.00 11.56 ? 36  LEU A CG  1 
ATOM   162  C CD1 . LEU A 1 20 ? -0.026  9.016   -11.524 1.00 11.32 ? 36  LEU A CD1 1 
ATOM   163  C CD2 . LEU A 1 20 ? 1.810   7.912   -12.806 1.00 10.82 ? 36  LEU A CD2 1 
ATOM   164  N N   . GLN A 1 21 ? 4.913   11.892  -10.573 1.00 13.76 ? 37  GLN A N   1 
ATOM   165  C CA  . GLN A 1 21 ? 5.645   13.159  -10.674 1.00 14.29 ? 37  GLN A CA  1 
ATOM   166  C C   . GLN A 1 21 ? 7.160   12.980  -10.859 1.00 14.28 ? 37  GLN A C   1 
ATOM   167  O O   . GLN A 1 21 ? 7.882   13.964  -11.071 1.00 14.40 ? 37  GLN A O   1 
ATOM   168  C CB  . GLN A 1 21 ? 5.391   14.008  -9.426  1.00 14.52 ? 37  GLN A CB  1 
ATOM   169  C CG  . GLN A 1 21 ? 3.942   14.458  -9.246  1.00 14.96 ? 37  GLN A CG  1 
ATOM   170  C CD  . GLN A 1 21 ? 3.695   15.151  -7.912  1.00 15.67 ? 37  GLN A CD  1 
ATOM   171  O OE1 . GLN A 1 21 ? 4.397   14.918  -6.929  1.00 18.22 ? 37  GLN A OE1 1 
ATOM   172  N NE2 . GLN A 1 21 ? 2.672   15.990  -7.872  1.00 18.62 ? 37  GLN A NE2 1 
ATOM   173  N N   . ASN A 1 22 ? 7.640   11.741  -10.770 1.00 13.64 ? 38  ASN A N   1 
ATOM   174  C CA  . ASN A 1 22 ? 9.076   11.478  -10.777 1.00 13.63 ? 38  ASN A CA  1 
ATOM   175  C C   . ASN A 1 22 ? 9.652   11.548  -12.186 1.00 13.63 ? 38  ASN A C   1 
ATOM   176  O O   . ASN A 1 22 ? 9.039   11.061  -13.137 1.00 13.09 ? 38  ASN A O   1 
ATOM   177  C CB  . ASN A 1 22 ? 9.388   10.133  -10.114 1.00 13.31 ? 38  ASN A CB  1 
ATOM   178  C CG  . ASN A 1 22 ? 10.872  9.871   -10.000 1.00 13.76 ? 38  ASN A CG  1 
ATOM   179  O OD1 . ASN A 1 22 ? 11.503  9.407   -10.952 1.00 12.70 ? 38  ASN A OD1 1 
ATOM   180  N ND2 . ASN A 1 22 ? 11.440  10.161  -8.831  1.00 12.93 ? 38  ASN A ND2 1 
ATOM   181  N N   . SER A 1 23 ? 10.832  12.160  -12.305 1.00 14.11 ? 39  SER A N   1 
ATOM   182  C CA  . SER A 1 23 ? 11.442  12.438  -13.612 1.00 14.39 ? 39  SER A CA  1 
ATOM   183  C C   . SER A 1 23 ? 11.798  11.195  -14.418 1.00 13.99 ? 39  SER A C   1 
ATOM   184  O O   . SER A 1 23 ? 11.737  11.214  -15.649 1.00 14.49 ? 39  SER A O   1 
ATOM   185  C CB  . SER A 1 23 ? 12.676  13.326  -13.450 1.00 14.75 ? 39  SER A CB  1 
ATOM   186  O OG  . SER A 1 23 ? 12.279  14.656  -13.181 1.00 17.07 ? 39  SER A OG  1 
ATOM   187  N N   . ARG A 1 24 ? 12.178  10.123  -13.726 1.00 13.24 ? 40  ARG A N   1 
ATOM   188  C CA  . ARG A 1 24 ? 12.442  8.847   -14.380 1.00 12.88 ? 40  ARG A CA  1 
ATOM   189  C C   . ARG A 1 24 ? 11.141  8.255   -14.921 1.00 12.66 ? 40  ARG A C   1 
ATOM   190  O O   . ARG A 1 24 ? 11.074  7.810   -16.064 1.00 12.11 ? 40  ARG A O   1 
ATOM   191  C CB  . ARG A 1 24 ? 13.100  7.867   -13.404 1.00 12.67 ? 40  ARG A CB  1 
ATOM   192  C CG  . ARG A 1 24 ? 13.189  6.438   -13.915 1.00 13.02 ? 40  ARG A CG  1 
ATOM   193  C CD  . ARG A 1 24 ? 13.656  5.493   -12.828 1.00 12.27 ? 40  ARG A CD  1 
ATOM   194  N NE  . ARG A 1 24 ? 13.837  4.143   -13.350 1.00 15.51 ? 40  ARG A NE  1 
ATOM   195  C CZ  . ARG A 1 24 ? 14.571  3.202   -12.766 1.00 16.76 ? 40  ARG A CZ  1 
ATOM   196  N NH1 . ARG A 1 24 ? 15.206  3.453   -11.624 1.00 17.37 ? 40  ARG A NH1 1 
ATOM   197  N NH2 . ARG A 1 24 ? 14.683  2.006   -13.334 1.00 17.45 ? 40  ARG A NH2 1 
ATOM   198  N N   . VAL A 1 25 ? 10.108  8.273   -14.082 1.00 12.50 ? 41  VAL A N   1 
ATOM   199  C CA  . VAL A 1 25 ? 8.818   7.669   -14.412 1.00 12.86 ? 41  VAL A CA  1 
ATOM   200  C C   . VAL A 1 25 ? 8.160   8.351   -15.605 1.00 13.32 ? 41  VAL A C   1 
ATOM   201  O O   . VAL A 1 25 ? 7.602   7.688   -16.484 1.00 13.29 ? 41  VAL A O   1 
ATOM   202  C CB  . VAL A 1 25 ? 7.878   7.692   -13.189 1.00 12.78 ? 41  VAL A CB  1 
ATOM   203  C CG1 . VAL A 1 25 ? 6.482   7.186   -13.556 1.00 12.07 ? 41  VAL A CG1 1 
ATOM   204  C CG2 . VAL A 1 25 ? 8.491   6.884   -12.057 1.00 12.40 ? 41  VAL A CG2 1 
ATOM   205  N N   . ARG A 1 26 ? 8.260   9.674   -15.640 1.00 13.93 ? 42  ARG A N   1 
ATOM   206  C CA  . ARG A 1 26 ? 7.629   10.484  -16.679 1.00 14.79 ? 42  ARG A CA  1 
ATOM   207  C C   . ARG A 1 26 ? 8.183   10.243  -18.087 1.00 14.67 ? 42  ARG A C   1 
ATOM   208  O O   . ARG A 1 26 ? 7.576   10.666  -19.075 1.00 14.86 ? 42  ARG A O   1 
ATOM   209  C CB  . ARG A 1 26 ? 7.710   11.971  -16.310 1.00 15.21 ? 42  ARG A CB  1 
ATOM   210  C CG  . ARG A 1 26 ? 6.797   12.359  -15.149 1.00 17.78 ? 42  ARG A CG  1 
ATOM   211  C CD  . ARG A 1 26 ? 6.866   13.846  -14.858 1.00 22.65 ? 42  ARG A CD  1 
ATOM   212  N NE  . ARG A 1 26 ? 5.967   14.600  -15.732 1.00 27.13 ? 42  ARG A NE  1 
ATOM   213  C CZ  . ARG A 1 26 ? 5.939   15.928  -15.836 1.00 29.77 ? 42  ARG A CZ  1 
ATOM   214  N NH1 . ARG A 1 26 ? 6.778   16.683  -15.129 1.00 31.10 ? 42  ARG A NH1 1 
ATOM   215  N NH2 . ARG A 1 26 ? 5.077   16.505  -16.666 1.00 30.72 ? 42  ARG A NH2 1 
ATOM   216  N N   . GLN A 1 27 ? 9.317   9.550   -18.185 1.00 14.42 ? 43  GLN A N   1 
ATOM   217  C CA  . GLN A 1 27 ? 9.918   9.238   -19.488 1.00 14.45 ? 43  GLN A CA  1 
ATOM   218  C C   . GLN A 1 27 ? 9.348   7.978   -20.126 1.00 14.36 ? 43  GLN A C   1 
ATOM   219  O O   . GLN A 1 27 ? 9.672   7.652   -21.261 1.00 14.98 ? 43  GLN A O   1 
ATOM   220  C CB  . GLN A 1 27 ? 11.441  9.120   -19.374 1.00 14.24 ? 43  GLN A CB  1 
ATOM   221  C CG  . GLN A 1 27 ? 12.116  10.448  -19.101 1.00 14.36 ? 43  GLN A CG  1 
ATOM   222  C CD  . GLN A 1 27 ? 13.604  10.305  -18.891 1.00 14.13 ? 43  GLN A CD  1 
ATOM   223  O OE1 . GLN A 1 27 ? 14.274  9.585   -19.622 1.00 14.03 ? 43  GLN A OE1 1 
ATOM   224  N NE2 . GLN A 1 27 ? 14.127  10.989  -17.881 1.00 16.32 ? 43  GLN A NE2 1 
ATOM   225  N N   . SER A 1 28 ? 8.504   7.275   -19.387 1.00 14.30 ? 44  SER A N   1 
ATOM   226  C CA  . SER A 1 28 ? 7.868   6.068   -19.879 1.00 14.39 ? 44  SER A CA  1 
ATOM   227  C C   . SER A 1 28 ? 6.475   6.436   -20.407 1.00 14.21 ? 44  SER A C   1 
ATOM   228  O O   . SER A 1 28 ? 5.885   7.412   -19.942 1.00 13.72 ? 44  SER A O   1 
ATOM   229  C CB  . SER A 1 28 ? 7.811   5.045   -18.743 1.00 14.44 ? 44  SER A CB  1 
ATOM   230  O OG  A SER A 1 28 ? 6.954   3.970   -19.035 0.50 14.05 ? 44  SER A OG  1 
ATOM   231  O OG  B SER A 1 28 ? 7.065   5.546   -17.654 0.50 15.21 ? 44  SER A OG  1 
ATOM   232  N N   . PRO A 1 29 ? 5.954   5.680   -21.397 1.00 14.45 ? 45  PRO A N   1 
ATOM   233  C CA  . PRO A 1 29 ? 4.618   5.976   -21.927 1.00 14.49 ? 45  PRO A CA  1 
ATOM   234  C C   . PRO A 1 29 ? 3.541   5.960   -20.847 1.00 14.33 ? 45  PRO A C   1 
ATOM   235  O O   . PRO A 1 29 ? 3.659   5.230   -19.856 1.00 13.87 ? 45  PRO A O   1 
ATOM   236  C CB  . PRO A 1 29 ? 4.370   4.837   -22.924 1.00 14.68 ? 45  PRO A CB  1 
ATOM   237  C CG  . PRO A 1 29 ? 5.708   4.374   -23.305 1.00 15.28 ? 45  PRO A CG  1 
ATOM   238  C CD  . PRO A 1 29 ? 6.572   4.538   -22.090 1.00 14.73 ? 45  PRO A CD  1 
ATOM   239  N N   . LEU A 1 30 ? 2.499   6.762   -21.048 1.00 14.19 ? 46  LEU A N   1 
ATOM   240  C CA  . LEU A 1 30 ? 1.395   6.839   -20.096 1.00 14.84 ? 46  LEU A CA  1 
ATOM   241  C C   . LEU A 1 30 ? 0.865   5.447   -19.731 1.00 13.96 ? 46  LEU A C   1 
ATOM   242  O O   . LEU A 1 30 ? 0.657   5.155   -18.554 1.00 13.90 ? 46  LEU A O   1 
ATOM   243  C CB  . LEU A 1 30 ? 0.271   7.734   -20.656 1.00 15.42 ? 46  LEU A CB  1 
ATOM   244  C CG  . LEU A 1 30 ? -0.610  8.600   -19.737 1.00 18.28 ? 46  LEU A CG  1 
ATOM   245  C CD1 . LEU A 1 30 ? -1.527  7.770   -18.850 1.00 20.88 ? 46  LEU A CD1 1 
ATOM   246  C CD2 . LEU A 1 30 ? 0.218   9.575   -18.899 1.00 20.59 ? 46  LEU A CD2 1 
ATOM   247  N N   . ALA A 1 31 ? 0.668   4.590   -20.731 1.00 13.61 ? 47  ALA A N   1 
ATOM   248  C CA  . ALA A 1 31 ? 0.146   3.232   -20.502 1.00 12.68 ? 47  ALA A CA  1 
ATOM   249  C C   . ALA A 1 31 ? 1.059   2.370   -19.632 1.00 12.16 ? 47  ALA A C   1 
ATOM   250  O O   . ALA A 1 31 ? 0.585   1.534   -18.859 1.00 11.43 ? 47  ALA A O   1 
ATOM   251  C CB  . ALA A 1 31 ? -0.120  2.533   -21.826 1.00 13.30 ? 47  ALA A CB  1 
ATOM   252  N N   . THR A 1 32 ? 2.369   2.564   -19.782 1.00 11.17 ? 48  THR A N   1 
ATOM   253  C CA  . THR A 1 32 ? 3.354   1.820   -19.017 1.00 10.32 ? 48  THR A CA  1 
ATOM   254  C C   . THR A 1 32 ? 3.325   2.291   -17.566 1.00 9.81  ? 48  THR A C   1 
ATOM   255  O O   . THR A 1 32 ? 3.455   1.486   -16.654 1.00 9.11  ? 48  THR A O   1 
ATOM   256  C CB  . THR A 1 32 ? 4.769   1.991   -19.601 1.00 10.46 ? 48  THR A CB  1 
ATOM   257  O OG1 . THR A 1 32 ? 4.742   1.689   -21.001 1.00 10.26 ? 48  THR A OG1 1 
ATOM   258  C CG2 . THR A 1 32 ? 5.764   1.062   -18.906 1.00 10.67 ? 48  THR A CG2 1 
ATOM   259  N N   . ARG A 1 33 ? 3.138   3.596   -17.368 1.00 8.98  ? 49  ARG A N   1 
ATOM   260  C CA  . ARG A 1 33 ? 2.987   4.163   -16.030 1.00 9.11  ? 49  ARG A CA  1 
ATOM   261  C C   . ARG A 1 33 ? 1.769   3.574   -15.330 1.00 8.74  ? 49  ARG A C   1 
ATOM   262  O O   . ARG A 1 33 ? 1.844   3.184   -14.171 1.00 8.30  ? 49  ARG A O   1 
ATOM   263  C CB  . ARG A 1 33 ? 2.874   5.683   -16.098 1.00 9.32  ? 49  ARG A CB  1 
ATOM   264  C CG  . ARG A 1 33 ? 4.206   6.362   -16.392 1.00 10.67 ? 49  ARG A CG  1 
ATOM   265  C CD  . ARG A 1 33 ? 4.040   7.866   -16.485 1.00 12.86 ? 49  ARG A CD  1 
ATOM   266  N NE  . ARG A 1 33 ? 4.195   8.322   -17.859 1.00 13.67 ? 49  ARG A NE  1 
ATOM   267  C CZ  . ARG A 1 33 ? 3.883   9.535   -18.299 1.00 16.66 ? 49  ARG A CZ  1 
ATOM   268  N NH1 . ARG A 1 33 ? 3.372   10.449  -17.480 1.00 17.43 ? 49  ARG A NH1 1 
ATOM   269  N NH2 . ARG A 1 33 ? 4.075   9.828   -19.576 1.00 17.23 ? 49  ARG A NH2 1 
ATOM   270  N N   . ARG A 1 34 ? 0.657   3.490   -16.059 1.00 8.57  ? 50  ARG A N   1 
ATOM   271  C CA  . ARG A 1 34 ? -0.576  2.925   -15.510 1.00 9.13  ? 50  ARG A CA  1 
ATOM   272  C C   . ARG A 1 34 ? -0.408  1.446   -15.205 1.00 8.81  ? 50  ARG A C   1 
ATOM   273  O O   . ARG A 1 34 ? -0.840  0.979   -14.153 1.00 9.19  ? 50  ARG A O   1 
ATOM   274  C CB  . ARG A 1 34 ? -1.746  3.138   -16.470 1.00 8.92  ? 50  ARG A CB  1 
ATOM   275  C CG  . ARG A 1 34 ? -2.133  4.607   -16.654 1.00 11.56 ? 50  ARG A CG  1 
ATOM   276  C CD  . ARG A 1 34 ? -3.441  4.732   -17.438 1.00 14.90 ? 50  ARG A CD  1 
ATOM   277  N NE  . ARG A 1 34 ? -4.517  4.023   -16.749 1.00 16.97 ? 50  ARG A NE  1 
ATOM   278  C CZ  . ARG A 1 34 ? -5.413  4.590   -15.946 1.00 17.16 ? 50  ARG A CZ  1 
ATOM   279  N NH1 . ARG A 1 34 ? -6.337  3.838   -15.362 1.00 18.88 ? 50  ARG A NH1 1 
ATOM   280  N NH2 . ARG A 1 34 ? -5.400  5.901   -15.732 1.00 18.78 ? 50  ARG A NH2 1 
ATOM   281  N N   . ALA A 1 35 ? 0.241   0.708   -16.105 1.00 8.44  ? 51  ALA A N   1 
ATOM   282  C CA  . ALA A 1 35 ? 0.465   -0.727  -15.880 1.00 8.35  ? 51  ALA A CA  1 
ATOM   283  C C   . ALA A 1 35 ? 1.317   -0.957  -14.633 1.00 8.57  ? 51  ALA A C   1 
ATOM   284  O O   . ALA A 1 35 ? 1.056   -1.871  -13.847 1.00 8.52  ? 51  ALA A O   1 
ATOM   285  C CB  . ALA A 1 35 ? 1.104   -1.369  -17.094 1.00 8.68  ? 51  ALA A CB  1 
ATOM   286  N N   . PHE A 1 36 ? 2.318   -0.102  -14.439 1.00 8.31  ? 52  PHE A N   1 
ATOM   287  C CA  . PHE A 1 36 ? 3.169   -0.195  -13.256 1.00 8.43  ? 52  PHE A CA  1 
ATOM   288  C C   . PHE A 1 36 ? 2.352   -0.018  -11.973 1.00 8.45  ? 52  PHE A C   1 
ATOM   289  O O   . PHE A 1 36 ? 2.513   -0.781  -11.025 1.00 8.30  ? 52  PHE A O   1 
ATOM   290  C CB  . PHE A 1 36 ? 4.300   0.839   -13.316 1.00 8.55  ? 52  PHE A CB  1 
ATOM   291  C CG  . PHE A 1 36 ? 5.430   0.551   -12.365 1.00 9.04  ? 52  PHE A CG  1 
ATOM   292  C CD1 . PHE A 1 36 ? 6.605   -0.040  -12.821 1.00 9.65  ? 52  PHE A CD1 1 
ATOM   293  C CD2 . PHE A 1 36 ? 5.313   0.851   -11.017 1.00 8.88  ? 52  PHE A CD2 1 
ATOM   294  C CE1 . PHE A 1 36 ? 7.646   -0.313  -11.944 1.00 9.23  ? 52  PHE A CE1 1 
ATOM   295  C CE2 . PHE A 1 36 ? 6.347   0.581   -10.139 1.00 10.02 ? 52  PHE A CE2 1 
ATOM   296  C CZ  . PHE A 1 36 ? 7.513   -0.007  -10.606 1.00 9.97  ? 52  PHE A CZ  1 
ATOM   297  N N   . LEU A 1 37 ? 1.473   0.980   -11.943 1.00 8.15  ? 53  LEU A N   1 
ATOM   298  C CA  . LEU A 1 37 ? 0.611   1.183   -10.770 1.00 8.81  ? 53  LEU A CA  1 
ATOM   299  C C   . LEU A 1 37 ? -0.364  0.018   -10.581 1.00 9.38  ? 53  LEU A C   1 
ATOM   300  O O   . LEU A 1 37 ? -0.680  -0.362  -9.448  1.00 9.16  ? 53  LEU A O   1 
ATOM   301  C CB  . LEU A 1 37 ? -0.143  2.512   -10.865 1.00 8.61  ? 53  LEU A CB  1 
ATOM   302  C CG  . LEU A 1 37 ? 0.692   3.795   -10.794 1.00 8.04  ? 53  LEU A CG  1 
ATOM   303  C CD1 . LEU A 1 37 ? -0.199  5.035   -10.939 1.00 8.69  ? 53  LEU A CD1 1 
ATOM   304  C CD2 . LEU A 1 37 ? 1.510   3.845   -9.486  1.00 8.42  ? 53  LEU A CD2 1 
ATOM   305  N N   . LYS A 1 38 ? -0.845  -0.544  -11.687 1.00 10.18 ? 54  LYS A N   1 
ATOM   306  C CA  . LYS A 1 38 ? -1.688  -1.733  -11.605 1.00 11.13 ? 54  LYS A CA  1 
ATOM   307  C C   . LYS A 1 38 ? -0.942  -2.926  -10.982 1.00 11.07 ? 54  LYS A C   1 
ATOM   308  O O   . LYS A 1 38 ? -1.495  -3.635  -10.136 1.00 11.26 ? 54  LYS A O   1 
ATOM   309  C CB  . LYS A 1 38 ? -2.288  -2.089  -12.976 1.00 11.36 ? 54  LYS A CB  1 
ATOM   310  C CG  . LYS A 1 38 ? -3.253  -3.296  -12.972 1.00 13.38 ? 54  LYS A CG  1 
ATOM   311  C CD  A LYS A 1 38 ? -4.485  -3.077  -12.090 0.50 14.90 ? 54  LYS A CD  1 
ATOM   312  C CD  B LYS A 1 38 ? -4.391  -3.158  -11.944 0.50 13.54 ? 54  LYS A CD  1 
ATOM   313  C CE  A LYS A 1 38 ? -5.611  -2.398  -12.856 0.50 16.26 ? 54  LYS A CE  1 
ATOM   314  C CE  B LYS A 1 38 ? -5.363  -2.035  -12.298 0.50 14.38 ? 54  LYS A CE  1 
ATOM   315  N NZ  A LYS A 1 38 ? -6.220  -3.295  -13.879 0.50 17.42 ? 54  LYS A NZ  1 
ATOM   316  N NZ  B LYS A 1 38 ? -6.520  -1.994  -11.356 0.50 13.82 ? 54  LYS A NZ  1 
ATOM   317  N N   . LYS A 1 39 ? 0.313   -3.139  -11.371 1.00 11.45 ? 55  LYS A N   1 
ATOM   318  C CA  . LYS A 1 39 ? 1.087   -4.230  -10.762 1.00 11.20 ? 55  LYS A CA  1 
ATOM   319  C C   . LYS A 1 39 ? 1.405   -3.955  -9.282  1.00 11.50 ? 55  LYS A C   1 
ATOM   320  O O   . LYS A 1 39 ? 1.763   -4.875  -8.540  1.00 11.52 ? 55  LYS A O   1 
ATOM   321  C CB  . LYS A 1 39 ? 2.325   -4.620  -11.597 1.00 11.31 ? 55  LYS A CB  1 
ATOM   322  C CG  . LYS A 1 39 ? 3.512   -3.666  -11.566 1.00 10.68 ? 55  LYS A CG  1 
ATOM   323  C CD  . LYS A 1 39 ? 4.436   -3.935  -10.380 1.00 10.50 ? 55  LYS A CD  1 
ATOM   324  C CE  . LYS A 1 39 ? 5.783   -3.269  -10.579 1.00 9.99  ? 55  LYS A CE  1 
ATOM   325  N NZ  . LYS A 1 39 ? 6.615   -3.279  -9.343  1.00 10.21 ? 55  LYS A NZ  1 
ATOM   326  N N   . LYS A 1 40 ? 1.258   -2.694  -8.860  1.00 11.46 ? 56  LYS A N   1 
ATOM   327  C CA  . LYS A 1 40 ? 1.345   -2.331  -7.439  1.00 11.60 ? 56  LYS A CA  1 
ATOM   328  C C   . LYS A 1 40 ? 0.075   -2.611  -6.653  1.00 11.82 ? 56  LYS A C   1 
ATOM   329  O O   . LYS A 1 40 ? 0.022   -2.349  -5.449  1.00 12.01 ? 56  LYS A O   1 
ATOM   330  C CB  . LYS A 1 40 ? 1.699   -0.849  -7.238  1.00 11.59 ? 56  LYS A CB  1 
ATOM   331  C CG  A LYS A 1 40 ? 2.950   -0.327  -7.971  0.70 10.97 ? 56  LYS A CG  1 
ATOM   332  C CG  B LYS A 1 40 ? 3.142   -0.553  -7.476  0.30 10.31 ? 56  LYS A CG  1 
ATOM   333  C CD  A LYS A 1 40 ? 4.067   -1.335  -8.066  0.70 11.07 ? 56  LYS A CD  1 
ATOM   334  C CD  B LYS A 1 40 ? 3.985   -1.440  -6.599  0.30 8.70  ? 56  LYS A CD  1 
ATOM   335  C CE  A LYS A 1 40 ? 4.928   -1.387  -6.839  0.70 8.55  ? 56  LYS A CE  1 
ATOM   336  C CE  B LYS A 1 40 ? 5.213   -1.841  -7.326  0.30 7.48  ? 56  LYS A CE  1 
ATOM   337  N NZ  A LYS A 1 40 ? 4.191   -1.966  -5.687  0.70 6.28  ? 56  LYS A NZ  1 
ATOM   338  N NZ  B LYS A 1 40 ? 5.961   -0.672  -7.767  0.30 6.84  ? 56  LYS A NZ  1 
ATOM   339  N N   . GLY A 1 41 ? -0.947  -3.106  -7.338  1.00 12.28 ? 57  GLY A N   1 
ATOM   340  C CA  . GLY A 1 41 ? -2.206  -3.465  -6.693  1.00 12.48 ? 57  GLY A CA  1 
ATOM   341  C C   . GLY A 1 41 ? -3.230  -2.343  -6.582  1.00 12.66 ? 57  GLY A C   1 
ATOM   342  O O   . GLY A 1 41 ? -4.260  -2.513  -5.924  1.00 12.72 ? 57  GLY A O   1 
ATOM   343  N N   . LEU A 1 42 ? -2.963  -1.200  -7.209  1.00 12.49 ? 58  LEU A N   1 
ATOM   344  C CA  . LEU A 1 42 ? -3.930  -0.094  -7.197  1.00 12.13 ? 58  LEU A CA  1 
ATOM   345  C C   . LEU A 1 42 ? -5.137  -0.422  -8.069  1.00 12.29 ? 58  LEU A C   1 
ATOM   346  O O   . LEU A 1 42 ? -5.000  -1.041  -9.116  1.00 12.15 ? 58  LEU A O   1 
ATOM   347  C CB  . LEU A 1 42 ? -3.298  1.216   -7.685  1.00 12.16 ? 58  LEU A CB  1 
ATOM   348  C CG  . LEU A 1 42 ? -2.545  2.100   -6.682  1.00 11.85 ? 58  LEU A CG  1 
ATOM   349  C CD1 . LEU A 1 42 ? -1.162  1.530   -6.367  1.00 12.72 ? 58  LEU A CD1 1 
ATOM   350  C CD2 . LEU A 1 42 ? -2.423  3.501   -7.242  1.00 11.99 ? 58  LEU A CD2 1 
ATOM   351  N N   . THR A 1 43 ? -6.315  0.016   -7.634  1.00 12.24 ? 59  THR A N   1 
ATOM   352  C CA  . THR A 1 43 ? -7.529  -0.125  -8.429  1.00 12.58 ? 59  THR A CA  1 
ATOM   353  C C   . THR A 1 43 ? -7.538  0.931   -9.530  1.00 12.75 ? 59  THR A C   1 
ATOM   354  O O   . THR A 1 43 ? -6.809  1.924   -9.455  1.00 12.06 ? 59  THR A O   1 
ATOM   355  C CB  . THR A 1 43 ? -8.783  0.092   -7.570  1.00 12.43 ? 59  THR A CB  1 
ATOM   356  O OG1 . THR A 1 43 ? -8.819  1.456   -7.135  1.00 12.22 ? 59  THR A OG1 1 
ATOM   357  C CG2 . THR A 1 43 ? -8.783  -0.824  -6.343  1.00 13.11 ? 59  THR A CG2 1 
ATOM   358  N N   . ASP A 1 44 ? -8.378  0.730   -10.541 1.00 13.27 ? 60  ASP A N   1 
ATOM   359  C CA  . ASP A 1 44 ? -8.543  1.721   -11.607 1.00 13.75 ? 60  ASP A CA  1 
ATOM   360  C C   . ASP A 1 44 ? -8.833  3.118   -11.052 1.00 13.21 ? 60  ASP A C   1 
ATOM   361  O O   . ASP A 1 44 ? -8.218  4.103   -11.472 1.00 13.08 ? 60  ASP A O   1 
ATOM   362  C CB  . ASP A 1 44 ? -9.645  1.290   -12.574 1.00 14.25 ? 60  ASP A CB  1 
ATOM   363  C CG  . ASP A 1 44 ? -9.265  0.056   -13.384 1.00 16.56 ? 60  ASP A CG  1 
ATOM   364  O OD1 . ASP A 1 44 ? -8.083  -0.353  -13.352 1.00 17.58 ? 60  ASP A OD1 1 
ATOM   365  O OD2 . ASP A 1 44 ? -10.156 -0.506  -14.052 1.00 18.45 ? 60  ASP A OD2 1 
ATOM   366  N N   . GLU A 1 45 ? -9.755  3.201   -10.092 1.00 12.98 ? 61  GLU A N   1 
ATOM   367  C CA  . GLU A 1 45 ? -10.066 4.480   -9.445  1.00 12.75 ? 61  GLU A CA  1 
ATOM   368  C C   . GLU A 1 45 ? -8.849  5.101   -8.766  1.00 12.40 ? 61  GLU A C   1 
ATOM   369  O O   . GLU A 1 45 ? -8.597  6.293   -8.910  1.00 12.56 ? 61  GLU A O   1 
ATOM   370  C CB  . GLU A 1 45 ? -11.204 4.335   -8.430  1.00 12.66 ? 61  GLU A CB  1 
ATOM   371  C CG  . GLU A 1 45 ? -11.551 5.646   -7.716  1.00 13.62 ? 61  GLU A CG  1 
ATOM   372  C CD  . GLU A 1 45 ? -12.693 5.497   -6.728  1.00 14.17 ? 61  GLU A CD  1 
ATOM   373  O OE1 . GLU A 1 45 ? -12.416 5.383   -5.514  1.00 16.39 ? 61  GLU A OE1 1 
ATOM   374  O OE2 . GLU A 1 45 ? -13.863 5.490   -7.164  1.00 14.58 ? 61  GLU A OE2 1 
ATOM   375  N N   . GLU A 1 46 ? -8.102  4.296   -8.016  1.00 11.98 ? 62  GLU A N   1 
ATOM   376  C CA  . GLU A 1 46 ? -6.921  4.800   -7.317  1.00 11.77 ? 62  GLU A CA  1 
ATOM   377  C C   . GLU A 1 46 ? -5.874  5.361   -8.283  1.00 11.59 ? 62  GLU A C   1 
ATOM   378  O O   . GLU A 1 46 ? -5.272  6.403   -8.020  1.00 11.46 ? 62  GLU A O   1 
ATOM   379  C CB  . GLU A 1 46 ? -6.333  3.716   -6.424  1.00 11.62 ? 62  GLU A CB  1 
ATOM   380  C CG  . GLU A 1 46 ? -7.153  3.503   -5.155  1.00 12.21 ? 62  GLU A CG  1 
ATOM   381  C CD  . GLU A 1 46 ? -6.938  2.144   -4.515  1.00 13.41 ? 62  GLU A CD  1 
ATOM   382  O OE1 . GLU A 1 46 ? -6.086  1.361   -4.993  1.00 11.94 ? 62  GLU A OE1 1 
ATOM   383  O OE2 . GLU A 1 46 ? -7.634  1.862   -3.519  1.00 13.68 ? 62  GLU A OE2 1 
ATOM   384  N N   . ILE A 1 47 ? -5.679  4.669   -9.402  1.00 11.36 ? 63  ILE A N   1 
ATOM   385  C CA  . ILE A 1 47 ? -4.791  5.145   -10.463 1.00 11.79 ? 63  ILE A CA  1 
ATOM   386  C C   . ILE A 1 47 ? -5.297  6.471   -11.042 1.00 12.19 ? 63  ILE A C   1 
ATOM   387  O O   . ILE A 1 47 ? -4.532  7.426   -11.174 1.00 11.78 ? 63  ILE A O   1 
ATOM   388  C CB  . ILE A 1 47 ? -4.621  4.087   -11.580 1.00 11.41 ? 63  ILE A CB  1 
ATOM   389  C CG1 . ILE A 1 47 ? -3.937  2.825   -11.018 1.00 11.93 ? 63  ILE A CG1 1 
ATOM   390  C CG2 . ILE A 1 47 ? -3.821  4.670   -12.754 1.00 12.28 ? 63  ILE A CG2 1 
ATOM   391  C CD1 . ILE A 1 47 ? -4.024  1.597   -11.934 1.00 11.63 ? 63  ILE A CD1 1 
ATOM   392  N N   . ASP A 1 48 ? -6.591  6.528   -11.364 1.00 13.18 ? 64  ASP A N   1 
ATOM   393  C CA  . ASP A 1 48 ? -7.209  7.762   -11.862 1.00 14.66 ? 64  ASP A CA  1 
ATOM   394  C C   . ASP A 1 48 ? -7.051  8.934   -10.885 1.00 14.91 ? 64  ASP A C   1 
ATOM   395  O O   . ASP A 1 48 ? -6.795  10.066  -11.307 1.00 15.33 ? 64  ASP A O   1 
ATOM   396  C CB  . ASP A 1 48 ? -8.689  7.538   -12.213 1.00 14.99 ? 64  ASP A CB  1 
ATOM   397  C CG  . ASP A 1 48 ? -8.886  6.634   -13.423 1.00 16.63 ? 64  ASP A CG  1 
ATOM   398  O OD1 . ASP A 1 48 ? -7.971  6.518   -14.270 1.00 18.94 ? 64  ASP A OD1 1 
ATOM   399  O OD2 . ASP A 1 48 ? -9.973  6.027   -13.534 1.00 19.57 ? 64  ASP A OD2 1 
ATOM   400  N N   . LEU A 1 49 ? -7.180  8.659   -9.585  1.00 15.20 ? 65  LEU A N   1 
ATOM   401  C CA  . LEU A 1 49 ? -7.026  9.694   -8.550  1.00 15.67 ? 65  LEU A CA  1 
ATOM   402  C C   . LEU A 1 49 ? -5.589  10.185  -8.448  1.00 15.39 ? 65  LEU A C   1 
ATOM   403  O O   . LEU A 1 49 ? -5.337  11.382  -8.271  1.00 15.05 ? 65  LEU A O   1 
ATOM   404  C CB  . LEU A 1 49 ? -7.503  9.179   -7.182  1.00 15.79 ? 65  LEU A CB  1 
ATOM   405  C CG  . LEU A 1 49 ? -9.007  8.955   -7.006  1.00 16.94 ? 65  LEU A CG  1 
ATOM   406  C CD1 . LEU A 1 49 ? -9.282  8.139   -5.748  1.00 17.66 ? 65  LEU A CD1 1 
ATOM   407  C CD2 . LEU A 1 49 ? -9.780  10.278  -6.986  1.00 18.68 ? 65  LEU A CD2 1 
ATOM   408  N N   . ALA A 1 50 ? -4.648  9.250   -8.559  1.00 15.21 ? 66  ALA A N   1 
ATOM   409  C CA  . ALA A 1 50 ? -3.229  9.574   -8.551  1.00 15.20 ? 66  ALA A CA  1 
ATOM   410  C C   . ALA A 1 50 ? -2.860  10.496  -9.721  1.00 15.66 ? 66  ALA A C   1 
ATOM   411  O O   . ALA A 1 50 ? -2.108  11.453  -9.545  1.00 15.62 ? 66  ALA A O   1 
ATOM   412  C CB  . ALA A 1 50 ? -2.401  8.301   -8.575  1.00 14.85 ? 66  ALA A CB  1 
ATOM   413  N N   . PHE A 1 51 ? -3.399  10.211  -10.904 1.00 16.12 ? 67  PHE A N   1 
ATOM   414  C CA  . PHE A 1 51 ? -3.176  11.064  -12.077 1.00 17.38 ? 67  PHE A CA  1 
ATOM   415  C C   . PHE A 1 51 ? -3.753  12.460  -11.898 1.00 18.10 ? 67  PHE A C   1 
ATOM   416  O O   . PHE A 1 51 ? -3.105  13.444  -12.256 1.00 18.10 ? 67  PHE A O   1 
ATOM   417  C CB  . PHE A 1 51 ? -3.723  10.419  -13.353 1.00 17.15 ? 67  PHE A CB  1 
ATOM   418  C CG  . PHE A 1 51 ? -2.737  9.520   -14.032 1.00 18.13 ? 67  PHE A CG  1 
ATOM   419  C CD1 . PHE A 1 51 ? -1.728  10.052  -14.832 1.00 18.51 ? 67  PHE A CD1 1 
ATOM   420  C CD2 . PHE A 1 51 ? -2.801  8.144   -13.859 1.00 17.79 ? 67  PHE A CD2 1 
ATOM   421  C CE1 . PHE A 1 51 ? -0.802  9.219   -15.447 1.00 18.73 ? 67  PHE A CE1 1 
ATOM   422  C CE2 . PHE A 1 51 ? -1.880  7.305   -14.472 1.00 18.76 ? 67  PHE A CE2 1 
ATOM   423  C CZ  . PHE A 1 51 ? -0.885  7.843   -15.275 1.00 18.13 ? 67  PHE A CZ  1 
ATOM   424  N N   . GLN A 1 52 ? -4.960  12.533  -11.338 1.00 19.14 ? 68  GLN A N   1 
ATOM   425  C CA  . GLN A 1 52 ? -5.596  13.812  -10.990 1.00 20.54 ? 68  GLN A CA  1 
ATOM   426  C C   . GLN A 1 52 ? -4.714  14.649  -10.067 1.00 21.15 ? 68  GLN A C   1 
ATOM   427  O O   . GLN A 1 52 ? -4.523  15.842  -10.301 1.00 21.63 ? 68  GLN A O   1 
ATOM   428  C CB  . GLN A 1 52 ? -6.956  13.586  -10.313 1.00 20.33 ? 68  GLN A CB  1 
ATOM   429  C CG  A GLN A 1 52 ? -8.085  13.166  -11.243 0.50 20.71 ? 68  GLN A CG  1 
ATOM   430  C CG  B GLN A 1 52 ? -7.663  14.869  -9.883  0.50 20.94 ? 68  GLN A CG  1 
ATOM   431  C CD  A GLN A 1 52 ? -9.282  12.575  -10.501 0.50 20.76 ? 68  GLN A CD  1 
ATOM   432  C CD  B GLN A 1 52 ? -8.925  14.613  -9.077  0.50 21.01 ? 68  GLN A CD  1 
ATOM   433  O OE1 A GLN A 1 52 ? -9.492  12.836  -9.313  0.50 21.20 ? 68  GLN A OE1 1 
ATOM   434  O OE1 B GLN A 1 52 ? -9.907  14.079  -9.590  0.50 22.11 ? 68  GLN A OE1 1 
ATOM   435  N NE2 A GLN A 1 52 ? -10.068 11.766  -11.203 0.50 21.04 ? 68  GLN A NE2 1 
ATOM   436  N NE2 B GLN A 1 52 ? -8.908  15.007  -7.809  0.50 21.79 ? 68  GLN A NE2 1 
ATOM   437  N N   . GLN A 1 53 ? -4.188  14.016  -9.021  1.00 21.80 ? 69  GLN A N   1 
ATOM   438  C CA  . GLN A 1 53 ? -3.395  14.697  -8.001  1.00 22.61 ? 69  GLN A CA  1 
ATOM   439  C C   . GLN A 1 53 ? -1.966  15.012  -8.442  1.00 23.17 ? 69  GLN A C   1 
ATOM   440  O O   . GLN A 1 53 ? -1.300  15.839  -7.821  1.00 23.43 ? 69  GLN A O   1 
ATOM   441  C CB  . GLN A 1 53 ? -3.358  13.868  -6.710  1.00 22.56 ? 69  GLN A CB  1 
ATOM   442  C CG  . GLN A 1 53 ? -4.687  13.802  -5.963  1.00 22.69 ? 69  GLN A CG  1 
ATOM   443  C CD  . GLN A 1 53 ? -4.649  12.862  -4.765  1.00 22.72 ? 69  GLN A CD  1 
ATOM   444  O OE1 . GLN A 1 53 ? -3.683  12.854  -4.001  1.00 24.31 ? 69  GLN A OE1 1 
ATOM   445  N NE2 . GLN A 1 53 ? -5.709  12.075  -4.589  1.00 22.53 ? 69  GLN A NE2 1 
ATOM   446  N N   . SER A 1 54 ? -1.492  14.352  -9.498  1.00 23.72 ? 70  SER A N   1 
ATOM   447  C CA  . SER A 1 54 ? -0.107  14.531  -9.945  1.00 24.36 ? 70  SER A CA  1 
ATOM   448  C C   . SER A 1 54 ? 0.068   15.802  -10.777 1.00 24.70 ? 70  SER A C   1 
ATOM   449  O O   . SER A 1 54 ? -0.880  16.367  -11.324 1.00 24.98 ? 70  SER A O   1 
ATOM   450  C CB  . SER A 1 54 ? 0.397   13.306  -10.713 1.00 24.13 ? 70  SER A CB  1 
ATOM   451  O OG  . SER A 1 54 ? -0.275  13.164  -11.949 1.00 24.84 ? 70  SER A OG  1 
ATOM   452  O OXT . SER A 1 54 ? 1.181   16.294  -10.914 1.00 25.21 ? 70  SER A OXT 1 
ATOM   453  N N   . GLY B 1 1  ? 2.805   -7.517  -2.107  1.00 18.59 ? 17  GLY B N   1 
ATOM   454  C CA  . GLY B 1 1  ? 3.254   -8.819  -2.671  1.00 18.77 ? 17  GLY B CA  1 
ATOM   455  C C   . GLY B 1 1  ? 4.645   -8.770  -3.283  1.00 18.86 ? 17  GLY B C   1 
ATOM   456  O O   . GLY B 1 1  ? 5.252   -7.698  -3.342  1.00 18.63 ? 17  GLY B O   1 
ATOM   457  N N   . PRO B 1 2  ? 5.163   -9.931  -3.745  1.00 18.73 ? 18  PRO B N   1 
ATOM   458  C CA  . PRO B 1 2  ? 6.535   -10.062 -4.261  1.00 18.85 ? 18  PRO B CA  1 
ATOM   459  C C   A PRO B 1 2  ? 6.832   -9.220  -5.505  0.50 18.67 ? 18  PRO B C   1 
ATOM   460  C C   B PRO B 1 2  ? 6.831   -9.221  -5.505  0.50 18.67 ? 18  PRO B C   1 
ATOM   461  O O   . PRO B 1 2  ? 7.994   -8.904  -5.765  1.00 19.03 ? 18  PRO B O   1 
ATOM   462  C CB  . PRO B 1 2  ? 6.649   -11.563 -4.594  1.00 18.95 ? 18  PRO B CB  1 
ATOM   463  C CG  A PRO B 1 2  ? 5.241   -12.023 -4.759  0.50 18.82 ? 18  PRO B CG  1 
ATOM   464  C CG  B PRO B 1 2  ? 5.580   -12.211 -3.790  0.50 18.76 ? 18  PRO B CG  1 
ATOM   465  C CD  A PRO B 1 2  ? 4.443   -11.217 -3.784  0.50 18.99 ? 18  PRO B CD  1 
ATOM   466  C CD  B PRO B 1 2  ? 4.457   -11.224 -3.770  0.50 18.98 ? 18  PRO B CD  1 
ATOM   467  N N   . LEU B 1 3  ? 5.796   -8.862  -6.263  1.00 18.22 ? 19  LEU B N   1 
ATOM   468  C CA  . LEU B 1 3  ? 5.975   -8.053  -7.475  1.00 17.85 ? 19  LEU B CA  1 
ATOM   469  C C   . LEU B 1 3  ? 5.996   -6.549  -7.201  1.00 17.53 ? 19  LEU B C   1 
ATOM   470  O O   . LEU B 1 3  ? 6.333   -5.759  -8.083  1.00 17.19 ? 19  LEU B O   1 
ATOM   471  C CB  . LEU B 1 3  ? 4.919   -8.392  -8.538  1.00 17.79 ? 19  LEU B CB  1 
ATOM   472  C CG  . LEU B 1 3  ? 5.036   -9.759  -9.229  1.00 17.88 ? 19  LEU B CG  1 
ATOM   473  C CD1 . LEU B 1 3  ? 3.948   -9.938  -10.276 1.00 17.22 ? 19  LEU B CD1 1 
ATOM   474  C CD2 . LEU B 1 3  ? 6.410   -9.970  -9.866  1.00 18.40 ? 19  LEU B CD2 1 
ATOM   475  N N   . GLY B 1 4  ? 5.643   -6.162  -5.977  1.00 17.45 ? 20  GLY B N   1 
ATOM   476  C CA  . GLY B 1 4  ? 5.659   -4.760  -5.578  1.00 17.56 ? 20  GLY B CA  1 
ATOM   477  C C   . GLY B 1 4  ? 7.069   -4.230  -5.378  1.00 17.86 ? 20  GLY B C   1 
ATOM   478  O O   . GLY B 1 4  ? 7.951   -4.945  -4.902  1.00 18.25 ? 20  GLY B O   1 
ATOM   479  N N   . SER B 1 5  ? 7.291   -2.974  -5.749  1.00 17.76 ? 21  SER B N   1 
ATOM   480  C CA  . SER B 1 5  ? 8.573   -2.334  -5.510  1.00 17.90 ? 21  SER B CA  1 
ATOM   481  C C   . SER B 1 5  ? 8.613   -1.843  -4.068  1.00 17.75 ? 21  SER B C   1 
ATOM   482  O O   . SER B 1 5  ? 7.565   -1.500  -3.507  1.00 17.15 ? 21  SER B O   1 
ATOM   483  C CB  . SER B 1 5  ? 8.790   -1.164  -6.472  1.00 18.15 ? 21  SER B CB  1 
ATOM   484  O OG  . SER B 1 5  ? 7.875   -0.121  -6.191  1.00 18.49 ? 21  SER B OG  1 
ATOM   485  N N   . PRO B 1 6  ? 9.819   -1.799  -3.462  1.00 17.82 ? 22  PRO B N   1 
ATOM   486  C CA  . PRO B 1 6  ? 9.956   -1.282  -2.098  1.00 17.91 ? 22  PRO B CA  1 
ATOM   487  C C   . PRO B 1 6  ? 9.414   0.138   -1.934  1.00 17.85 ? 22  PRO B C   1 
ATOM   488  O O   . PRO B 1 6  ? 8.970   0.494   -0.843  1.00 17.68 ? 22  PRO B O   1 
ATOM   489  C CB  . PRO B 1 6  ? 11.473  -1.319  -1.842  1.00 18.29 ? 22  PRO B CB  1 
ATOM   490  C CG  . PRO B 1 6  ? 12.103  -1.508  -3.169  1.00 18.15 ? 22  PRO B CG  1 
ATOM   491  C CD  . PRO B 1 6  ? 11.113  -2.237  -4.014  1.00 17.90 ? 22  PRO B CD  1 
ATOM   492  N N   . GLU B 1 7  ? 9.419   0.929   -3.010  1.00 17.27 ? 23  GLU B N   1 
ATOM   493  C CA  . GLU B 1 7  ? 8.866   2.290   -2.963  1.00 17.25 ? 23  GLU B CA  1 
ATOM   494  C C   . GLU B 1 7  ? 7.413   2.314   -2.523  1.00 16.45 ? 23  GLU B C   1 
ATOM   495  O O   . GLU B 1 7  ? 6.976   3.260   -1.866  1.00 16.41 ? 23  GLU B O   1 
ATOM   496  C CB  . GLU B 1 7  ? 8.996   2.993   -4.318  1.00 17.66 ? 23  GLU B CB  1 
ATOM   497  C CG  . GLU B 1 7  ? 10.361  3.620   -4.575  1.00 20.13 ? 23  GLU B CG  1 
ATOM   498  C CD  . GLU B 1 7  ? 11.421  2.610   -4.987  1.00 23.60 ? 23  GLU B CD  1 
ATOM   499  O OE1 . GLU B 1 7  ? 11.078  1.463   -5.354  1.00 25.10 ? 23  GLU B OE1 1 
ATOM   500  O OE2 . GLU B 1 7  ? 12.614  2.976   -4.948  1.00 26.42 ? 23  GLU B OE2 1 
ATOM   501  N N   . PHE B 1 8  ? 6.669   1.274   -2.894  1.00 15.38 ? 24  PHE B N   1 
ATOM   502  C CA  . PHE B 1 8  ? 5.248   1.182   -2.562  1.00 15.21 ? 24  PHE B CA  1 
ATOM   503  C C   . PHE B 1 8  ? 4.975   0.320   -1.333  1.00 15.39 ? 24  PHE B C   1 
ATOM   504  O O   . PHE B 1 8  ? 4.023   0.577   -0.591  1.00 15.12 ? 24  PHE B O   1 
ATOM   505  C CB  . PHE B 1 8  ? 4.459   0.631   -3.750  1.00 14.64 ? 24  PHE B CB  1 
ATOM   506  C CG  . PHE B 1 8  ? 4.227   1.632   -4.845  1.00 13.59 ? 24  PHE B CG  1 
ATOM   507  C CD1 . PHE B 1 8  ? 2.981   2.230   -5.001  1.00 12.61 ? 24  PHE B CD1 1 
ATOM   508  C CD2 . PHE B 1 8  ? 5.251   1.966   -5.729  1.00 12.63 ? 24  PHE B CD2 1 
ATOM   509  C CE1 . PHE B 1 8  ? 2.761   3.157   -6.024  1.00 12.60 ? 24  PHE B CE1 1 
ATOM   510  C CE2 . PHE B 1 8  ? 5.039   2.885   -6.748  1.00 11.87 ? 24  PHE B CE2 1 
ATOM   511  C CZ  . PHE B 1 8  ? 3.797   3.483   -6.892  1.00 12.08 ? 24  PHE B CZ  1 
ATOM   512  N N   . ARG B 1 9  ? 5.788   -0.715  -1.132  1.00 15.71 ? 25  ARG B N   1 
ATOM   513  C CA  . ARG B 1 9  ? 5.527   -1.657  -0.046  1.00 16.21 ? 25  ARG B CA  1 
ATOM   514  C C   . ARG B 1 9  ? 5.967   -1.109  1.312   1.00 16.42 ? 25  ARG B C   1 
ATOM   515  O O   . ARG B 1 9  ? 5.307   -1.359  2.314   1.00 16.56 ? 25  ARG B O   1 
ATOM   516  C CB  . ARG B 1 9  ? 6.127   -3.049  -0.317  1.00 16.38 ? 25  ARG B CB  1 
ATOM   517  C CG  . ARG B 1 9  ? 5.635   -3.736  -1.601  1.00 17.08 ? 25  ARG B CG  1 
ATOM   518  C CD  . ARG B 1 9  ? 4.124   -3.573  -1.850  1.00 18.35 ? 25  ARG B CD  1 
ATOM   519  N NE  . ARG B 1 9  ? 3.284   -4.420  -0.993  1.00 19.17 ? 25  ARG B NE  1 
ATOM   520  C CZ  . ARG B 1 9  ? 1.960   -4.306  -0.887  1.00 19.38 ? 25  ARG B CZ  1 
ATOM   521  N NH1 . ARG B 1 9  ? 1.280   -5.124  -0.089  1.00 20.38 ? 25  ARG B NH1 1 
ATOM   522  N NH2 . ARG B 1 9  ? 1.308   -3.375  -1.576  1.00 19.06 ? 25  ARG B NH2 1 
ATOM   523  N N   . GLU B 1 10 ? 7.059   -0.347  1.339   1.00 16.59 ? 26  GLU B N   1 
ATOM   524  C CA  . GLU B 1 10 ? 7.553   0.217   2.602   1.00 17.41 ? 26  GLU B CA  1 
ATOM   525  C C   . GLU B 1 10 ? 6.565   1.194   3.265   1.00 16.89 ? 26  GLU B C   1 
ATOM   526  O O   . GLU B 1 10 ? 6.306   1.063   4.460   1.00 16.45 ? 26  GLU B O   1 
ATOM   527  C CB  . GLU B 1 10 ? 8.960   0.816   2.448   1.00 17.53 ? 26  GLU B CB  1 
ATOM   528  C CG  . GLU B 1 10 ? 10.046  -0.247  2.270   1.00 18.91 ? 26  GLU B CG  1 
ATOM   529  C CD  . GLU B 1 10 ? 11.434  0.322   1.992   1.00 19.64 ? 26  GLU B CD  1 
ATOM   530  O OE1 . GLU B 1 10 ? 11.586  1.563   1.883   1.00 24.35 ? 26  GLU B OE1 1 
ATOM   531  O OE2 . GLU B 1 10 ? 12.378  -0.487  1.871   1.00 22.53 ? 26  GLU B OE2 1 
ATOM   532  N N   . PRO B 1 11 ? 5.993   2.156   2.496   1.00 16.66 ? 27  PRO B N   1 
ATOM   533  C CA  . PRO B 1 11 ? 4.945   3.010   3.070   1.00 16.50 ? 27  PRO B CA  1 
ATOM   534  C C   . PRO B 1 11 ? 3.729   2.227   3.580   1.00 16.23 ? 27  PRO B C   1 
ATOM   535  O O   . PRO B 1 11 ? 3.142   2.609   4.589   1.00 16.01 ? 27  PRO B O   1 
ATOM   536  C CB  . PRO B 1 11 ? 4.553   3.929   1.906   1.00 16.65 ? 27  PRO B CB  1 
ATOM   537  C CG  . PRO B 1 11 ? 5.743   3.933   1.017   1.00 16.59 ? 27  PRO B CG  1 
ATOM   538  C CD  . PRO B 1 11 ? 6.284   2.539   1.103   1.00 16.71 ? 27  PRO B CD  1 
ATOM   539  N N   . LEU B 1 12 ? 3.365   1.145   2.894   1.00 16.42 ? 28  LEU B N   1 
ATOM   540  C CA  . LEU B 1 12 ? 2.285   0.273   3.365   1.00 16.55 ? 28  LEU B CA  1 
ATOM   541  C C   . LEU B 1 12 ? 2.674   -0.451  4.662   1.00 16.15 ? 28  LEU B C   1 
ATOM   542  O O   . LEU B 1 12 ? 1.906   -0.465  5.623   1.00 16.49 ? 28  LEU B O   1 
ATOM   543  C CB  . LEU B 1 12 ? 1.851   -0.719  2.282   1.00 16.64 ? 28  LEU B CB  1 
ATOM   544  C CG  . LEU B 1 12 ? 0.585   -1.529  2.614   1.00 18.24 ? 28  LEU B CG  1 
ATOM   545  C CD1 . LEU B 1 12 ? -0.652  -0.635  2.836   1.00 20.28 ? 28  LEU B CD1 1 
ATOM   546  C CD2 . LEU B 1 12 ? 0.303   -2.544  1.540   1.00 19.81 ? 28  LEU B CD2 1 
ATOM   547  N N   . ILE B 1 13 ? 3.870   -1.033  4.686   1.00 15.49 ? 29  ILE B N   1 
ATOM   548  C CA  . ILE B 1 13 ? 4.406   -1.631  5.913   1.00 15.12 ? 29  ILE B CA  1 
ATOM   549  C C   . ILE B 1 13 ? 4.439   -0.594  7.039   1.00 14.57 ? 29  ILE B C   1 
ATOM   550  O O   . ILE B 1 13 ? 4.024   -0.879  8.159   1.00 14.36 ? 29  ILE B O   1 
ATOM   551  C CB  . ILE B 1 13 ? 5.798   -2.272  5.686   1.00 15.11 ? 29  ILE B CB  1 
ATOM   552  C CG1 . ILE B 1 13 ? 5.656   -3.507  4.784   1.00 15.33 ? 29  ILE B CG1 1 
ATOM   553  C CG2 . ILE B 1 13 ? 6.458   -2.670  7.035   1.00 15.42 ? 29  ILE B CG2 1 
ATOM   554  C CD1 . ILE B 1 13 ? 6.948   -4.014  4.210   1.00 16.32 ? 29  ILE B CD1 1 
ATOM   555  N N   . ALA B 1 14 ? 4.903   0.617   6.729   1.00 14.56 ? 30  ALA B N   1 
ATOM   556  C CA  . ALA B 1 14 ? 4.895   1.711   7.707   1.00 14.36 ? 30  ALA B CA  1 
ATOM   557  C C   . ALA B 1 14 ? 3.486   1.976   8.254   1.00 13.97 ? 30  ALA B C   1 
ATOM   558  O O   . ALA B 1 14 ? 3.310   2.172   9.453   1.00 13.94 ? 30  ALA B O   1 
ATOM   559  C CB  . ALA B 1 14 ? 5.491   2.976   7.102   1.00 14.53 ? 30  ALA B CB  1 
ATOM   560  N N   . THR B 1 15 ? 2.485   1.950   7.378   1.00 13.60 ? 31  THR B N   1 
ATOM   561  C CA  . THR B 1 15 ? 1.091   2.118   7.787   1.00 13.67 ? 31  THR B CA  1 
ATOM   562  C C   . THR B 1 15 ? 0.649   0.967   8.699   1.00 13.13 ? 31  THR B C   1 
ATOM   563  O O   . THR B 1 15 ? -0.013  1.188   9.718   1.00 12.50 ? 31  THR B O   1 
ATOM   564  C CB  . THR B 1 15 ? 0.151   2.219   6.566   1.00 13.71 ? 31  THR B CB  1 
ATOM   565  O OG1 . THR B 1 15 ? 0.631   3.239   5.680   1.00 15.72 ? 31  THR B OG1 1 
ATOM   566  C CG2 . THR B 1 15 ? -1.282  2.550   7.000   1.00 13.79 ? 31  THR B CG2 1 
ATOM   567  N N   . ALA B 1 16 ? 1.037   -0.254  8.336   1.00 12.94 ? 32  ALA B N   1 
ATOM   568  C CA  . ALA B 1 16 ? 0.755   -1.431  9.155   1.00 12.64 ? 32  ALA B CA  1 
ATOM   569  C C   . ALA B 1 16 ? 1.415   -1.352  10.536  1.00 12.80 ? 32  ALA B C   1 
ATOM   570  O O   . ALA B 1 16 ? 0.840   -1.815  11.518  1.00 12.56 ? 32  ALA B O   1 
ATOM   571  C CB  . ALA B 1 16 ? 1.189   -2.690  8.436   1.00 12.90 ? 32  ALA B CB  1 
ATOM   572  N N   . VAL B 1 17 ? 2.614   -0.775  10.607  1.00 12.74 ? 33  VAL B N   1 
ATOM   573  C CA  . VAL B 1 17 ? 3.283   -0.544  11.895  1.00 13.17 ? 33  VAL B CA  1 
ATOM   574  C C   . VAL B 1 17 ? 2.429   0.361   12.799  1.00 13.62 ? 33  VAL B C   1 
ATOM   575  O O   . VAL B 1 17 ? 2.246   0.069   13.983  1.00 13.81 ? 33  VAL B O   1 
ATOM   576  C CB  . VAL B 1 17 ? 4.715   0.029   11.712  1.00 13.30 ? 33  VAL B CB  1 
ATOM   577  C CG1 . VAL B 1 17 ? 5.282   0.548   13.039  1.00 13.66 ? 33  VAL B CG1 1 
ATOM   578  C CG2 . VAL B 1 17 ? 5.651   -1.035  11.128  1.00 12.83 ? 33  VAL B CG2 1 
ATOM   579  N N   . LYS B 1 18 ? 1.889   1.439   12.224  1.00 13.96 ? 34  LYS B N   1 
ATOM   580  C CA  . LYS B 1 18 ? 1.069   2.394   12.978  1.00 14.85 ? 34  LYS B CA  1 
ATOM   581  C C   . LYS B 1 18 ? -0.209  1.719   13.461  1.00 14.76 ? 34  LYS B C   1 
ATOM   582  O O   . LYS B 1 18 ? -0.640  1.920   14.601  1.00 14.89 ? 34  LYS B O   1 
ATOM   583  C CB  . LYS B 1 18 ? 0.754   3.659   12.153  1.00 15.09 ? 34  LYS B CB  1 
ATOM   584  C CG  A LYS B 1 18 ? 1.967   4.552   11.890  0.40 15.68 ? 34  LYS B CG  1 
ATOM   585  C CG  B LYS B 1 18 ? 1.899   4.184   11.268  0.60 15.59 ? 34  LYS B CG  1 
ATOM   586  C CD  A LYS B 1 18 ? 2.849   4.692   13.135  0.40 16.71 ? 34  LYS B CD  1 
ATOM   587  C CD  B LYS B 1 18 ? 3.095   4.696   12.074  0.60 16.29 ? 34  LYS B CD  1 
ATOM   588  C CE  A LYS B 1 18 ? 4.319   4.811   12.762  0.40 16.07 ? 34  LYS B CE  1 
ATOM   589  C CE  B LYS B 1 18 ? 4.340   4.863   11.211  0.60 15.75 ? 34  LYS B CE  1 
ATOM   590  N NZ  A LYS B 1 18 ? 5.201   4.169   13.776  0.40 14.85 ? 34  LYS B NZ  1 
ATOM   591  N NZ  B LYS B 1 18 ? 5.102   3.588   11.009  0.60 11.75 ? 34  LYS B NZ  1 
ATOM   592  N N   . PHE B 1 19 ? -0.790  0.902   12.585  1.00 14.87 ? 35  PHE B N   1 
ATOM   593  C CA  . PHE B 1 19 ? -1.940  0.055   12.919  1.00 14.60 ? 35  PHE B CA  1 
ATOM   594  C C   . PHE B 1 19 ? -1.628  -0.823  14.135  1.00 14.84 ? 35  PHE B C   1 
ATOM   595  O O   . PHE B 1 19 ? -2.355  -0.796  15.131  1.00 14.55 ? 35  PHE B O   1 
ATOM   596  C CB  . PHE B 1 19 ? -2.312  -0.789  11.696  1.00 14.54 ? 35  PHE B CB  1 
ATOM   597  C CG  . PHE B 1 19 ? -3.378  -1.822  11.949  1.00 14.38 ? 35  PHE B CG  1 
ATOM   598  C CD1 . PHE B 1 19 ? -4.726  -1.470  11.936  1.00 14.65 ? 35  PHE B CD1 1 
ATOM   599  C CD2 . PHE B 1 19 ? -3.034  -3.157  12.155  1.00 14.10 ? 35  PHE B CD2 1 
ATOM   600  C CE1 . PHE B 1 19 ? -5.714  -2.429  12.146  1.00 13.51 ? 35  PHE B CE1 1 
ATOM   601  C CE2 . PHE B 1 19 ? -4.014  -4.121  12.374  1.00 14.33 ? 35  PHE B CE2 1 
ATOM   602  C CZ  . PHE B 1 19 ? -5.355  -3.755  12.371  1.00 14.00 ? 35  PHE B CZ  1 
ATOM   603  N N   . LEU B 1 20 ? -0.523  -1.566  14.063  1.00 15.31 ? 36  LEU B N   1 
ATOM   604  C CA  . LEU B 1 20 ? -0.123  -2.488  15.132  1.00 15.56 ? 36  LEU B CA  1 
ATOM   605  C C   . LEU B 1 20 ? 0.270   -1.799  16.441  1.00 16.62 ? 36  LEU B C   1 
ATOM   606  O O   . LEU B 1 20 ? 0.236   -2.420  17.505  1.00 17.11 ? 36  LEU B O   1 
ATOM   607  C CB  . LEU B 1 20 ? 1.020   -3.392  14.657  1.00 15.25 ? 36  LEU B CB  1 
ATOM   608  C CG  . LEU B 1 20 ? 0.693   -4.391  13.542  1.00 13.73 ? 36  LEU B CG  1 
ATOM   609  C CD1 . LEU B 1 20 ? 1.963   -5.114  13.113  1.00 12.78 ? 36  LEU B CD1 1 
ATOM   610  C CD2 . LEU B 1 20 ? -0.383  -5.391  13.991  1.00 13.15 ? 36  LEU B CD2 1 
ATOM   611  N N   . GLN B 1 21 ? 0.642   -0.526  16.360  1.00 17.40 ? 37  GLN B N   1 
ATOM   612  C CA  . GLN B 1 21 ? 0.985   0.260   17.550  1.00 18.21 ? 37  GLN B CA  1 
ATOM   613  C C   . GLN B 1 21 ? -0.229  0.917   18.212  1.00 18.99 ? 37  GLN B C   1 
ATOM   614  O O   . GLN B 1 21 ? -0.127  1.445   19.329  1.00 18.97 ? 37  GLN B O   1 
ATOM   615  C CB  . GLN B 1 21 ? 2.035   1.311   17.203  1.00 18.25 ? 37  GLN B CB  1 
ATOM   616  C CG  . GLN B 1 21 ? 3.427   0.720   16.996  1.00 18.44 ? 37  GLN B CG  1 
ATOM   617  C CD  . GLN B 1 21 ? 4.406   1.697   16.371  1.00 19.53 ? 37  GLN B CD  1 
ATOM   618  O OE1 . GLN B 1 21 ? 4.013   2.717   15.796  1.00 20.43 ? 37  GLN B OE1 1 
ATOM   619  N NE2 . GLN B 1 21 ? 5.692   1.382   16.469  1.00 19.83 ? 37  GLN B NE2 1 
ATOM   620  N N   . ASN B 1 22 ? -1.372  0.877   17.532  1.00 19.47 ? 38  ASN B N   1 
ATOM   621  C CA  . ASN B 1 22 ? -2.586  1.527   18.028  1.00 20.34 ? 38  ASN B CA  1 
ATOM   622  C C   . ASN B 1 22 ? -3.134  0.812   19.261  1.00 20.68 ? 38  ASN B C   1 
ATOM   623  O O   . ASN B 1 22 ? -3.196  -0.417  19.299  1.00 20.56 ? 38  ASN B O   1 
ATOM   624  C CB  . ASN B 1 22 ? -3.644  1.617   16.928  1.00 20.43 ? 38  ASN B CB  1 
ATOM   625  C CG  . ASN B 1 22 ? -4.943  2.211   17.418  1.00 21.17 ? 38  ASN B CG  1 
ATOM   626  O OD1 . ASN B 1 22 ? -5.104  3.430   17.468  1.00 23.11 ? 38  ASN B OD1 1 
ATOM   627  N ND2 . ASN B 1 22 ? -5.880  1.350   17.787  1.00 20.61 ? 38  ASN B ND2 1 
ATOM   628  N N   . SER B 1 23 ? -3.527  1.591   20.266  1.00 21.57 ? 39  SER B N   1 
ATOM   629  C CA  . SER B 1 23 ? -3.959  1.037   21.550  1.00 22.30 ? 39  SER B CA  1 
ATOM   630  C C   . SER B 1 23 ? -5.155  0.090   21.456  1.00 22.63 ? 39  SER B C   1 
ATOM   631  O O   . SER B 1 23 ? -5.152  -0.967  22.095  1.00 23.07 ? 39  SER B O   1 
ATOM   632  C CB  . SER B 1 23 ? -4.249  2.149   22.560  1.00 22.55 ? 39  SER B CB  1 
ATOM   633  O OG  A SER B 1 23 ? -3.091  2.937   22.786  0.50 22.73 ? 39  SER B OG  1 
ATOM   634  O OG  B SER B 1 23 ? -4.619  1.587   23.807  0.50 22.90 ? 39  SER B OG  1 
ATOM   635  N N   . ARG B 1 24 ? -6.168  0.467   20.676  1.00 23.02 ? 40  ARG B N   1 
ATOM   636  C CA  . ARG B 1 24 ? -7.347  -0.385  20.472  1.00 23.48 ? 40  ARG B CA  1 
ATOM   637  C C   . ARG B 1 24 ? -6.967  -1.661  19.739  1.00 23.24 ? 40  ARG B C   1 
ATOM   638  O O   . ARG B 1 24 ? -7.421  -2.746  20.090  1.00 22.94 ? 40  ARG B O   1 
ATOM   639  C CB  . ARG B 1 24 ? -8.437  0.346   19.680  1.00 24.02 ? 40  ARG B CB  1 
ATOM   640  C CG  . ARG B 1 24 ? -9.044  1.555   20.376  1.00 25.55 ? 40  ARG B CG  1 
ATOM   641  C CD  . ARG B 1 24 ? -10.132 1.159   21.358  1.00 27.68 ? 40  ARG B CD  1 
ATOM   642  N NE  . ARG B 1 24 ? -11.406 0.880   20.699  1.00 29.37 ? 40  ARG B NE  1 
ATOM   643  C CZ  . ARG B 1 24 ? -12.470 0.377   21.319  1.00 29.50 ? 40  ARG B CZ  1 
ATOM   644  N NH1 . ARG B 1 24 ? -12.410 0.092   22.614  1.00 29.03 ? 40  ARG B NH1 1 
ATOM   645  N NH2 . ARG B 1 24 ? -13.590 0.150   20.643  1.00 30.32 ? 40  ARG B NH2 1 
ATOM   646  N N   . VAL B 1 25 ? -6.125  -1.518  18.719  1.00 23.11 ? 41  VAL B N   1 
ATOM   647  C CA  . VAL B 1 25 ? -5.694  -2.653  17.907  1.00 23.09 ? 41  VAL B CA  1 
ATOM   648  C C   . VAL B 1 25 ? -4.939  -3.685  18.750  1.00 23.42 ? 41  VAL B C   1 
ATOM   649  O O   . VAL B 1 25 ? -5.167  -4.887  18.608  1.00 23.65 ? 41  VAL B O   1 
ATOM   650  C CB  . VAL B 1 25 ? -4.847  -2.196  16.686  1.00 22.90 ? 41  VAL B CB  1 
ATOM   651  C CG1 . VAL B 1 25 ? -4.258  -3.390  15.949  1.00 22.14 ? 41  VAL B CG1 1 
ATOM   652  C CG2 . VAL B 1 25 ? -5.689  -1.356  15.736  1.00 22.57 ? 41  VAL B CG2 1 
ATOM   653  N N   . ARG B 1 26 ? -4.067  -3.212  19.638  1.00 23.77 ? 42  ARG B N   1 
ATOM   654  C CA  . ARG B 1 26 ? -3.270  -4.097  20.493  1.00 24.26 ? 42  ARG B CA  1 
ATOM   655  C C   . ARG B 1 26 ? -4.107  -4.929  21.461  1.00 24.29 ? 42  ARG B C   1 
ATOM   656  O O   . ARG B 1 26 ? -3.618  -5.911  22.026  1.00 24.33 ? 42  ARG B O   1 
ATOM   657  C CB  . ARG B 1 26 ? -2.205  -3.307  21.261  1.00 24.62 ? 42  ARG B CB  1 
ATOM   658  C CG  . ARG B 1 26 ? -0.986  -2.971  20.419  1.00 26.19 ? 42  ARG B CG  1 
ATOM   659  C CD  . ARG B 1 26 ? 0.137   -2.398  21.257  1.00 29.49 ? 42  ARG B CD  1 
ATOM   660  N NE  . ARG B 1 26 ? 1.391   -2.357  20.507  1.00 32.56 ? 42  ARG B NE  1 
ATOM   661  C CZ  . ARG B 1 26 ? 2.396   -1.516  20.752  1.00 34.31 ? 42  ARG B CZ  1 
ATOM   662  N NH1 . ARG B 1 26 ? 2.303   -0.627  21.734  1.00 35.47 ? 42  ARG B NH1 1 
ATOM   663  N NH2 . ARG B 1 26 ? 3.495   -1.561  20.004  1.00 34.58 ? 42  ARG B NH2 1 
ATOM   664  N N   . GLN B 1 27 ? -5.371  -4.543  21.632  1.00 24.09 ? 43  GLN B N   1 
ATOM   665  C CA  . GLN B 1 27 ? -6.283  -5.258  22.521  1.00 24.17 ? 43  GLN B CA  1 
ATOM   666  C C   . GLN B 1 27 ? -6.830  -6.530  21.876  1.00 23.75 ? 43  GLN B C   1 
ATOM   667  O O   . GLN B 1 27 ? -7.306  -7.434  22.568  1.00 23.97 ? 43  GLN B O   1 
ATOM   668  C CB  . GLN B 1 27 ? -7.440  -4.352  22.946  1.00 24.24 ? 43  GLN B CB  1 
ATOM   669  C CG  . GLN B 1 27 ? -7.025  -3.175  23.815  1.00 24.75 ? 43  GLN B CG  1 
ATOM   670  C CD  . GLN B 1 27 ? -8.193  -2.294  24.202  1.00 25.12 ? 43  GLN B CD  1 
ATOM   671  O OE1 . GLN B 1 27 ? -9.351  -2.725  24.186  1.00 27.19 ? 43  GLN B OE1 1 
ATOM   672  N NE2 . GLN B 1 27 ? -7.899  -1.049  24.557  1.00 26.83 ? 43  GLN B NE2 1 
ATOM   673  N N   . SER B 1 28 ? -6.763  -6.589  20.550  1.00 22.91 ? 44  SER B N   1 
ATOM   674  C CA  . SER B 1 28 ? -7.301  -7.722  19.807  1.00 21.92 ? 44  SER B CA  1 
ATOM   675  C C   . SER B 1 28 ? -6.302  -8.883  19.781  1.00 20.96 ? 44  SER B C   1 
ATOM   676  O O   . SER B 1 28 ? -5.089  -8.651  19.851  1.00 20.93 ? 44  SER B O   1 
ATOM   677  C CB  . SER B 1 28 ? -7.659  -7.286  18.388  1.00 21.97 ? 44  SER B CB  1 
ATOM   678  O OG  A SER B 1 28 ? -8.643  -6.269  18.409  0.50 22.59 ? 44  SER B OG  1 
ATOM   679  O OG  B SER B 1 28 ? -6.518  -6.790  17.711  0.50 22.21 ? 44  SER B OG  1 
ATOM   680  N N   . PRO B 1 29 ? -6.800  -10.137 19.688  1.00 19.93 ? 45  PRO B N   1 
ATOM   681  C CA  . PRO B 1 29 ? -5.904  -11.287 19.590  1.00 19.15 ? 45  PRO B CA  1 
ATOM   682  C C   . PRO B 1 29 ? -4.933  -11.151 18.427  1.00 18.28 ? 45  PRO B C   1 
ATOM   683  O O   . PRO B 1 29 ? -5.278  -10.574 17.390  1.00 17.83 ? 45  PRO B O   1 
ATOM   684  C CB  . PRO B 1 29 ? -6.861  -12.457 19.331  1.00 19.28 ? 45  PRO B CB  1 
ATOM   685  C CG  . PRO B 1 29 ? -8.135  -12.033 19.930  1.00 19.36 ? 45  PRO B CG  1 
ATOM   686  C CD  . PRO B 1 29 ? -8.215  -10.557 19.676  1.00 20.13 ? 45  PRO B CD  1 
ATOM   687  N N   . LEU B 1 30 ? -3.727  -11.679 18.605  1.00 17.25 ? 46  LEU B N   1 
ATOM   688  C CA  . LEU B 1 30 ? -2.713  -11.661 17.558  1.00 16.68 ? 46  LEU B CA  1 
ATOM   689  C C   . LEU B 1 30 ? -3.255  -12.100 16.192  1.00 15.92 ? 46  LEU B C   1 
ATOM   690  O O   . LEU B 1 30 ? -3.076  -11.388 15.198  1.00 15.62 ? 46  LEU B O   1 
ATOM   691  C CB  . LEU B 1 30 ? -1.518  -12.529 17.952  1.00 17.02 ? 46  LEU B CB  1 
ATOM   692  C CG  . LEU B 1 30 ? -0.481  -12.782 16.858  1.00 17.74 ? 46  LEU B CG  1 
ATOM   693  C CD1 . LEU B 1 30 ? 0.324   -11.518 16.568  1.00 18.41 ? 46  LEU B CD1 1 
ATOM   694  C CD2 . LEU B 1 30 ? 0.432   -13.949 17.224  1.00 17.38 ? 46  LEU B CD2 1 
ATOM   695  N N   . ALA B 1 31 ? -3.910  -13.263 16.149  1.00 14.90 ? 47  ALA B N   1 
ATOM   696  C CA  . ALA B 1 31 ? -4.434  -13.821 14.894  1.00 14.53 ? 47  ALA B CA  1 
ATOM   697  C C   . ALA B 1 31 ? -5.366  -12.838 14.189  1.00 14.17 ? 47  ALA B C   1 
ATOM   698  O O   . ALA B 1 31 ? -5.397  -12.772 12.954  1.00 13.89 ? 47  ALA B O   1 
ATOM   699  C CB  . ALA B 1 31 ? -5.159  -15.150 15.145  1.00 14.34 ? 47  ALA B CB  1 
ATOM   700  N N   . THR B 1 32 ? -6.111  -12.082 14.990  1.00 13.71 ? 48  THR B N   1 
ATOM   701  C CA  . THR B 1 32 ? -7.066  -11.082 14.504  1.00 14.27 ? 48  THR B CA  1 
ATOM   702  C C   . THR B 1 32 ? -6.337  -9.906  13.841  1.00 13.13 ? 48  THR B C   1 
ATOM   703  O O   . THR B 1 32 ? -6.740  -9.455  12.770  1.00 12.94 ? 48  THR B O   1 
ATOM   704  C CB  . THR B 1 32 ? -8.005  -10.623 15.662  1.00 14.28 ? 48  THR B CB  1 
ATOM   705  O OG1 . THR B 1 32 ? -8.931  -11.681 15.957  1.00 17.15 ? 48  THR B OG1 1 
ATOM   706  C CG2 . THR B 1 32 ? -8.793  -9.392  15.302  1.00 16.61 ? 48  THR B CG2 1 
ATOM   707  N N   . ARG B 1 33 ? -5.259  -9.435  14.475  1.00 12.19 ? 49  ARG B N   1 
ATOM   708  C CA  . ARG B 1 33 ? -4.399  -8.397  13.898  1.00 11.60 ? 49  ARG B CA  1 
ATOM   709  C C   . ARG B 1 33 ? -3.757  -8.827  12.577  1.00 10.87 ? 49  ARG B C   1 
ATOM   710  O O   . ARG B 1 33 ? -3.773  -8.075  11.598  1.00 10.34 ? 49  ARG B O   1 
ATOM   711  C CB  . ARG B 1 33 ? -3.322  -7.971  14.901  1.00 11.84 ? 49  ARG B CB  1 
ATOM   712  C CG  . ARG B 1 33 ? -3.817  -6.948  15.903  1.00 13.60 ? 49  ARG B CG  1 
ATOM   713  C CD  . ARG B 1 33 ? -2.812  -6.707  17.012  1.00 16.81 ? 49  ARG B CD  1 
ATOM   714  N NE  . ARG B 1 33 ? -2.985  -7.673  18.095  1.00 18.66 ? 49  ARG B NE  1 
ATOM   715  C CZ  . ARG B 1 33 ? -2.043  -7.989  18.977  1.00 20.29 ? 49  ARG B CZ  1 
ATOM   716  N NH1 . ARG B 1 33 ? -0.847  -7.415  18.915  1.00 21.15 ? 49  ARG B NH1 1 
ATOM   717  N NH2 . ARG B 1 33 ? -2.298  -8.885  19.925  1.00 21.60 ? 49  ARG B NH2 1 
ATOM   718  N N   . ARG B 1 34 ? -3.202  -10.034 12.544  1.00 10.29 ? 50  ARG B N   1 
ATOM   719  C CA  . ARG B 1 34 ? -2.607  -10.555 11.311  1.00 9.65  ? 50  ARG B CA  1 
ATOM   720  C C   . ARG B 1 34 ? -3.649  -10.686 10.201  1.00 9.64  ? 50  ARG B C   1 
ATOM   721  O O   . ARG B 1 34 ? -3.411  -10.263 9.067   1.00 9.38  ? 50  ARG B O   1 
ATOM   722  C CB  . ARG B 1 34 ? -1.938  -11.905 11.547  1.00 9.69  ? 50  ARG B CB  1 
ATOM   723  C CG  . ARG B 1 34 ? -0.732  -11.868 12.478  1.00 10.19 ? 50  ARG B CG  1 
ATOM   724  C CD  . ARG B 1 34 ? 0.073   -13.167 12.358  1.00 10.22 ? 50  ARG B CD  1 
ATOM   725  N NE  . ARG B 1 34 ? 0.641   -13.291 11.019  1.00 9.89  ? 50  ARG B NE  1 
ATOM   726  C CZ  . ARG B 1 34 ? 1.880   -12.944 10.679  1.00 10.03 ? 50  ARG B CZ  1 
ATOM   727  N NH1 . ARG B 1 34 ? 2.728   -12.459 11.586  1.00 10.93 ? 50  ARG B NH1 1 
ATOM   728  N NH2 . ARG B 1 34 ? 2.271   -13.077 9.418   1.00 9.92  ? 50  ARG B NH2 1 
ATOM   729  N N   . ALA B 1 35 ? -4.797  -11.277 10.534  1.00 9.36  ? 51  ALA B N   1 
ATOM   730  C CA  . ALA B 1 35 ? -5.869  -11.481 9.559   1.00 9.02  ? 51  ALA B CA  1 
ATOM   731  C C   . ALA B 1 35 ? -6.408  -10.150 9.035   1.00 8.96  ? 51  ALA B C   1 
ATOM   732  O O   . ALA B 1 35 ? -6.743  -10.042 7.852   1.00 8.75  ? 51  ALA B O   1 
ATOM   733  C CB  . ALA B 1 35 ? -6.987  -12.301 10.161  1.00 9.27  ? 51  ALA B CB  1 
ATOM   734  N N   . PHE B 1 36 ? -6.496  -9.147  9.914   1.00 8.57  ? 52  PHE B N   1 
ATOM   735  C CA  . PHE B 1 36 ? -6.955  -7.826  9.493   1.00 9.15  ? 52  PHE B CA  1 
ATOM   736  C C   . PHE B 1 36 ? -6.012  -7.280  8.415   1.00 9.37  ? 52  PHE B C   1 
ATOM   737  O O   . PHE B 1 36 ? -6.456  -6.821  7.360   1.00 8.81  ? 52  PHE B O   1 
ATOM   738  C CB  . PHE B 1 36 ? -7.068  -6.849  10.676  1.00 9.24  ? 52  PHE B CB  1 
ATOM   739  C CG  . PHE B 1 36 ? -7.855  -5.605  10.346  1.00 9.81  ? 52  PHE B CG  1 
ATOM   740  C CD1 . PHE B 1 36 ? -9.209  -5.523  10.652  1.00 11.39 ? 52  PHE B CD1 1 
ATOM   741  C CD2 . PHE B 1 36 ? -7.247  -4.535  9.698   1.00 11.43 ? 52  PHE B CD2 1 
ATOM   742  C CE1 . PHE B 1 36 ? -9.947  -4.373  10.334  1.00 12.27 ? 52  PHE B CE1 1 
ATOM   743  C CE2 . PHE B 1 36 ? -7.970  -3.385  9.376   1.00 11.02 ? 52  PHE B CE2 1 
ATOM   744  C CZ  . PHE B 1 36 ? -9.319  -3.309  9.691   1.00 10.96 ? 52  PHE B CZ  1 
ATOM   745  N N   . LEU B 1 37 ? -4.708  -7.364  8.671   1.00 9.41  ? 53  LEU B N   1 
ATOM   746  C CA  . LEU B 1 37 ? -3.711  -6.934  7.700   1.00 9.50  ? 53  LEU B CA  1 
ATOM   747  C C   . LEU B 1 37 ? -3.752  -7.733  6.390   1.00 9.79  ? 53  LEU B C   1 
ATOM   748  O O   . LEU B 1 37 ? -3.552  -7.166  5.303   1.00 9.48  ? 53  LEU B O   1 
ATOM   749  C CB  . LEU B 1 37 ? -2.308  -6.957  8.324   1.00 9.46  ? 53  LEU B CB  1 
ATOM   750  C CG  . LEU B 1 37 ? -2.062  -5.939  9.447   1.00 9.86  ? 53  LEU B CG  1 
ATOM   751  C CD1 . LEU B 1 37 ? -0.687  -6.140  10.086  1.00 9.88  ? 53  LEU B CD1 1 
ATOM   752  C CD2 . LEU B 1 37 ? -2.200  -4.512  8.915   1.00 10.17 ? 53  LEU B CD2 1 
ATOM   753  N N   . LYS B 1 38 ? -4.012  -9.036  6.486   1.00 10.08 ? 54  LYS B N   1 
ATOM   754  C CA  . LYS B 1 38 ? -4.165  -9.870  5.297   1.00 10.80 ? 54  LYS B CA  1 
ATOM   755  C C   . LYS B 1 38 ? -5.343  -9.411  4.434   1.00 11.01 ? 54  LYS B C   1 
ATOM   756  O O   . LYS B 1 38 ? -5.211  -9.319  3.211   1.00 11.39 ? 54  LYS B O   1 
ATOM   757  C CB  . LYS B 1 38 ? -4.301  -11.357 5.656   1.00 10.88 ? 54  LYS B CB  1 
ATOM   758  C CG  . LYS B 1 38 ? -2.996  -11.969 6.189   1.00 12.89 ? 54  LYS B CG  1 
ATOM   759  C CD  . LYS B 1 38 ? -2.859  -13.471 5.923   1.00 16.59 ? 54  LYS B CD  1 
ATOM   760  C CE  . LYS B 1 38 ? -3.899  -14.293 6.661   1.00 18.90 ? 54  LYS B CE  1 
ATOM   761  N NZ  . LYS B 1 38 ? -3.520  -15.743 6.696   1.00 19.56 ? 54  LYS B NZ  1 
ATOM   762  N N   . LYS B 1 39 ? -6.476  -9.094  5.058   1.00 11.20 ? 55  LYS B N   1 
ATOM   763  C CA  . LYS B 1 39 ? -7.642  -8.664  4.277   1.00 11.83 ? 55  LYS B CA  1 
ATOM   764  C C   . LYS B 1 39 ? -7.440  -7.272  3.677   1.00 12.25 ? 55  LYS B C   1 
ATOM   765  O O   . LYS B 1 39 ? -8.117  -6.900  2.720   1.00 12.30 ? 55  LYS B O   1 
ATOM   766  C CB  . LYS B 1 39 ? -8.969  -8.811  5.048   1.00 11.85 ? 55  LYS B CB  1 
ATOM   767  C CG  . LYS B 1 39 ? -9.196  -7.875  6.211   1.00 11.92 ? 55  LYS B CG  1 
ATOM   768  C CD  . LYS B 1 39 ? -9.898  -6.603  5.774   1.00 12.29 ? 55  LYS B CD  1 
ATOM   769  C CE  . LYS B 1 39 ? -10.429 -5.859  6.977   1.00 13.80 ? 55  LYS B CE  1 
ATOM   770  N NZ  . LYS B 1 39 ? -10.862 -4.495  6.585   1.00 14.06 ? 55  LYS B NZ  1 
ATOM   771  N N   . LYS B 1 40 ? -6.472  -6.535  4.223   1.00 12.24 ? 56  LYS B N   1 
ATOM   772  C CA  . LYS B 1 40 ? -6.023  -5.264  3.642   1.00 12.89 ? 56  LYS B CA  1 
ATOM   773  C C   . LYS B 1 40 ? -5.102  -5.425  2.453   1.00 13.50 ? 56  LYS B C   1 
ATOM   774  O O   . LYS B 1 40 ? -4.756  -4.433  1.794   1.00 14.63 ? 56  LYS B O   1 
ATOM   775  C CB  . LYS B 1 40 ? -5.298  -4.390  4.677   1.00 12.46 ? 56  LYS B CB  1 
ATOM   776  C CG  A LYS B 1 40 ? -6.005  -4.144  6.003   0.60 11.95 ? 56  LYS B CG  1 
ATOM   777  C CG  B LYS B 1 40 ? -6.243  -3.694  5.608   0.40 11.78 ? 56  LYS B CG  1 
ATOM   778  C CD  A LYS B 1 40 ? -7.503  -3.973  5.882   0.60 10.69 ? 56  LYS B CD  1 
ATOM   779  C CD  B LYS B 1 40 ? -7.185  -2.807  4.820   0.40 11.06 ? 56  LYS B CD  1 
ATOM   780  C CE  A LYS B 1 40 ? -7.909  -2.618  5.377   0.60 7.42  ? 56  LYS B CE  1 
ATOM   781  C CE  B LYS B 1 40 ? -8.588  -3.011  5.279   0.40 9.67  ? 56  LYS B CE  1 
ATOM   782  N NZ  A LYS B 1 40 ? -7.477  -2.378  3.970   0.60 4.45  ? 56  LYS B NZ  1 
ATOM   783  N NZ  B LYS B 1 40 ? -8.802  -2.496  6.626   0.40 8.57  ? 56  LYS B NZ  1 
ATOM   784  N N   . GLY B 1 41 ? -4.668  -6.654  2.209   1.00 13.50 ? 57  GLY B N   1 
ATOM   785  C CA  . GLY B 1 41 ? -3.808  -6.956  1.075   1.00 13.56 ? 57  GLY B CA  1 
ATOM   786  C C   . GLY B 1 41 ? -2.326  -7.144  1.359   1.00 13.24 ? 57  GLY B C   1 
ATOM   787  O O   . GLY B 1 41 ? -1.546  -7.296  0.422   1.00 13.67 ? 57  GLY B O   1 
ATOM   788  N N   . LEU B 1 42 ? -1.923  -7.132  2.631   1.00 12.33 ? 58  LEU B N   1 
ATOM   789  C CA  . LEU B 1 42 ? -0.527  -7.429  2.976   1.00 11.61 ? 58  LEU B CA  1 
ATOM   790  C C   . LEU B 1 42 ? -0.281  -8.937  2.958   1.00 11.55 ? 58  LEU B C   1 
ATOM   791  O O   . LEU B 1 42 ? -1.180  -9.723  3.244   1.00 12.15 ? 58  LEU B O   1 
ATOM   792  C CB  . LEU B 1 42 ? -0.137  -6.842  4.345   1.00 11.64 ? 58  LEU B CB  1 
ATOM   793  C CG  . LEU B 1 42 ? 0.177   -5.339  4.443   1.00 11.81 ? 58  LEU B CG  1 
ATOM   794  C CD1 . LEU B 1 42 ? -1.088  -4.468  4.487   1.00 13.73 ? 58  LEU B CD1 1 
ATOM   795  C CD2 . LEU B 1 42 ? 1.048   -5.063  5.646   1.00 12.05 ? 58  LEU B CD2 1 
ATOM   796  N N   . THR B 1 43 ? 0.932   -9.341  2.601   1.00 11.05 ? 59  THR B N   1 
ATOM   797  C CA  . THR B 1 43 ? 1.300   -10.755 2.646   1.00 10.67 ? 59  THR B CA  1 
ATOM   798  C C   . THR B 1 43 ? 1.880   -11.052 4.031   1.00 10.58 ? 59  THR B C   1 
ATOM   799  O O   . THR B 1 43 ? 2.222   -10.129 4.775   1.00 10.15 ? 59  THR B O   1 
ATOM   800  C CB  . THR B 1 43 ? 2.347   -11.087 1.577   1.00 10.74 ? 59  THR B CB  1 
ATOM   801  O OG1 . THR B 1 43 ? 3.515   -10.289 1.807   1.00 10.87 ? 59  THR B OG1 1 
ATOM   802  C CG2 . THR B 1 43 ? 1.802   -10.801 0.168   1.00 10.77 ? 59  THR B CG2 1 
ATOM   803  N N   . ASP B 1 44 ? 1.993   -12.331 4.381   1.00 10.52 ? 60  ASP B N   1 
ATOM   804  C CA  . ASP B 1 44 ? 2.603   -12.707 5.658   1.00 10.67 ? 60  ASP B CA  1 
ATOM   805  C C   . ASP B 1 44 ? 4.025   -12.160 5.806   1.00 10.59 ? 60  ASP B C   1 
ATOM   806  O O   . ASP B 1 44 ? 4.435   -11.781 6.892   1.00 10.08 ? 60  ASP B O   1 
ATOM   807  C CB  . ASP B 1 44 ? 2.607   -14.224 5.830   1.00 10.95 ? 60  ASP B CB  1 
ATOM   808  C CG  . ASP B 1 44 ? 1.332   -14.748 6.468   1.00 11.96 ? 60  ASP B CG  1 
ATOM   809  O OD1 . ASP B 1 44 ? 0.633   -13.985 7.173   1.00 12.32 ? 60  ASP B OD1 1 
ATOM   810  O OD2 . ASP B 1 44 ? 1.048   -15.949 6.286   1.00 12.67 ? 60  ASP B OD2 1 
ATOM   811  N N   . GLU B 1 45 ? 4.765   -12.133 4.702   1.00 10.74 ? 61  GLU B N   1 
ATOM   812  C CA  . GLU B 1 45 ? 6.126   -11.591 4.664   1.00 11.58 ? 61  GLU B CA  1 
ATOM   813  C C   . GLU B 1 45 ? 6.132   -10.122 5.105   1.00 10.73 ? 61  GLU B C   1 
ATOM   814  O O   . GLU B 1 45 ? 6.958   -9.696  5.921   1.00 10.35 ? 61  GLU B O   1 
ATOM   815  C CB  . GLU B 1 45 ? 6.646   -11.706 3.234   1.00 12.33 ? 61  GLU B CB  1 
ATOM   816  C CG  . GLU B 1 45 ? 8.134   -11.866 3.082   1.00 16.86 ? 61  GLU B CG  1 
ATOM   817  C CD  . GLU B 1 45 ? 8.511   -12.122 1.633   1.00 21.11 ? 61  GLU B CD  1 
ATOM   818  O OE1 . GLU B 1 45 ? 8.162   -11.283 0.769   1.00 23.07 ? 61  GLU B OE1 1 
ATOM   819  O OE2 . GLU B 1 45 ? 9.149   -13.160 1.359   1.00 24.46 ? 61  GLU B OE2 1 
ATOM   820  N N   . GLU B 1 46 ? 5.193   -9.357  4.565   1.00 10.25 ? 62  GLU B N   1 
ATOM   821  C CA  . GLU B 1 46 ? 5.058   -7.934  4.889   1.00 10.09 ? 62  GLU B CA  1 
ATOM   822  C C   . GLU B 1 46 ? 4.542   -7.702  6.312   1.00 9.47  ? 62  GLU B C   1 
ATOM   823  O O   . GLU B 1 46 ? 4.975   -6.774  6.997   1.00 9.38  ? 62  GLU B O   1 
ATOM   824  C CB  . GLU B 1 46 ? 4.160   -7.249  3.856   1.00 10.32 ? 62  GLU B CB  1 
ATOM   825  C CG  . GLU B 1 46 ? 4.781   -7.246  2.452   1.00 11.46 ? 62  GLU B CG  1 
ATOM   826  C CD  . GLU B 1 46 ? 3.788   -6.940  1.344   1.00 13.60 ? 62  GLU B CD  1 
ATOM   827  O OE1 . GLU B 1 46 ? 2.564   -6.896  1.605   1.00 12.29 ? 62  GLU B OE1 1 
ATOM   828  O OE2 . GLU B 1 46 ? 4.253   -6.747  0.197   1.00 14.31 ? 62  GLU B OE2 1 
ATOM   829  N N   . ILE B 1 47 ? 3.623   -8.556  6.753   1.00 8.75  ? 63  ILE B N   1 
ATOM   830  C CA  . ILE B 1 47 ? 3.111   -8.492  8.117   1.00 8.63  ? 63  ILE B CA  1 
ATOM   831  C C   . ILE B 1 47 ? 4.204   -8.793  9.140   1.00 8.64  ? 63  ILE B C   1 
ATOM   832  O O   . ILE B 1 47 ? 4.311   -8.106  10.154  1.00 8.61  ? 63  ILE B O   1 
ATOM   833  C CB  . ILE B 1 47 ? 1.887   -9.424  8.298   1.00 8.71  ? 63  ILE B CB  1 
ATOM   834  C CG1 . ILE B 1 47 ? 0.734   -8.924  7.419   1.00 8.52  ? 63  ILE B CG1 1 
ATOM   835  C CG2 . ILE B 1 47 ? 1.457   -9.469  9.754   1.00 8.31  ? 63  ILE B CG2 1 
ATOM   836  C CD1 . ILE B 1 47 ? -0.320  -9.977  7.117   1.00 8.85  ? 63  ILE B CD1 1 
ATOM   837  N N   . ASP B 1 48 ? 5.011   -9.817  8.866   1.00 9.17  ? 64  ASP B N   1 
ATOM   838  C CA  . ASP B 1 48 ? 6.146   -10.157 9.725   1.00 9.87  ? 64  ASP B CA  1 
ATOM   839  C C   . ASP B 1 48 ? 7.077   -8.956  9.860   1.00 10.07 ? 64  ASP B C   1 
ATOM   840  O O   . ASP B 1 48 ? 7.479   -8.610  10.968  1.00 10.22 ? 64  ASP B O   1 
ATOM   841  C CB  . ASP B 1 48 ? 6.908   -11.370 9.184   1.00 9.71  ? 64  ASP B CB  1 
ATOM   842  C CG  . ASP B 1 48 ? 6.121   -12.674 9.306   1.00 10.63 ? 64  ASP B CG  1 
ATOM   843  O OD1 . ASP B 1 48 ? 5.129   -12.723 10.059  1.00 13.06 ? 64  ASP B OD1 1 
ATOM   844  O OD2 . ASP B 1 48 ? 6.506   -13.658 8.645   1.00 11.67 ? 64  ASP B OD2 1 
ATOM   845  N N   . LEU B 1 49 ? 7.392   -8.312  8.735   1.00 10.67 ? 65  LEU B N   1 
ATOM   846  C CA  . LEU B 1 49 ? 8.209   -7.092  8.745   1.00 11.86 ? 65  LEU B CA  1 
ATOM   847  C C   . LEU B 1 49 ? 7.586   -5.952  9.560   1.00 11.84 ? 65  LEU B C   1 
ATOM   848  O O   . LEU B 1 49 ? 8.292   -5.230  10.274  1.00 12.32 ? 65  LEU B O   1 
ATOM   849  C CB  . LEU B 1 49 ? 8.498   -6.619  7.311   1.00 12.30 ? 65  LEU B CB  1 
ATOM   850  C CG  . LEU B 1 49 ? 9.521   -7.427  6.516   1.00 14.48 ? 65  LEU B CG  1 
ATOM   851  C CD1 . LEU B 1 49 ? 9.570   -6.965  5.051   1.00 16.49 ? 65  LEU B CD1 1 
ATOM   852  C CD2 . LEU B 1 49 ? 10.907  -7.331  7.162   1.00 17.15 ? 65  LEU B CD2 1 
ATOM   853  N N   . ALA B 1 50 ? 6.271   -5.782  9.443   1.00 11.73 ? 66  ALA B N   1 
ATOM   854  C CA  . ALA B 1 50 ? 5.545   -4.805  10.266  1.00 11.71 ? 66  ALA B CA  1 
ATOM   855  C C   . ALA B 1 50 ? 5.712   -5.091  11.758  1.00 12.05 ? 66  ALA B C   1 
ATOM   856  O O   . ALA B 1 50 ? 6.054   -4.187  12.538  1.00 11.90 ? 66  ALA B O   1 
ATOM   857  C CB  . ALA B 1 50 ? 4.061   -4.767  9.885   1.00 11.37 ? 66  ALA B CB  1 
ATOM   858  N N   . PHE B 1 51 ? 5.489   -6.346  12.158  1.00 12.08 ? 67  PHE B N   1 
ATOM   859  C CA  . PHE B 1 51 ? 5.678   -6.726  13.559  1.00 12.60 ? 67  PHE B CA  1 
ATOM   860  C C   . PHE B 1 51 ? 7.124   -6.492  13.999  1.00 13.22 ? 67  PHE B C   1 
ATOM   861  O O   . PHE B 1 51 ? 7.367   -5.989  15.094  1.00 12.91 ? 67  PHE B O   1 
ATOM   862  C CB  . PHE B 1 51 ? 5.267   -8.179  13.810  1.00 12.26 ? 67  PHE B CB  1 
ATOM   863  C CG  . PHE B 1 51 ? 3.795   -8.361  14.063  1.00 12.12 ? 67  PHE B CG  1 
ATOM   864  C CD1 . PHE B 1 51 ? 3.247   -8.088  15.319  1.00 11.96 ? 67  PHE B CD1 1 
ATOM   865  C CD2 . PHE B 1 51 ? 2.956   -8.817  13.053  1.00 12.02 ? 67  PHE B CD2 1 
ATOM   866  C CE1 . PHE B 1 51 ? 1.881   -8.270  15.559  1.00 12.29 ? 67  PHE B CE1 1 
ATOM   867  C CE2 . PHE B 1 51 ? 1.590   -8.994  13.282  1.00 12.53 ? 67  PHE B CE2 1 
ATOM   868  C CZ  . PHE B 1 51 ? 1.055   -8.720  14.534  1.00 11.86 ? 67  PHE B CZ  1 
ATOM   869  N N   . GLN B 1 52 ? 8.071   -6.830  13.128  1.00 14.39 ? 68  GLN B N   1 
ATOM   870  C CA  . GLN B 1 52 ? 9.496   -6.652  13.425  1.00 15.73 ? 68  GLN B CA  1 
ATOM   871  C C   . GLN B 1 52 ? 9.835   -5.196  13.749  1.00 16.73 ? 68  GLN B C   1 
ATOM   872  O O   . GLN B 1 52 ? 10.647  -4.919  14.637  1.00 16.67 ? 68  GLN B O   1 
ATOM   873  C CB  . GLN B 1 52 ? 10.348  -7.140  12.253  1.00 15.68 ? 68  GLN B CB  1 
ATOM   874  C CG  . GLN B 1 52 ? 11.853  -7.166  12.543  1.00 16.04 ? 68  GLN B CG  1 
ATOM   875  C CD  . GLN B 1 52 ? 12.669  -7.700  11.385  1.00 16.34 ? 68  GLN B CD  1 
ATOM   876  O OE1 . GLN B 1 52 ? 12.195  -8.519  10.592  1.00 17.11 ? 68  GLN B OE1 1 
ATOM   877  N NE2 . GLN B 1 52 ? 13.912  -7.236  11.279  1.00 17.86 ? 68  GLN B NE2 1 
ATOM   878  N N   . GLN B 1 53 ? 9.196   -4.278  13.031  1.00 17.98 ? 69  GLN B N   1 
ATOM   879  C CA  . GLN B 1 53 ? 9.489   -2.849  13.152  1.00 19.72 ? 69  GLN B CA  1 
ATOM   880  C C   . GLN B 1 53 ? 8.597   -2.117  14.160  1.00 20.23 ? 69  GLN B C   1 
ATOM   881  O O   . GLN B 1 53 ? 8.783   -0.919  14.390  1.00 20.69 ? 69  GLN B O   1 
ATOM   882  C CB  . GLN B 1 53 ? 9.406   -2.183  11.774  1.00 19.81 ? 69  GLN B CB  1 
ATOM   883  C CG  . GLN B 1 53 ? 10.543  -2.578  10.829  1.00 22.24 ? 69  GLN B CG  1 
ATOM   884  C CD  . GLN B 1 53 ? 10.202  -2.398  9.359   1.00 25.36 ? 69  GLN B CD  1 
ATOM   885  O OE1 . GLN B 1 53 ? 9.338   -1.603  8.995   1.00 26.93 ? 69  GLN B OE1 1 
ATOM   886  N NE2 . GLN B 1 53 ? 10.885  -3.150  8.503   1.00 27.56 ? 69  GLN B NE2 1 
ATOM   887  N N   . SER B 1 54 ? 7.646   -2.837  14.756  1.00 21.16 ? 70  SER B N   1 
ATOM   888  C CA  . SER B 1 54 ? 6.621   -2.248  15.625  1.00 22.02 ? 70  SER B CA  1 
ATOM   889  C C   . SER B 1 54 ? 7.131   -1.933  17.032  1.00 22.56 ? 70  SER B C   1 
ATOM   890  O O   . SER B 1 54 ? 6.474   -1.220  17.800  1.00 23.00 ? 70  SER B O   1 
ATOM   891  C CB  . SER B 1 54 ? 5.373   -3.140  15.689  1.00 22.00 ? 70  SER B CB  1 
ATOM   892  O OG  . SER B 1 54 ? 5.632   -4.367  16.359  1.00 23.06 ? 70  SER B OG  1 
ATOM   893  O OXT . SER B 1 54 ? 8.208   -2.373  17.434  1.00 22.90 ? 70  SER B OXT 1 
HETATM 894  C C1  . DPW C 2 .  ? 10.161  -7.283  -8.972  1.00 43.82 ? 1   DPW A C1  1 
HETATM 895  C C2  . DPW C 2 .  ? 12.196  -6.229  -8.255  1.00 43.88 ? 1   DPW A C2  1 
HETATM 896  C C3  . DPW C 2 .  ? 10.855  -7.419  -6.686  1.00 44.03 ? 1   DPW A C3  1 
HETATM 897  C C4  . DPW C 2 .  ? 10.010  -5.354  -7.546  1.00 43.83 ? 1   DPW A C4  1 
HETATM 898  C C5  . DPW C 2 .  ? 10.664  -4.036  -7.961  1.00 43.74 ? 1   DPW A C5  1 
HETATM 899  C C10 . DPW C 2 .  ? 10.808  3.273   -9.462  1.00 35.41 ? 1   DPW A C10 1 
HETATM 900  C C11 . DPW C 2 .  ? 10.600  4.780   -9.386  1.00 34.94 ? 1   DPW A C11 1 
HETATM 901  C C6  . DPW C 2 .  ? 11.286  -0.981  -11.514 1.00 40.38 ? 1   DPW A C6  1 
HETATM 902  C C7  . DPW C 2 .  ? 11.790  0.358   -10.977 1.00 39.35 ? 1   DPW A C7  1 
HETATM 903  C C9  . DPW C 2 .  ? 11.335  2.844   -10.823 1.00 36.37 ? 1   DPW A C9  1 
HETATM 904  O O3  . DPW C 2 .  ? 9.079   -3.632  -11.276 1.00 42.33 ? 1   DPW A O3  1 
HETATM 905  P P   . DPW C 2 .  ? 10.238  -3.188  -10.428 1.00 41.55 ? 1   DPW A P   1 
HETATM 906  O O4  . DPW C 2 .  ? 11.591  -3.834  -10.615 1.00 42.66 ? 1   DPW A O4  1 
HETATM 907  O O1  . DPW C 2 .  ? 9.813   -3.351  -8.885  1.00 43.07 ? 1   DPW A O1  1 
HETATM 908  N N   . DPW C 2 .  ? 10.811  -6.553  -7.874  1.00 43.92 ? 1   DPW A N   1 
HETATM 909  O O2  . DPW C 2 .  ? 10.414  -1.587  -10.554 1.00 41.91 ? 1   DPW A O2  1 
HETATM 910  C C8  . DPW C 2 .  ? 10.784  1.480   -11.223 1.00 37.62 ? 1   DPW A C8  1 
HETATM 911  C C12 . DPW C 2 .  ? 9.701   5.112   -8.203  1.00 34.81 ? 1   DPW A C12 1 
HETATM 912  C C13 . DPW C 2 .  ? 9.889   6.542   -7.710  1.00 34.80 ? 1   DPW A C13 1 
HETATM 913  C C14 . DPW C 2 .  ? 8.812   6.877   -6.683  1.00 35.18 ? 1   DPW A C14 1 
HETATM 914  C C15 . DPW C 2 .  ? 9.280   7.946   -5.720  1.00 35.76 ? 1   DPW A C15 1 
HETATM 915  O O   . HOH D 3 .  ? -11.080 -6.522  -0.959  1.00 16.53 ? 2   HOH A O   1 
HETATM 916  O O   . HOH D 3 .  ? -11.803 1.180   -9.627  1.00 11.27 ? 3   HOH A O   1 
HETATM 917  O O   . HOH D 3 .  ? 2.950   10.930  -14.813 1.00 19.56 ? 4   HOH A O   1 
HETATM 918  O O   . HOH D 3 .  ? -11.001 2.057   -5.531  1.00 12.54 ? 5   HOH A O   1 
HETATM 919  O O   . HOH D 3 .  ? -13.993 5.071   -3.421  1.00 11.01 ? 6   HOH A O   1 
HETATM 920  O O   . HOH D 3 .  ? -3.183  5.892   6.224   1.00 18.13 ? 8   HOH A O   1 
HETATM 921  O O   . HOH D 3 .  ? 0.469   5.303   -23.664 1.00 15.73 ? 9   HOH A O   1 
HETATM 922  O O   . HOH D 3 .  ? -9.240  3.905   -2.430  1.00 23.28 ? 13  HOH A O   1 
HETATM 923  O O   . HOH D 3 .  ? -7.445  11.042  -14.042 1.00 18.48 ? 14  HOH A O   1 
HETATM 924  O O   . HOH D 3 .  ? 12.170  13.393  -10.069 1.00 22.38 ? 15  HOH A O   1 
HETATM 925  O O   . HOH D 3 .  ? -8.228  -3.585  -0.092  1.00 21.63 ? 16  HOH A O   1 
HETATM 926  O O   . HOH D 3 .  ? -9.847  8.128   5.503   1.00 36.16 ? 71  HOH A O   1 
HETATM 927  O O   . HOH D 3 .  ? -3.156  16.257  -12.664 1.00 41.43 ? 72  HOH A O   1 
HETATM 928  O O   . HOH D 3 .  ? -7.687  -4.083  -4.134  1.00 37.16 ? 73  HOH A O   1 
HETATM 929  O O   . HOH D 3 .  ? -11.757 2.341   0.947   1.00 31.79 ? 74  HOH A O   1 
HETATM 930  O O   . HOH D 3 .  ? -10.650 -0.107  -0.227  1.00 44.18 ? 75  HOH A O   1 
HETATM 931  O O   . HOH D 3 .  ? -12.510 3.187   -14.902 1.00 35.07 ? 76  HOH A O   1 
HETATM 932  O O   . HOH D 3 .  ? -6.511  -4.090  -6.546  1.00 34.69 ? 77  HOH A O   1 
HETATM 933  O O   . HOH D 3 .  ? -1.859  -3.828  -0.781  1.00 32.53 ? 78  HOH A O   1 
HETATM 934  O O   . HOH D 3 .  ? -14.573 6.514   -9.564  1.00 39.89 ? 79  HOH A O   1 
HETATM 935  O O   . HOH D 3 .  ? 8.452   12.455  -7.531  1.00 27.99 ? 80  HOH A O   1 
HETATM 936  O O   . HOH D 3 .  ? 1.353   12.961  -14.334 1.00 32.31 ? 81  HOH A O   1 
HETATM 937  O O   . HOH D 3 .  ? -10.247 4.999   -4.450  1.00 31.02 ? 82  HOH A O   1 
HETATM 938  O O   . HOH D 3 .  ? -12.063 5.159   -12.150 1.00 30.08 ? 83  HOH A O   1 
HETATM 939  O O   . HOH D 3 .  ? 7.088   9.897   -21.952 1.00 34.24 ? 84  HOH A O   1 
HETATM 940  O O   . HOH D 3 .  ? -2.967  18.454  -8.834  1.00 37.09 ? 85  HOH A O   1 
HETATM 941  O O   . HOH D 3 .  ? -9.949  -1.746  -10.467 1.00 23.34 ? 86  HOH A O   1 
HETATM 942  O O   . HOH D 3 .  ? -3.140  -5.689  -9.442  1.00 46.49 ? 87  HOH A O   1 
HETATM 943  O O   . HOH D 3 .  ? -7.525  -5.725  -14.126 1.00 38.13 ? 88  HOH A O   1 
HETATM 944  O O   . HOH D 3 .  ? 3.635   14.555  -4.202  1.00 39.96 ? 89  HOH A O   1 
HETATM 945  O O   . HOH D 3 .  ? 8.792   15.729  -16.986 1.00 43.78 ? 90  HOH A O   1 
HETATM 946  O O   . HOH D 3 .  ? 13.980  7.243   -21.390 1.00 35.26 ? 91  HOH A O   1 
HETATM 947  O O   . HOH D 3 .  ? -4.623  8.213   -17.168 1.00 30.21 ? 92  HOH A O   1 
HETATM 948  O O   . HOH D 3 .  ? 9.331   2.738   -21.819 1.00 32.46 ? 93  HOH A O   1 
HETATM 949  O O   . HOH D 3 .  ? -11.739 -0.620  8.828   1.00 31.60 ? 94  HOH A O   1 
HETATM 950  O O   . HOH D 3 .  ? 2.342   12.103  -2.460  1.00 27.46 ? 95  HOH A O   1 
HETATM 951  O O   . HOH D 3 .  ? -3.343  -2.153  0.961   1.00 23.88 ? 96  HOH A O   1 
HETATM 952  O O   . HOH D 3 .  ? 10.398  4.989   -22.678 1.00 44.16 ? 97  HOH A O   1 
HETATM 953  O O   . HOH D 3 .  ? 4.148   14.174  -18.165 1.00 45.32 ? 98  HOH A O   1 
HETATM 954  O O   . HOH D 3 .  ? 8.320   9.735   2.363   1.00 35.48 ? 99  HOH A O   1 
HETATM 955  O O   . HOH D 3 .  ? -2.467  11.752  -2.005  1.00 33.60 ? 100 HOH A O   1 
HETATM 956  O O   . HOH D 3 .  ? -8.582  -2.643  -14.701 0.50 30.03 ? 101 HOH A O   1 
HETATM 957  O O   . HOH D 3 .  ? -9.746  0.074   -3.055  1.00 32.11 ? 102 HOH A O   1 
HETATM 958  O O   . HOH D 3 .  ? -12.209 13.651  -8.393  1.00 33.29 ? 103 HOH A O   1 
HETATM 959  O O   . HOH D 3 .  ? -9.550  3.824   -15.734 1.00 27.81 ? 104 HOH A O   1 
HETATM 960  O O   . HOH D 3 .  ? 10.900  9.700   -22.927 1.00 26.99 ? 105 HOH A O   1 
HETATM 961  O O   . HOH D 3 .  ? 16.701  1.330   -15.918 1.00 19.35 ? 106 HOH A O   1 
HETATM 962  O O   . HOH D 3 .  ? -8.589  0.657   8.965   1.00 27.52 ? 107 HOH A O   1 
HETATM 963  O O   . HOH D 3 .  ? -6.297  0.786   -15.003 1.00 29.24 ? 108 HOH A O   1 
HETATM 964  O O   . HOH D 3 .  ? -4.074  8.675   4.962   1.00 28.73 ? 109 HOH A O   1 
HETATM 965  O O   . HOH D 3 .  ? 2.394   8.130   -23.562 1.00 30.20 ? 110 HOH A O   1 
HETATM 966  O O   . HOH D 3 .  ? 10.277  11.174  -6.357  1.00 36.97 ? 111 HOH A O   1 
HETATM 967  O O   . HOH D 3 .  ? -7.170  8.753   -15.637 1.00 26.83 ? 112 HOH A O   1 
HETATM 968  O O   . HOH D 3 .  ? 1.678   -6.325  -6.252  1.00 23.63 ? 113 HOH A O   1 
HETATM 969  O O   . HOH D 3 .  ? 3.237   -1.004  -21.241 1.00 27.29 ? 114 HOH A O   1 
HETATM 970  O O   . HOH D 3 .  ? 6.906   1.177   -22.350 1.00 28.77 ? 115 HOH A O   1 
HETATM 971  O O   . HOH D 3 .  ? 11.670  13.354  -17.138 1.00 27.54 ? 116 HOH A O   1 
HETATM 972  O O   . HOH D 3 .  ? 2.167   -2.261  -4.037  1.00 23.77 ? 117 HOH A O   1 
HETATM 973  O O   . HOH D 3 .  ? -7.607  12.775  -6.772  1.00 33.12 ? 118 HOH A O   1 
HETATM 974  O O   . HOH D 3 .  ? 5.146   7.485   -0.159  1.00 30.05 ? 119 HOH A O   1 
HETATM 975  O O   . HOH D 3 .  ? -8.642  -6.057  0.368   1.00 30.25 ? 120 HOH A O   1 
HETATM 976  O O   . HOH E 3 .  ? 0.208   -7.993  -1.412  1.00 24.57 ? 7   HOH B O   1 
HETATM 977  O O   . HOH E 3 .  ? 9.458   -10.774 6.250   1.00 20.95 ? 10  HOH B O   1 
HETATM 978  O O   . HOH E 3 .  ? 5.231   -10.766 -0.195  1.00 17.13 ? 11  HOH B O   1 
HETATM 979  O O   . HOH E 3 .  ? 2.773   -9.073  -5.863  1.00 21.16 ? 12  HOH B O   1 
HETATM 980  O O   . HOH E 3 .  ? 2.492   -5.485  -4.055  1.00 24.73 ? 71  HOH B O   1 
HETATM 981  O O   . HOH E 3 .  ? 6.730   -7.432  -0.355  1.00 26.05 ? 72  HOH B O   1 
HETATM 982  O O   . HOH E 3 .  ? 0.300   -5.188  17.565  1.00 20.56 ? 73  HOH B O   1 
HETATM 983  O O   . HOH E 3 .  ? -4.415  -15.138 18.465  1.00 21.31 ? 74  HOH B O   1 
HETATM 984  O O   . HOH E 3 .  ? -4.496  -1.103  24.831  1.00 27.01 ? 75  HOH B O   1 
HETATM 985  O O   . HOH E 3 .  ? 7.037   -4.656  19.592  1.00 48.01 ? 76  HOH B O   1 
HETATM 986  O O   . HOH E 3 .  ? -3.149  -13.025 21.140  1.00 30.50 ? 77  HOH B O   1 
HETATM 987  O O   . HOH E 3 .  ? 3.912   -15.459 10.450  1.00 33.22 ? 78  HOH B O   1 
HETATM 988  O O   . HOH E 3 .  ? -1.121  -14.496 9.183   1.00 17.99 ? 79  HOH B O   1 
HETATM 989  O O   . HOH E 3 .  ? 15.183  -8.292  8.861   1.00 43.53 ? 80  HOH B O   1 
HETATM 990  O O   . HOH E 3 .  ? 7.563   3.541   14.996  1.00 35.20 ? 81  HOH B O   1 
HETATM 991  O O   . HOH E 3 .  ? 2.260   -2.578  23.840  1.00 39.15 ? 82  HOH B O   1 
HETATM 992  O O   . HOH E 3 .  ? 8.457   0.689   6.013   1.00 25.11 ? 83  HOH B O   1 
HETATM 993  O O   . HOH E 3 .  ? 2.259   4.659   16.490  1.00 36.85 ? 84  HOH B O   1 
HETATM 994  O O   . HOH E 3 .  ? 8.368   5.481   -1.101  1.00 23.53 ? 85  HOH B O   1 
HETATM 995  O O   . HOH E 3 .  ? 3.320   -5.086  17.931  1.00 38.32 ? 86  HOH B O   1 
HETATM 996  O O   . HOH E 3 .  ? 7.834   -6.659  -2.581  1.00 30.45 ? 87  HOH B O   1 
HETATM 997  O O   . HOH E 3 .  ? -4.564  -15.152 11.559  1.00 23.89 ? 88  HOH B O   1 
HETATM 998  O O   . HOH E 3 .  ? -6.786  -16.257 18.229  1.00 30.17 ? 89  HOH B O   1 
HETATM 999  O O   . HOH E 3 .  ? 9.219   1.572   12.924  1.00 26.61 ? 90  HOH B O   1 
HETATM 1000 O O   . HOH E 3 .  ? 7.790   2.406   10.574  1.00 32.05 ? 91  HOH B O   1 
HETATM 1001 O O   . HOH E 3 .  ? 2.522   2.783   -0.809  1.00 40.25 ? 92  HOH B O   1 
HETATM 1002 O O   . HOH E 3 .  ? 4.968   -15.894 8.284   1.00 33.52 ? 93  HOH B O   1 
HETATM 1003 O O   . HOH E 3 .  ? 14.050  -10.301 7.222   1.00 50.07 ? 94  HOH B O   1 
HETATM 1004 O O   . HOH E 3 .  ? 6.144   5.771   4.781   1.00 30.97 ? 95  HOH B O   1 
HETATM 1005 O O   . HOH E 3 .  ? -2.413  3.053   10.233  0.70 32.43 ? 96  HOH B O   1 
HETATM 1006 O O   . HOH E 3 .  ? -0.469  4.171   16.103  1.00 28.45 ? 97  HOH B O   1 
HETATM 1007 O O   . HOH E 3 .  ? -6.573  -2.369  1.540   1.00 19.77 ? 98  HOH B O   1 
HETATM 1008 O O   . HOH E 3 .  ? 8.029   0.587   8.631   1.00 26.72 ? 99  HOH B O   1 
HETATM 1009 O O   . HOH E 3 .  ? -3.100  4.864   16.194  1.00 47.08 ? 100 HOH B O   1 
HETATM 1010 O O   . HOH E 3 .  ? -3.610  -14.243 9.538   1.00 37.98 ? 101 HOH B O   1 
HETATM 1011 O O   . HOH E 3 .  ? -9.976  -7.285  23.316  1.00 30.29 ? 102 HOH B O   1 
HETATM 1012 O O   . HOH E 3 .  ? 12.634  0.430   -7.293  1.00 37.80 ? 103 HOH B O   1 
HETATM 1013 O O   . HOH E 3 .  ? -3.084  1.302   25.723  1.00 24.50 ? 104 HOH B O   1 
HETATM 1014 O O   . HOH E 3 .  ? 12.015  2.663   -0.678  1.00 43.45 ? 106 HOH B O   1 
HETATM 1015 O O   . HOH E 3 .  ? -2.979  4.337   20.386  1.00 41.52 ? 107 HOH B O   1 
# 
